data_9MQ3
#
_entry.id   9MQ3
#
_cell.length_a   1.00
_cell.length_b   1.00
_cell.length_c   1.00
_cell.angle_alpha   90.00
_cell.angle_beta   90.00
_cell.angle_gamma   90.00
#
_symmetry.space_group_name_H-M   'P 1'
#
loop_
_entity.id
_entity.type
_entity.pdbx_description
1 polymer '6G1 Heavy Chain Fab'
2 polymer '6G1 Light Chain Fab'
3 polymer 'Hemagglutinin HA1'
4 polymer 'Hemagglutinin HA2'
5 non-polymer 2-acetamido-2-deoxy-beta-D-glucopyranose
#
loop_
_entity_poly.entity_id
_entity_poly.type
_entity_poly.pdbx_seq_one_letter_code
_entity_poly.pdbx_strand_id
1 'polypeptide(L)'
;QVQLQESGPGLVKPSETLSLTCTVSGGSISSYYWSWIRQPPGKGLEWIGYIYYSGSTNYNPSLKSRVTISVDTAKNQFSL
NLNSVTAADTAVYYCARDLREWSGALNYYYGMDVWGQGTPVTVSS
;
H
2 'polypeptide(L)'
;DIVMTQSPLSLPVTPGEPASMSCRSSQSLLHSYGSNYLDWYLQKPGQSPQLLIYLGSYRASGVSDRFSGSGSGTNFTLKI
SRVEAEDVGVYYCMQALQTPFTFGPGTKVDIK
;
L
3 'polypeptide(L)'
;MENIVLLLAIVNLVKSDQICIGYHANNSTEQVDTIMEKNVTVTHAQDILEKTHNGKLCDLNGVKPLILKDCSVAGWLLGN
PMCDEFIRVPEWSYIVERDNPANDLCYPGSLNDYEELKHLLSRINHFEKILIIPKSSWPNHETSLGVSAACPYQGAPSFF
RNVVWLIKKDDAYPTIKISYNNTNREDLLILWGIHHSNNAEEQTNLYKNPTTYISVGTSTLNQRLVPKIATRSQVNGQRG
RMDFFWTILKPDDAIHFESNGNFIAPEYAYKIVKKGDSTIMKSGVEYGHCNTKCQTPVGAINSSMPFHNIHPLTIGECPK
YVKSNKLVLATGLRNSPPREKRRKR
;
B,A,C
4 'polypeptide(L)'
;GLFGAIAGFIEGGWQGMVDGWYGYHHSNEQGSGYAADKESTQKAIDGVTNKVNSIIDKMNTQFEAVGREFNNLERRIENL
NKKMEDGFLDVWTYNAELLVLMENERTLDFHDSNVKNLYDKVRLQLRDNAKELGNGCFEFYHKCDNECMESVRNGTYYYP
QYSEEARLKREEISGVGYIPEAPRDGQAYVRKDGEWVLLSTFLGSENLYFQGGSHHHHHH
;
b,a,c
#
loop_
_chem_comp.id
_chem_comp.type
_chem_comp.name
_chem_comp.formula
NAG D-saccharide, beta linking 2-acetamido-2-deoxy-beta-D-glucopyranose 'C8 H15 N O6'
#
# COMPACT_ATOMS: atom_id res chain seq x y z
N GLN A 1 51.97 -17.26 0.10
CA GLN A 1 53.34 -17.24 -0.48
C GLN A 1 53.44 -18.24 -1.62
N VAL A 2 52.94 -17.85 -2.79
CA VAL A 2 52.94 -18.71 -3.97
C VAL A 2 54.19 -18.40 -4.79
N GLN A 3 54.92 -19.46 -5.15
CA GLN A 3 56.13 -19.37 -5.95
C GLN A 3 55.90 -20.05 -7.29
N LEU A 4 56.43 -19.43 -8.34
CA LEU A 4 56.38 -19.94 -9.71
C LEU A 4 57.82 -20.23 -10.11
N GLN A 5 58.15 -21.51 -10.27
CA GLN A 5 59.53 -21.94 -10.50
C GLN A 5 59.71 -22.34 -11.97
N GLU A 6 60.69 -21.70 -12.62
CA GLU A 6 61.03 -22.01 -14.00
C GLU A 6 61.89 -23.27 -14.06
N SER A 7 61.67 -24.07 -15.10
CA SER A 7 62.38 -25.32 -15.32
C SER A 7 62.94 -25.34 -16.73
N GLY A 8 63.57 -26.46 -17.08
CA GLY A 8 64.08 -26.68 -18.42
C GLY A 8 65.47 -26.11 -18.62
N PRO A 9 66.15 -26.49 -19.71
CA PRO A 9 67.50 -25.97 -19.94
C PRO A 9 67.49 -24.48 -20.27
N GLY A 10 68.61 -23.83 -19.96
CA GLY A 10 68.83 -22.45 -20.32
C GLY A 10 69.68 -22.27 -21.56
N LEU A 11 69.82 -23.33 -22.37
CA LEU A 11 70.64 -23.33 -23.57
C LEU A 11 69.82 -23.89 -24.73
N VAL A 12 70.08 -23.37 -25.93
CA VAL A 12 69.44 -23.85 -27.15
C VAL A 12 70.21 -23.29 -28.33
N LYS A 13 70.12 -23.98 -29.47
CA LYS A 13 70.72 -23.57 -30.72
C LYS A 13 69.64 -23.09 -31.69
N PRO A 14 70.02 -22.47 -32.82
CA PRO A 14 69.02 -22.06 -33.80
C PRO A 14 68.28 -23.24 -34.43
N SER A 15 67.07 -22.95 -34.90
CA SER A 15 66.24 -23.90 -35.65
C SER A 15 65.95 -25.16 -34.84
N GLU A 16 65.39 -24.96 -33.65
CA GLU A 16 64.89 -26.04 -32.82
C GLU A 16 63.97 -25.42 -31.77
N THR A 17 63.58 -26.21 -30.78
CA THR A 17 62.64 -25.81 -29.74
C THR A 17 63.38 -25.72 -28.41
N LEU A 18 63.30 -24.55 -27.77
CA LEU A 18 63.84 -24.37 -26.43
C LEU A 18 62.81 -24.83 -25.41
N SER A 19 63.28 -25.55 -24.39
CA SER A 19 62.41 -26.19 -23.42
C SER A 19 62.42 -25.42 -22.10
N LEU A 20 61.23 -25.15 -21.57
CA LEU A 20 61.08 -24.49 -20.28
C LEU A 20 59.66 -24.67 -19.78
N THR A 21 59.54 -25.01 -18.49
CA THR A 21 58.27 -25.33 -17.84
C THR A 21 58.19 -24.57 -16.53
N CYS A 22 56.97 -24.18 -16.15
CA CYS A 22 56.71 -23.37 -14.96
C CYS A 22 55.86 -24.21 -14.00
N THR A 23 56.44 -24.53 -12.84
CA THR A 23 55.74 -25.30 -11.81
C THR A 23 55.23 -24.33 -10.74
N VAL A 24 53.96 -24.48 -10.38
CA VAL A 24 53.30 -23.61 -9.40
C VAL A 24 53.47 -24.29 -8.05
N SER A 25 54.52 -23.91 -7.33
CA SER A 25 54.84 -24.47 -6.03
C SER A 25 54.36 -23.52 -4.94
N GLY A 26 53.58 -24.05 -4.00
CA GLY A 26 53.02 -23.25 -2.93
C GLY A 26 51.60 -22.75 -3.17
N GLY A 27 51.06 -22.94 -4.37
CA GLY A 27 49.70 -22.56 -4.69
C GLY A 27 49.01 -23.60 -5.55
N SER A 28 48.36 -23.15 -6.62
CA SER A 28 47.70 -24.06 -7.55
C SER A 28 47.51 -23.34 -8.88
N ILE A 29 47.17 -24.12 -9.90
CA ILE A 29 47.01 -23.62 -11.26
C ILE A 29 45.52 -23.44 -11.60
N SER A 30 44.66 -23.31 -10.60
CA SER A 30 43.22 -23.27 -10.79
C SER A 30 42.71 -21.84 -10.78
N SER A 31 41.74 -21.54 -11.66
CA SER A 31 40.97 -20.30 -11.61
C SER A 31 41.83 -19.07 -11.85
N TYR A 32 42.91 -19.21 -12.62
CA TYR A 32 43.83 -18.10 -12.87
C TYR A 32 44.34 -18.17 -14.30
N TYR A 33 44.53 -17.00 -14.92
CA TYR A 33 45.25 -16.93 -16.18
C TYR A 33 46.73 -17.10 -15.90
N TRP A 34 47.48 -17.56 -16.91
CA TRP A 34 48.93 -17.76 -16.78
C TRP A 34 49.65 -17.31 -18.05
N SER A 35 50.62 -16.40 -17.89
CA SER A 35 51.25 -15.71 -19.00
C SER A 35 52.77 -15.85 -18.91
N TRP A 36 53.42 -15.68 -20.06
CA TRP A 36 54.88 -15.65 -20.16
C TRP A 36 55.29 -14.32 -20.79
N ILE A 37 56.30 -13.68 -20.20
CA ILE A 37 56.77 -12.36 -20.62
C ILE A 37 58.28 -12.41 -20.70
N ARG A 38 58.85 -11.93 -21.81
CA ARG A 38 60.29 -11.95 -22.05
C ARG A 38 60.92 -10.57 -21.86
N GLN A 39 62.17 -10.58 -21.43
CA GLN A 39 62.97 -9.37 -21.20
C GLN A 39 64.25 -9.55 -22.02
N PRO A 40 64.28 -9.08 -23.26
CA PRO A 40 65.54 -9.11 -24.01
C PRO A 40 66.57 -8.20 -23.37
N PRO A 41 67.86 -8.45 -23.56
CA PRO A 41 68.88 -7.54 -22.99
C PRO A 41 68.75 -6.13 -23.54
N GLY A 42 68.75 -5.15 -22.65
CA GLY A 42 68.68 -3.76 -23.05
C GLY A 42 67.41 -3.40 -23.80
N LYS A 43 66.27 -3.92 -23.35
CA LYS A 43 65.00 -3.65 -24.00
C LYS A 43 63.88 -3.91 -22.99
N GLY A 44 62.74 -3.28 -23.24
CA GLY A 44 61.60 -3.43 -22.35
C GLY A 44 60.97 -4.81 -22.45
N LEU A 45 60.09 -5.07 -21.49
CA LEU A 45 59.36 -6.33 -21.46
C LEU A 45 58.48 -6.47 -22.69
N GLU A 46 58.42 -7.70 -23.22
CA GLU A 46 57.51 -8.05 -24.30
C GLU A 46 56.69 -9.25 -23.87
N TRP A 47 55.37 -9.13 -24.00
CA TRP A 47 54.44 -10.18 -23.60
C TRP A 47 54.31 -11.21 -24.72
N ILE A 48 54.59 -12.48 -24.39
CA ILE A 48 54.53 -13.54 -25.39
C ILE A 48 53.09 -14.00 -25.61
N GLY A 49 52.47 -14.51 -24.56
CA GLY A 49 51.16 -15.11 -24.66
C GLY A 49 50.69 -15.52 -23.28
N TYR A 50 49.43 -15.96 -23.23
CA TYR A 50 48.91 -16.52 -22.00
C TYR A 50 47.92 -17.62 -22.30
N ILE A 51 47.69 -18.44 -21.28
CA ILE A 51 46.80 -19.59 -21.35
C ILE A 51 45.91 -19.58 -20.12
N TYR A 52 44.61 -19.76 -20.34
CA TYR A 52 43.65 -19.91 -19.26
C TYR A 52 43.76 -21.32 -18.68
N TYR A 53 43.32 -21.48 -17.43
CA TYR A 53 43.57 -22.74 -16.74
C TYR A 53 42.82 -23.89 -17.41
N SER A 54 41.67 -23.60 -18.02
CA SER A 54 41.04 -24.59 -18.88
C SER A 54 41.92 -24.89 -20.09
N GLY A 55 42.52 -23.85 -20.67
CA GLY A 55 43.40 -23.98 -21.81
C GLY A 55 43.14 -22.99 -22.94
N SER A 56 42.30 -21.99 -22.71
CA SER A 56 42.04 -20.97 -23.73
C SER A 56 43.29 -20.15 -23.99
N THR A 57 43.70 -20.08 -25.25
CA THR A 57 45.00 -19.57 -25.66
C THR A 57 44.85 -18.21 -26.32
N ASN A 58 45.80 -17.31 -26.02
CA ASN A 58 45.95 -16.07 -26.77
C ASN A 58 47.42 -15.74 -26.90
N TYR A 59 47.81 -15.30 -28.10
CA TYR A 59 49.20 -15.13 -28.49
C TYR A 59 49.50 -13.66 -28.79
N ASN A 60 50.80 -13.35 -28.81
CA ASN A 60 51.28 -12.10 -29.39
C ASN A 60 51.40 -12.29 -30.91
N PRO A 61 50.89 -11.36 -31.74
CA PRO A 61 51.13 -11.51 -33.19
C PRO A 61 52.60 -11.51 -33.58
N SER A 62 53.47 -10.91 -32.78
CA SER A 62 54.90 -10.93 -33.09
C SER A 62 55.46 -12.35 -33.03
N LEU A 63 54.87 -13.23 -32.22
CA LEU A 63 55.27 -14.62 -32.09
C LEU A 63 54.05 -15.53 -32.08
N LYS A 64 53.07 -15.24 -32.93
CA LYS A 64 51.85 -16.03 -32.93
C LYS A 64 52.08 -17.40 -33.57
N SER A 65 52.83 -17.46 -34.66
CA SER A 65 52.87 -18.64 -35.50
C SER A 65 53.82 -19.73 -35.01
N ARG A 66 54.72 -19.44 -34.07
CA ARG A 66 55.82 -20.33 -33.72
C ARG A 66 56.03 -20.42 -32.21
N VAL A 67 54.93 -20.38 -31.45
CA VAL A 67 54.96 -20.56 -30.00
C VAL A 67 54.07 -21.75 -29.66
N THR A 68 54.68 -22.81 -29.13
CA THR A 68 53.90 -23.91 -28.59
C THR A 68 53.18 -23.46 -27.34
N ILE A 69 51.92 -23.88 -27.20
CA ILE A 69 51.07 -23.55 -26.06
C ILE A 69 50.64 -24.85 -25.40
N SER A 70 50.69 -24.88 -24.07
CA SER A 70 50.40 -26.09 -23.34
C SER A 70 50.25 -25.77 -21.86
N VAL A 71 49.31 -26.45 -21.21
CA VAL A 71 49.12 -26.39 -19.76
C VAL A 71 48.94 -27.81 -19.26
N ASP A 72 49.64 -28.15 -18.17
CA ASP A 72 49.60 -29.48 -17.57
C ASP A 72 49.14 -29.29 -16.13
N THR A 73 47.82 -29.37 -15.91
CA THR A 73 47.25 -29.15 -14.59
C THR A 73 47.39 -30.36 -13.67
N ALA A 74 47.89 -31.50 -14.16
CA ALA A 74 48.03 -32.67 -13.31
C ALA A 74 49.05 -32.42 -12.19
N LYS A 75 50.20 -31.87 -12.55
CA LYS A 75 51.25 -31.53 -11.59
C LYS A 75 51.26 -30.05 -11.21
N ASN A 76 50.21 -29.30 -11.56
CA ASN A 76 50.12 -27.86 -11.31
C ASN A 76 51.30 -27.13 -11.95
N GLN A 77 51.33 -27.19 -13.29
CA GLN A 77 52.39 -26.55 -14.04
C GLN A 77 51.87 -26.14 -15.42
N PHE A 78 52.61 -25.24 -16.06
CA PHE A 78 52.35 -24.83 -17.44
C PHE A 78 53.68 -24.58 -18.12
N SER A 79 53.76 -24.94 -19.41
CA SER A 79 55.00 -24.86 -20.17
C SER A 79 54.68 -24.39 -21.58
N LEU A 80 55.43 -23.40 -22.06
CA LEU A 80 55.33 -22.90 -23.44
C LEU A 80 56.74 -22.88 -24.01
N ASN A 81 57.01 -23.81 -24.92
CA ASN A 81 58.34 -24.02 -25.48
C ASN A 81 58.42 -23.35 -26.85
N LEU A 82 59.19 -22.26 -26.93
CA LEU A 82 59.32 -21.52 -28.17
C LEU A 82 60.02 -22.38 -29.22
N ASN A 83 59.41 -22.47 -30.41
CA ASN A 83 59.90 -23.29 -31.51
C ASN A 83 60.31 -22.39 -32.68
N SER A 84 61.08 -22.97 -33.60
CA SER A 84 61.66 -22.24 -34.74
C SER A 84 62.45 -21.03 -34.23
N VAL A 85 63.28 -21.27 -33.22
CA VAL A 85 63.98 -20.19 -32.54
C VAL A 85 65.01 -19.57 -33.47
N THR A 86 65.05 -18.25 -33.51
CA THR A 86 66.07 -17.47 -34.20
C THR A 86 67.05 -16.90 -33.19
N ALA A 87 68.14 -16.32 -33.69
CA ALA A 87 69.16 -15.76 -32.83
C ALA A 87 68.65 -14.56 -32.03
N ALA A 88 67.62 -13.88 -32.50
CA ALA A 88 67.12 -12.68 -31.85
C ALA A 88 66.22 -12.96 -30.66
N ASP A 89 65.82 -14.21 -30.43
CA ASP A 89 64.91 -14.55 -29.34
C ASP A 89 65.62 -14.72 -27.99
N THR A 90 66.88 -14.31 -27.87
CA THR A 90 67.57 -14.36 -26.59
C THR A 90 66.94 -13.37 -25.61
N ALA A 91 66.35 -13.89 -24.55
CA ALA A 91 65.68 -13.04 -23.56
C ALA A 91 65.51 -13.80 -22.27
N VAL A 92 65.33 -13.04 -21.19
CA VAL A 92 64.98 -13.62 -19.89
C VAL A 92 63.47 -13.83 -19.86
N TYR A 93 63.06 -15.09 -19.77
CA TYR A 93 61.66 -15.47 -19.82
C TYR A 93 61.12 -15.60 -18.40
N TYR A 94 60.11 -14.79 -18.07
CA TYR A 94 59.48 -14.79 -16.75
C TYR A 94 58.12 -15.46 -16.81
N CYS A 95 57.85 -16.33 -15.85
CA CYS A 95 56.47 -16.73 -15.59
C CYS A 95 55.68 -15.54 -15.07
N ALA A 96 54.36 -15.67 -15.09
CA ALA A 96 53.51 -14.73 -14.38
C ALA A 96 52.12 -15.33 -14.26
N ARG A 97 51.54 -15.21 -13.07
CA ARG A 97 50.10 -15.34 -12.94
C ARG A 97 49.46 -14.13 -13.61
N ASP A 98 48.23 -14.30 -14.09
CA ASP A 98 47.41 -13.19 -14.58
C ASP A 98 46.04 -13.29 -13.92
N LEU A 99 45.53 -12.16 -13.43
CA LEU A 99 44.24 -12.12 -12.74
C LEU A 99 43.27 -11.32 -13.59
N ARG A 100 43.17 -11.61 -14.89
CA ARG A 100 42.36 -10.75 -15.73
C ARG A 100 40.89 -11.10 -15.69
N GLU A 101 40.56 -12.39 -15.65
CA GLU A 101 39.18 -12.89 -15.80
C GLU A 101 38.48 -12.19 -16.97
N TRP A 102 39.21 -12.09 -18.08
CA TRP A 102 38.85 -11.14 -19.12
C TRP A 102 37.57 -11.56 -19.85
N SER A 103 37.43 -12.86 -20.11
CA SER A 103 36.23 -13.40 -20.72
C SER A 103 35.18 -13.68 -19.65
N GLY A 104 33.99 -14.09 -20.11
CA GLY A 104 32.94 -14.50 -19.21
C GLY A 104 32.21 -13.34 -18.55
N ALA A 105 31.49 -13.69 -17.48
CA ALA A 105 30.65 -12.71 -16.79
C ALA A 105 31.47 -11.84 -15.85
N LEU A 106 32.32 -12.46 -15.05
CA LEU A 106 33.23 -11.72 -14.19
C LEU A 106 34.22 -10.91 -15.01
N ASN A 107 34.60 -9.75 -14.47
CA ASN A 107 35.75 -9.02 -14.98
C ASN A 107 36.35 -8.28 -13.79
N TYR A 108 37.53 -8.72 -13.37
CA TYR A 108 38.28 -8.09 -12.29
C TYR A 108 39.75 -8.21 -12.66
N TYR A 109 40.50 -7.11 -12.54
CA TYR A 109 41.89 -7.06 -12.97
C TYR A 109 42.78 -6.45 -11.91
N TYR A 110 43.30 -7.30 -11.01
CA TYR A 110 44.37 -6.88 -10.13
C TYR A 110 45.67 -6.86 -10.92
N GLY A 111 46.01 -7.97 -11.56
CA GLY A 111 47.03 -7.98 -12.58
C GLY A 111 48.43 -8.36 -12.19
N MET A 112 48.83 -9.59 -12.48
CA MET A 112 50.24 -10.02 -12.43
C MET A 112 50.83 -9.86 -11.02
N ASP A 113 50.16 -10.47 -10.05
CA ASP A 113 50.62 -10.42 -8.67
C ASP A 113 51.94 -11.17 -8.50
N VAL A 114 52.01 -12.39 -9.02
CA VAL A 114 53.11 -13.33 -8.77
C VAL A 114 53.88 -13.52 -10.07
N TRP A 115 55.21 -13.47 -9.98
CA TRP A 115 56.09 -13.67 -11.12
C TRP A 115 57.16 -14.70 -10.76
N GLY A 116 57.72 -15.34 -11.78
CA GLY A 116 58.88 -16.18 -11.59
C GLY A 116 60.17 -15.38 -11.54
N GLN A 117 61.19 -15.97 -10.94
CA GLN A 117 62.50 -15.31 -10.86
C GLN A 117 63.13 -15.12 -12.23
N GLY A 118 62.77 -15.94 -13.21
CA GLY A 118 63.23 -15.81 -14.58
C GLY A 118 64.28 -16.84 -14.93
N THR A 119 64.29 -17.25 -16.20
CA THR A 119 65.27 -18.20 -16.75
C THR A 119 66.07 -17.51 -17.86
N PRO A 120 67.39 -17.27 -17.71
CA PRO A 120 68.13 -16.64 -18.82
C PRO A 120 68.39 -17.58 -19.99
N VAL A 121 67.40 -17.67 -20.89
CA VAL A 121 67.60 -18.42 -22.13
C VAL A 121 68.64 -17.71 -22.98
N THR A 122 69.44 -18.50 -23.70
CA THR A 122 70.50 -17.97 -24.56
C THR A 122 70.53 -18.80 -25.85
N VAL A 123 69.95 -18.25 -26.92
CA VAL A 123 69.99 -18.90 -28.23
C VAL A 123 71.36 -18.65 -28.82
N SER A 124 72.10 -19.73 -29.09
CA SER A 124 73.46 -19.61 -29.60
C SER A 124 73.82 -20.87 -30.36
N SER A 125 74.40 -20.71 -31.55
CA SER A 125 74.81 -21.84 -32.37
C SER A 125 75.90 -22.66 -31.68
N ILE B 2 48.29 -1.27 -29.30
CA ILE B 2 48.47 0.00 -28.62
C ILE B 2 49.97 0.25 -28.48
N VAL B 3 50.37 1.49 -28.79
CA VAL B 3 51.76 1.95 -28.69
C VAL B 3 51.82 2.94 -27.54
N MET B 4 52.73 2.67 -26.59
CA MET B 4 52.84 3.44 -25.36
C MET B 4 54.23 4.08 -25.28
N THR B 5 54.32 5.17 -24.54
CA THR B 5 55.57 5.88 -24.34
C THR B 5 55.57 6.58 -22.99
N GLN B 6 56.73 6.56 -22.33
CA GLN B 6 56.94 7.25 -21.06
C GLN B 6 57.78 8.49 -21.32
N SER B 7 57.24 9.66 -20.94
CA SER B 7 57.92 10.91 -21.29
C SER B 7 59.25 11.07 -20.54
N PRO B 8 59.35 10.85 -19.22
CA PRO B 8 60.68 10.60 -18.65
C PRO B 8 61.22 9.23 -19.02
N LEU B 9 62.26 9.20 -19.87
CA LEU B 9 62.98 7.95 -20.10
C LEU B 9 63.90 7.61 -18.93
N SER B 10 64.34 8.62 -18.18
CA SER B 10 65.11 8.40 -16.96
C SER B 10 64.84 9.59 -16.05
N LEU B 11 64.19 9.33 -14.90
CA LEU B 11 63.78 10.36 -13.96
C LEU B 11 64.82 10.46 -12.85
N PRO B 12 65.74 11.45 -12.85
CA PRO B 12 66.71 11.54 -11.75
C PRO B 12 66.07 12.08 -10.47
N VAL B 13 65.88 11.20 -9.49
CA VAL B 13 65.19 11.52 -8.26
C VAL B 13 66.22 11.61 -7.13
N THR B 14 65.80 12.11 -5.98
CA THR B 14 66.57 12.18 -4.75
C THR B 14 65.76 11.57 -3.61
N PRO B 15 66.40 11.00 -2.58
CA PRO B 15 65.63 10.51 -1.43
C PRO B 15 64.94 11.64 -0.68
N GLY B 16 63.80 11.32 -0.08
CA GLY B 16 63.09 12.26 0.76
C GLY B 16 62.60 13.49 0.02
N GLU B 17 61.99 13.28 -1.15
CA GLU B 17 61.44 14.37 -1.95
C GLU B 17 60.35 13.79 -2.84
N PRO B 18 59.21 14.46 -3.01
CA PRO B 18 58.20 13.91 -3.94
C PRO B 18 58.72 13.94 -5.38
N ALA B 19 58.22 12.99 -6.16
CA ALA B 19 58.60 12.87 -7.57
C ALA B 19 57.43 12.26 -8.33
N SER B 20 57.49 12.37 -9.66
CA SER B 20 56.43 11.85 -10.50
C SER B 20 56.97 11.59 -11.89
N MET B 21 56.25 10.75 -12.63
CA MET B 21 56.54 10.44 -14.02
C MET B 21 55.23 10.33 -14.78
N SER B 22 55.32 10.41 -16.10
CA SER B 22 54.15 10.38 -16.98
C SER B 22 54.30 9.27 -18.01
N CYS B 23 53.20 8.57 -18.27
CA CYS B 23 53.12 7.54 -19.28
C CYS B 23 51.92 7.82 -20.18
N ARG B 24 52.15 7.86 -21.48
CA ARG B 24 51.17 8.28 -22.47
C ARG B 24 50.91 7.15 -23.45
N SER B 25 49.63 6.85 -23.68
CA SER B 25 49.21 5.82 -24.62
C SER B 25 48.80 6.46 -25.94
N SER B 26 48.55 5.59 -26.93
CA SER B 26 48.07 5.99 -28.25
C SER B 26 46.67 5.47 -28.52
N GLN B 27 45.86 5.34 -27.47
CA GLN B 27 44.50 4.81 -27.58
C GLN B 27 43.81 5.04 -26.24
N SER B 28 42.50 5.27 -26.31
CA SER B 28 41.71 5.47 -25.08
C SER B 28 41.71 4.18 -24.30
N LEU B 29 42.48 4.15 -23.21
CA LEU B 29 42.65 2.93 -22.42
C LEU B 29 41.50 2.67 -21.46
N LEU B 30 40.50 3.55 -21.39
CA LEU B 30 39.38 3.35 -20.49
C LEU B 30 38.58 2.15 -20.98
N HIS B 31 38.79 1.00 -20.33
CA HIS B 31 38.06 -0.21 -20.63
C HIS B 31 36.62 -0.05 -20.17
N SER B 32 35.73 -0.89 -20.72
CA SER B 32 34.37 -1.01 -20.19
C SER B 32 34.44 -1.31 -18.70
N TYR B 33 33.37 -0.96 -17.97
CA TYR B 33 33.34 -0.94 -16.51
C TYR B 33 34.27 0.13 -15.93
N GLY B 34 34.58 1.17 -16.70
CA GLY B 34 35.17 2.40 -16.17
C GLY B 34 36.59 2.33 -15.69
N SER B 35 37.23 1.15 -15.67
CA SER B 35 38.58 1.01 -15.15
C SER B 35 39.59 1.13 -16.29
N ASN B 36 40.73 1.77 -15.99
CA ASN B 36 41.68 2.12 -17.03
C ASN B 36 42.51 0.95 -17.52
N TYR B 37 42.70 -0.08 -16.69
CA TYR B 37 43.48 -1.27 -17.08
C TYR B 37 44.90 -0.89 -17.49
N LEU B 38 45.56 -0.08 -16.67
CA LEU B 38 46.99 0.19 -16.78
C LEU B 38 47.66 -0.20 -15.47
N ASP B 39 48.66 -1.06 -15.56
CA ASP B 39 49.47 -1.48 -14.43
C ASP B 39 50.79 -0.73 -14.44
N TRP B 40 51.30 -0.41 -13.25
CA TRP B 40 52.65 0.08 -13.06
C TRP B 40 53.47 -1.00 -12.36
N TYR B 41 54.55 -1.44 -12.99
CA TYR B 41 55.44 -2.45 -12.45
C TYR B 41 56.79 -1.82 -12.15
N LEU B 42 57.39 -2.23 -11.04
CA LEU B 42 58.76 -1.88 -10.69
C LEU B 42 59.63 -3.12 -10.90
N GLN B 43 60.85 -2.89 -11.37
CA GLN B 43 61.84 -3.96 -11.57
C GLN B 43 63.18 -3.46 -11.04
N LYS B 44 63.60 -4.00 -9.90
CA LYS B 44 64.89 -3.64 -9.33
C LYS B 44 66.00 -4.27 -10.16
N PRO B 45 67.24 -3.85 -9.96
CA PRO B 45 68.35 -4.52 -10.67
C PRO B 45 68.43 -5.99 -10.29
N GLY B 46 68.30 -6.84 -11.30
CA GLY B 46 68.38 -8.28 -11.08
C GLY B 46 67.27 -8.86 -10.24
N GLN B 47 66.02 -8.44 -10.48
CA GLN B 47 64.88 -8.98 -9.77
C GLN B 47 63.66 -8.90 -10.66
N SER B 48 62.69 -9.79 -10.40
CA SER B 48 61.52 -9.89 -11.24
C SER B 48 60.61 -8.67 -11.07
N PRO B 49 59.70 -8.41 -12.03
CA PRO B 49 58.75 -7.30 -11.87
C PRO B 49 57.86 -7.45 -10.65
N GLN B 50 57.50 -6.31 -10.06
CA GLN B 50 56.58 -6.24 -8.93
C GLN B 50 55.51 -5.21 -9.24
N LEU B 51 54.24 -5.61 -9.09
CA LEU B 51 53.10 -4.75 -9.44
C LEU B 51 52.98 -3.66 -8.39
N LEU B 52 53.43 -2.45 -8.72
CA LEU B 52 53.25 -1.32 -7.81
C LEU B 52 51.81 -0.86 -7.75
N ILE B 53 51.16 -0.71 -8.90
CA ILE B 53 49.82 -0.11 -9.01
C ILE B 53 49.08 -0.90 -10.07
N TYR B 54 47.74 -0.83 -10.02
CA TYR B 54 46.90 -1.50 -10.98
C TYR B 54 45.62 -0.68 -11.18
N LEU B 55 45.10 -0.74 -12.40
CA LEU B 55 43.92 0.04 -12.79
C LEU B 55 44.14 1.52 -12.55
N GLY B 56 45.36 1.99 -12.82
CA GLY B 56 45.68 3.40 -12.77
C GLY B 56 46.19 3.87 -11.42
N SER B 57 45.40 3.65 -10.36
CA SER B 57 45.61 4.30 -9.06
C SER B 57 45.70 3.32 -7.90
N TYR B 58 44.94 2.22 -7.93
CA TYR B 58 44.82 1.36 -6.76
C TYR B 58 46.12 0.59 -6.53
N ARG B 59 46.59 0.60 -5.28
CA ARG B 59 47.86 0.00 -4.93
C ARG B 59 47.74 -1.52 -4.79
N ALA B 60 48.87 -2.19 -4.97
CA ALA B 60 48.98 -3.63 -4.74
C ALA B 60 49.26 -3.92 -3.28
N SER B 61 49.13 -5.19 -2.91
CA SER B 61 49.41 -5.61 -1.54
C SER B 61 50.89 -5.45 -1.22
N GLY B 62 51.16 -4.97 -0.01
CA GLY B 62 52.52 -4.80 0.44
C GLY B 62 53.24 -3.58 -0.09
N VAL B 63 52.54 -2.68 -0.78
CA VAL B 63 53.12 -1.46 -1.32
C VAL B 63 52.75 -0.31 -0.40
N SER B 64 53.72 0.52 -0.05
CA SER B 64 53.50 1.60 0.90
C SER B 64 52.56 2.65 0.32
N ASP B 65 52.17 3.60 1.17
CA ASP B 65 51.33 4.71 0.76
C ASP B 65 52.07 5.72 -0.11
N ARG B 66 53.40 5.60 -0.25
CA ARG B 66 54.17 6.59 -1.00
C ARG B 66 53.77 6.61 -2.47
N PHE B 67 53.45 5.46 -3.05
CA PHE B 67 53.10 5.36 -4.46
C PHE B 67 51.62 5.68 -4.66
N SER B 68 51.33 6.41 -5.74
CA SER B 68 49.95 6.68 -6.13
C SER B 68 49.93 7.15 -7.57
N GLY B 69 48.94 6.67 -8.33
CA GLY B 69 48.81 6.99 -9.75
C GLY B 69 47.48 7.63 -10.07
N SER B 70 47.37 8.27 -11.23
CA SER B 70 46.11 8.88 -11.63
C SER B 70 46.13 9.16 -13.13
N GLY B 71 44.96 9.19 -13.72
CA GLY B 71 44.78 9.43 -15.15
C GLY B 71 43.62 8.58 -15.65
N SER B 72 42.92 9.11 -16.67
CA SER B 72 41.77 8.44 -17.28
C SER B 72 41.88 8.27 -18.78
N GLY B 73 42.39 9.27 -19.50
CA GLY B 73 42.43 9.21 -20.94
C GLY B 73 43.68 8.52 -21.47
N THR B 74 44.34 9.15 -22.44
CA THR B 74 45.63 8.64 -22.90
C THR B 74 46.74 8.96 -21.92
N ASN B 75 46.63 10.07 -21.18
CA ASN B 75 47.66 10.46 -20.23
C ASN B 75 47.49 9.72 -18.92
N PHE B 76 48.62 9.33 -18.33
CA PHE B 76 48.65 8.75 -16.99
C PHE B 76 49.91 9.25 -16.28
N THR B 77 49.86 9.24 -14.95
CA THR B 77 50.94 9.75 -14.13
C THR B 77 51.08 8.87 -12.89
N LEU B 78 52.33 8.57 -12.54
CA LEU B 78 52.69 7.96 -11.26
C LEU B 78 53.31 9.03 -10.37
N LYS B 79 53.11 8.86 -9.06
CA LYS B 79 53.55 9.86 -8.08
C LYS B 79 54.07 9.12 -6.86
N ILE B 80 55.35 9.34 -6.54
CA ILE B 80 55.97 8.86 -5.31
C ILE B 80 55.95 10.04 -4.34
N SER B 81 55.15 9.91 -3.26
CA SER B 81 55.02 11.01 -2.31
C SER B 81 56.35 11.30 -1.63
N ARG B 82 57.09 10.26 -1.26
CA ARG B 82 58.43 10.41 -0.70
C ARG B 82 59.25 9.21 -1.14
N VAL B 83 60.43 9.49 -1.69
CA VAL B 83 61.23 8.49 -2.40
C VAL B 83 62.25 7.91 -1.43
N GLU B 84 62.60 6.64 -1.63
CA GLU B 84 63.60 5.94 -0.84
C GLU B 84 64.55 5.22 -1.79
N ALA B 85 65.62 4.66 -1.23
CA ALA B 85 66.62 3.96 -2.03
C ALA B 85 66.04 2.72 -2.70
N GLU B 86 65.04 2.09 -2.10
CA GLU B 86 64.42 0.91 -2.69
C GLU B 86 63.68 1.22 -3.99
N ASP B 87 63.28 2.48 -4.21
CA ASP B 87 62.54 2.85 -5.40
C ASP B 87 63.38 2.87 -6.66
N VAL B 88 64.71 2.73 -6.55
CA VAL B 88 65.57 2.74 -7.72
C VAL B 88 65.27 1.50 -8.57
N GLY B 89 65.03 1.70 -9.85
CA GLY B 89 64.71 0.61 -10.75
C GLY B 89 63.91 1.13 -11.93
N VAL B 90 63.54 0.18 -12.80
CA VAL B 90 62.84 0.49 -14.03
C VAL B 90 61.34 0.41 -13.76
N TYR B 91 60.62 1.48 -14.13
CA TYR B 91 59.17 1.53 -14.01
C TYR B 91 58.55 1.28 -15.38
N TYR B 92 57.74 0.24 -15.48
CA TYR B 92 57.02 -0.10 -16.71
C TYR B 92 55.55 0.24 -16.53
N CYS B 93 54.97 0.88 -17.54
CA CYS B 93 53.53 1.13 -17.63
C CYS B 93 52.98 0.23 -18.72
N MET B 94 52.19 -0.76 -18.33
CA MET B 94 51.68 -1.79 -19.22
C MET B 94 50.17 -1.64 -19.32
N GLN B 95 49.68 -1.46 -20.54
CA GLN B 95 48.25 -1.45 -20.77
C GLN B 95 47.72 -2.88 -20.82
N ALA B 96 46.48 -3.04 -20.40
CA ALA B 96 45.80 -4.34 -20.39
C ALA B 96 44.38 -4.18 -20.90
N LEU B 97 44.20 -3.40 -21.97
CA LEU B 97 42.88 -3.17 -22.53
C LEU B 97 42.48 -4.29 -23.48
N GLN B 98 43.35 -4.60 -24.44
CA GLN B 98 43.11 -5.56 -25.50
C GLN B 98 44.20 -6.63 -25.45
N THR B 99 43.99 -7.71 -26.19
CA THR B 99 44.89 -8.87 -26.12
C THR B 99 46.36 -8.56 -26.43
N PRO B 100 46.72 -7.74 -27.46
CA PRO B 100 48.18 -7.53 -27.63
C PRO B 100 48.76 -6.58 -26.59
N PHE B 101 49.11 -7.14 -25.42
CA PHE B 101 49.70 -6.33 -24.37
C PHE B 101 51.06 -5.81 -24.79
N THR B 102 51.34 -4.56 -24.41
CA THR B 102 52.62 -3.93 -24.67
C THR B 102 53.05 -3.17 -23.41
N PHE B 103 54.35 -2.92 -23.32
CA PHE B 103 54.96 -2.20 -22.22
C PHE B 103 55.57 -0.91 -22.75
N GLY B 104 55.68 0.08 -21.87
CA GLY B 104 56.35 1.31 -22.23
C GLY B 104 57.84 1.09 -22.37
N PRO B 105 58.57 2.08 -22.87
CA PRO B 105 60.04 1.94 -22.93
C PRO B 105 60.70 1.70 -21.58
N GLY B 106 60.08 2.18 -20.50
CA GLY B 106 60.59 1.98 -19.16
C GLY B 106 61.42 3.14 -18.67
N THR B 107 61.05 3.70 -17.52
CA THR B 107 61.71 4.86 -16.93
C THR B 107 62.60 4.36 -15.81
N LYS B 108 63.91 4.52 -15.98
CA LYS B 108 64.89 4.07 -15.00
C LYS B 108 65.05 5.15 -13.95
N VAL B 109 64.29 5.02 -12.87
CA VAL B 109 64.42 5.94 -11.74
C VAL B 109 65.72 5.63 -11.00
N ASP B 110 66.55 6.65 -10.82
CA ASP B 110 67.85 6.51 -10.19
C ASP B 110 68.14 7.73 -9.33
N ILE B 111 69.06 7.55 -8.38
CA ILE B 111 69.37 8.62 -7.43
C ILE B 111 70.17 9.70 -8.15
N LYS B 112 69.81 10.96 -7.89
CA LYS B 112 70.51 12.10 -8.47
C LYS B 112 71.62 12.56 -7.54
N ILE C 19 -62.68 -3.59 -16.04
CA ILE C 19 -61.43 -2.84 -15.91
C ILE C 19 -60.31 -3.87 -15.97
N CYS C 20 -59.04 -3.44 -15.99
CA CYS C 20 -57.94 -4.40 -16.00
C CYS C 20 -56.66 -3.71 -15.58
N ILE C 21 -56.12 -4.13 -14.43
CA ILE C 21 -54.84 -3.62 -13.93
C ILE C 21 -53.75 -4.17 -14.84
N GLY C 22 -52.56 -3.63 -14.77
CA GLY C 22 -51.49 -4.04 -15.65
C GLY C 22 -50.36 -3.03 -15.60
N TYR C 23 -49.44 -3.17 -16.56
CA TYR C 23 -48.23 -2.35 -16.55
C TYR C 23 -47.69 -2.14 -17.96
N HIS C 24 -46.70 -1.25 -18.03
CA HIS C 24 -46.08 -0.84 -19.28
C HIS C 24 -45.16 -1.90 -19.86
N ALA C 25 -45.37 -2.22 -21.14
CA ALA C 25 -44.50 -3.11 -21.91
C ALA C 25 -44.07 -2.42 -23.20
N ASN C 26 -42.77 -2.49 -23.49
CA ASN C 26 -42.14 -1.91 -24.67
C ASN C 26 -41.45 -3.03 -25.45
N ASN C 27 -40.68 -2.64 -26.48
CA ASN C 27 -39.90 -3.55 -27.30
C ASN C 27 -38.41 -3.40 -27.04
N SER C 28 -38.03 -2.82 -25.90
CA SER C 28 -36.64 -2.64 -25.54
C SER C 28 -35.98 -3.98 -25.22
N THR C 29 -34.65 -3.99 -25.32
CA THR C 29 -33.83 -5.16 -25.02
C THR C 29 -32.79 -4.85 -23.94
N GLU C 30 -32.99 -3.76 -23.19
CA GLU C 30 -32.09 -3.40 -22.10
C GLU C 30 -31.95 -4.53 -21.09
N GLN C 31 -30.70 -4.80 -20.69
CA GLN C 31 -30.36 -5.88 -19.77
C GLN C 31 -29.93 -5.30 -18.43
N VAL C 32 -30.51 -5.84 -17.35
CA VAL C 32 -30.13 -5.49 -15.99
C VAL C 32 -29.99 -6.77 -15.19
N ASP C 33 -29.19 -6.69 -14.12
CA ASP C 33 -28.86 -7.82 -13.27
C ASP C 33 -29.51 -7.64 -11.91
N THR C 34 -30.08 -8.72 -11.38
CA THR C 34 -30.53 -8.82 -10.01
C THR C 34 -29.77 -9.95 -9.33
N ILE C 35 -29.85 -9.99 -8.00
CA ILE C 35 -29.09 -10.99 -7.26
C ILE C 35 -29.60 -12.40 -7.56
N MET C 36 -30.90 -12.56 -7.83
CA MET C 36 -31.49 -13.87 -8.07
C MET C 36 -31.64 -14.23 -9.55
N GLU C 37 -31.41 -13.29 -10.46
CA GLU C 37 -31.47 -13.61 -11.89
C GLU C 37 -30.64 -12.57 -12.63
N LYS C 38 -29.66 -13.01 -13.41
CA LYS C 38 -28.58 -12.16 -13.88
C LYS C 38 -28.81 -11.53 -15.25
N ASN C 39 -29.95 -11.80 -15.91
CA ASN C 39 -30.24 -11.20 -17.22
C ASN C 39 -31.75 -10.99 -17.30
N VAL C 40 -32.18 -9.77 -16.97
CA VAL C 40 -33.59 -9.39 -16.97
C VAL C 40 -33.82 -8.41 -18.10
N THR C 41 -34.83 -8.69 -18.94
CA THR C 41 -35.21 -7.79 -20.02
C THR C 41 -36.11 -6.71 -19.45
N VAL C 42 -35.56 -5.50 -19.29
CA VAL C 42 -36.21 -4.42 -18.55
C VAL C 42 -36.65 -3.35 -19.53
N THR C 43 -37.65 -2.57 -19.11
CA THR C 43 -38.26 -1.53 -19.93
C THR C 43 -37.52 -0.22 -19.70
N HIS C 44 -36.82 0.27 -20.74
CA HIS C 44 -36.12 1.55 -20.81
C HIS C 44 -35.35 1.93 -19.55
N ALA C 45 -34.68 0.97 -18.93
CA ALA C 45 -33.85 1.26 -17.76
C ALA C 45 -32.66 2.11 -18.17
N GLN C 46 -32.51 3.28 -17.55
CA GLN C 46 -31.40 4.16 -17.89
C GLN C 46 -30.08 3.53 -17.47
N ASP C 47 -29.12 3.53 -18.38
CA ASP C 47 -27.76 3.13 -18.07
C ASP C 47 -27.06 4.28 -17.36
N ILE C 48 -26.49 3.99 -16.19
CA ILE C 48 -25.76 4.98 -15.39
C ILE C 48 -24.25 4.75 -15.46
N LEU C 49 -23.77 3.95 -16.42
CA LEU C 49 -22.35 3.71 -16.63
C LEU C 49 -22.02 4.08 -18.07
N GLU C 50 -21.20 5.11 -18.25
CA GLU C 50 -20.79 5.57 -19.58
C GLU C 50 -19.47 4.87 -19.93
N LYS C 51 -19.57 3.87 -20.79
CA LYS C 51 -18.44 3.00 -21.12
C LYS C 51 -17.60 3.50 -22.29
N THR C 52 -17.99 4.60 -22.94
CA THR C 52 -17.33 5.10 -24.15
C THR C 52 -16.69 6.45 -23.88
N HIS C 53 -15.84 6.88 -24.81
CA HIS C 53 -15.05 8.10 -24.67
C HIS C 53 -14.68 8.59 -26.06
N ASN C 54 -14.13 9.80 -26.10
CA ASN C 54 -13.68 10.35 -27.39
C ASN C 54 -12.43 9.65 -27.90
N GLY C 55 -11.50 9.31 -27.00
CA GLY C 55 -10.24 8.68 -27.40
C GLY C 55 -9.07 9.60 -27.60
N LYS C 56 -9.18 10.88 -27.24
CA LYS C 56 -8.12 11.86 -27.47
C LYS C 56 -8.12 12.85 -26.32
N LEU C 57 -7.05 13.65 -26.28
CA LEU C 57 -6.83 14.60 -25.19
C LEU C 57 -7.56 15.90 -25.52
N CYS C 58 -8.54 16.26 -24.69
CA CYS C 58 -9.37 17.44 -24.87
C CYS C 58 -8.98 18.53 -23.87
N ASP C 59 -9.63 19.69 -24.00
CA ASP C 59 -9.35 20.86 -23.18
C ASP C 59 -10.21 20.84 -21.92
N LEU C 60 -9.55 20.74 -20.76
CA LEU C 60 -10.27 20.74 -19.48
C LEU C 60 -10.71 22.17 -19.18
N ASN C 61 -12.02 22.40 -19.25
CA ASN C 61 -12.62 23.70 -18.94
C ASN C 61 -12.04 24.80 -19.83
N GLY C 62 -11.82 24.49 -21.09
CA GLY C 62 -11.27 25.47 -22.01
C GLY C 62 -9.86 25.89 -21.67
N VAL C 63 -9.03 24.95 -21.22
CA VAL C 63 -7.63 25.21 -20.86
C VAL C 63 -6.79 24.11 -21.47
N LYS C 64 -5.68 24.48 -22.09
CA LYS C 64 -4.87 23.52 -22.83
C LYS C 64 -4.12 22.60 -21.87
N PRO C 65 -4.26 21.28 -22.00
CA PRO C 65 -3.39 20.38 -21.22
C PRO C 65 -1.93 20.57 -21.61
N LEU C 66 -1.05 20.42 -20.62
CA LEU C 66 0.39 20.41 -20.88
C LEU C 66 0.75 19.03 -21.38
N ILE C 67 0.97 18.91 -22.68
CA ILE C 67 1.16 17.61 -23.34
C ILE C 67 2.65 17.49 -23.62
N LEU C 68 3.38 16.91 -22.68
CA LEU C 68 4.82 16.76 -22.80
C LEU C 68 5.11 15.65 -23.81
N LYS C 69 5.32 16.01 -25.07
CA LYS C 69 5.47 15.04 -26.14
C LYS C 69 6.87 14.43 -26.07
N ASP C 70 6.93 13.14 -25.73
CA ASP C 70 8.20 12.42 -25.54
C ASP C 70 9.08 13.10 -24.50
N CYS C 71 8.47 13.73 -23.51
CA CYS C 71 9.16 14.53 -22.50
C CYS C 71 8.53 14.28 -21.15
N SER C 72 9.32 14.47 -20.10
CA SER C 72 8.98 14.10 -18.74
C SER C 72 8.90 15.33 -17.84
N VAL C 73 8.38 15.11 -16.63
CA VAL C 73 8.36 16.16 -15.62
C VAL C 73 9.77 16.59 -15.27
N ALA C 74 10.68 15.63 -15.09
CA ALA C 74 12.08 15.97 -14.92
C ALA C 74 12.64 16.63 -16.17
N GLY C 75 12.30 16.10 -17.35
CA GLY C 75 12.76 16.71 -18.59
C GLY C 75 12.14 18.06 -18.86
N TRP C 76 10.94 18.30 -18.33
CA TRP C 76 10.29 19.60 -18.52
C TRP C 76 10.84 20.64 -17.55
N LEU C 77 10.81 20.35 -16.25
CA LEU C 77 11.26 21.32 -15.26
C LEU C 77 12.73 21.65 -15.44
N LEU C 78 13.57 20.63 -15.55
CA LEU C 78 14.97 20.81 -15.94
C LEU C 78 14.99 20.78 -17.46
N GLY C 79 15.21 21.94 -18.07
CA GLY C 79 14.90 22.15 -19.47
C GLY C 79 15.70 21.29 -20.42
N ASN C 80 15.03 20.33 -21.03
CA ASN C 80 15.69 19.35 -21.90
C ASN C 80 15.80 19.91 -23.32
N PRO C 81 16.97 19.85 -23.98
CA PRO C 81 17.04 20.38 -25.35
C PRO C 81 16.10 19.72 -26.34
N MET C 82 15.82 18.42 -26.17
CA MET C 82 14.77 17.79 -26.98
C MET C 82 13.38 18.30 -26.64
N CYS C 83 13.20 19.00 -25.52
CA CYS C 83 11.92 19.56 -25.09
C CYS C 83 12.10 21.08 -25.03
N ASP C 84 11.93 21.73 -26.17
CA ASP C 84 12.01 23.18 -26.30
C ASP C 84 10.66 23.82 -26.60
N GLU C 85 9.59 23.03 -26.76
CA GLU C 85 8.27 23.56 -27.02
C GLU C 85 7.57 24.08 -25.76
N PHE C 86 8.23 24.04 -24.60
CA PHE C 86 7.64 24.45 -23.33
C PHE C 86 8.59 25.36 -22.56
N ILE C 87 9.42 26.12 -23.26
CA ILE C 87 10.29 27.09 -22.59
C ILE C 87 9.44 28.21 -21.99
N ARG C 88 8.35 28.58 -22.67
CA ARG C 88 7.32 29.46 -22.12
C ARG C 88 6.00 28.73 -22.26
N VAL C 89 5.25 28.63 -21.17
CA VAL C 89 4.12 27.72 -21.07
C VAL C 89 2.90 28.53 -20.63
N PRO C 90 1.69 28.37 -21.24
CA PRO C 90 0.52 29.09 -20.75
C PRO C 90 -0.14 28.34 -19.58
N GLU C 91 -1.29 28.82 -19.13
CA GLU C 91 -2.03 28.11 -18.09
C GLU C 91 -2.41 26.72 -18.57
N TRP C 92 -2.39 25.74 -17.66
CA TRP C 92 -2.75 24.37 -17.98
C TRP C 92 -3.62 23.81 -16.86
N SER C 93 -4.07 22.57 -17.05
CA SER C 93 -4.68 21.75 -16.01
C SER C 93 -3.91 20.47 -15.77
N TYR C 94 -3.55 19.75 -16.82
CA TYR C 94 -2.85 18.47 -16.74
C TYR C 94 -1.36 18.65 -16.95
N ILE C 95 -0.61 17.59 -16.62
CA ILE C 95 0.76 17.42 -17.07
C ILE C 95 0.81 16.01 -17.67
N VAL C 96 0.53 15.92 -18.97
CA VAL C 96 0.43 14.63 -19.66
C VAL C 96 1.83 14.22 -20.11
N GLU C 97 2.21 12.99 -19.81
CA GLU C 97 3.55 12.49 -20.01
C GLU C 97 3.46 11.09 -20.62
N ARG C 98 4.52 10.66 -21.28
CA ARG C 98 4.60 9.31 -21.81
C ARG C 98 5.06 8.36 -20.72
N ASP C 99 4.46 7.16 -20.68
CA ASP C 99 4.78 6.21 -19.62
C ASP C 99 6.24 5.77 -19.70
N ASN C 100 6.75 5.57 -20.91
CA ASN C 100 8.16 5.30 -21.16
C ASN C 100 8.79 6.50 -21.85
N PRO C 101 9.11 7.58 -21.13
CA PRO C 101 9.55 8.81 -21.81
C PRO C 101 10.93 8.63 -22.43
N ALA C 102 11.01 8.88 -23.74
CA ALA C 102 12.28 8.70 -24.44
C ALA C 102 13.32 9.70 -23.97
N ASN C 103 12.94 10.98 -23.89
CA ASN C 103 13.85 12.07 -23.52
C ASN C 103 13.54 12.47 -22.09
N ASP C 104 14.20 11.77 -21.14
CA ASP C 104 14.01 11.99 -19.71
C ASP C 104 15.37 11.84 -19.04
N LEU C 105 15.98 12.96 -18.65
CA LEU C 105 17.28 12.98 -18.00
C LEU C 105 18.32 12.25 -18.84
N CYS C 106 18.63 12.86 -20.00
CA CYS C 106 19.52 12.26 -20.97
C CYS C 106 20.86 11.92 -20.34
N TYR C 107 21.48 12.89 -19.69
CA TYR C 107 22.64 12.59 -18.87
C TYR C 107 22.19 11.68 -17.73
N PRO C 108 22.93 10.62 -17.39
CA PRO C 108 22.48 9.74 -16.31
C PRO C 108 22.38 10.48 -14.98
N GLY C 109 21.45 10.04 -14.15
CA GLY C 109 21.26 10.67 -12.87
C GLY C 109 19.95 10.21 -12.23
N SER C 110 19.63 10.85 -11.11
CA SER C 110 18.40 10.54 -10.38
C SER C 110 18.01 11.76 -9.57
N LEU C 111 16.94 12.44 -10.01
CA LEU C 111 16.38 13.54 -9.24
C LEU C 111 15.88 13.03 -7.89
N ASN C 112 16.54 13.44 -6.81
CA ASN C 112 16.14 13.01 -5.48
C ASN C 112 14.77 13.60 -5.15
N ASP C 113 13.94 12.78 -4.52
CA ASP C 113 12.56 13.16 -4.18
C ASP C 113 11.80 13.58 -5.43
N TYR C 114 12.06 12.86 -6.53
CA TYR C 114 11.39 13.16 -7.80
C TYR C 114 9.89 12.89 -7.70
N GLU C 115 9.51 11.82 -7.00
CA GLU C 115 8.09 11.52 -6.83
C GLU C 115 7.41 12.56 -5.95
N GLU C 116 8.11 13.06 -4.93
CA GLU C 116 7.58 14.18 -4.15
C GLU C 116 7.37 15.41 -5.02
N LEU C 117 8.31 15.67 -5.93
CA LEU C 117 8.16 16.81 -6.83
C LEU C 117 6.95 16.62 -7.74
N LYS C 118 6.74 15.40 -8.24
CA LYS C 118 5.54 15.13 -9.03
C LYS C 118 4.27 15.34 -8.20
N HIS C 119 4.31 14.93 -6.93
CA HIS C 119 3.16 15.15 -6.07
C HIS C 119 2.87 16.63 -5.86
N LEU C 120 3.92 17.43 -5.67
CA LEU C 120 3.73 18.88 -5.59
C LEU C 120 3.17 19.43 -6.89
N LEU C 121 3.66 18.94 -8.03
CA LEU C 121 3.15 19.37 -9.32
C LEU C 121 1.74 18.86 -9.60
N SER C 122 1.22 17.94 -8.80
CA SER C 122 -0.17 17.50 -8.95
C SER C 122 -1.18 18.49 -8.37
N ARG C 123 -0.74 19.65 -7.86
CA ARG C 123 -1.64 20.70 -7.41
C ARG C 123 -1.23 22.10 -7.87
N ILE C 124 -0.16 22.25 -8.65
CA ILE C 124 0.29 23.53 -9.16
C ILE C 124 -0.22 23.67 -10.58
N ASN C 125 -1.14 24.62 -10.79
CA ASN C 125 -1.76 24.85 -12.09
C ASN C 125 -0.96 25.79 -12.99
N HIS C 126 0.12 26.40 -12.50
CA HIS C 126 0.89 27.32 -13.33
C HIS C 126 2.28 27.50 -12.74
N PHE C 127 3.26 27.60 -13.63
CA PHE C 127 4.62 27.98 -13.29
C PHE C 127 5.02 29.15 -14.18
N GLU C 128 5.29 30.30 -13.58
CA GLU C 128 5.91 31.42 -14.28
C GLU C 128 7.42 31.24 -14.18
N LYS C 129 8.05 30.94 -15.30
CA LYS C 129 9.50 30.83 -15.33
C LYS C 129 10.10 32.22 -15.13
N ILE C 130 11.01 32.32 -14.16
CA ILE C 130 11.61 33.59 -13.75
C ILE C 130 13.12 33.45 -13.69
N LEU C 131 13.81 34.51 -14.11
CA LEU C 131 15.27 34.58 -14.10
C LEU C 131 15.72 35.07 -12.73
N ILE C 132 15.73 34.15 -11.75
CA ILE C 132 16.22 34.52 -10.43
C ILE C 132 17.72 34.76 -10.47
N ILE C 133 18.45 33.96 -11.25
CA ILE C 133 19.92 33.90 -11.22
C ILE C 133 20.39 34.00 -12.66
N PRO C 134 20.57 35.20 -13.22
CA PRO C 134 21.07 35.28 -14.59
C PRO C 134 22.51 34.80 -14.71
N LYS C 135 22.88 34.44 -15.95
CA LYS C 135 24.22 33.93 -16.20
C LYS C 135 25.31 34.97 -15.96
N SER C 136 24.95 36.26 -15.94
CA SER C 136 25.91 37.30 -15.57
C SER C 136 26.29 37.26 -14.10
N SER C 137 25.57 36.49 -13.27
CA SER C 137 25.89 36.30 -11.86
C SER C 137 26.82 35.11 -11.62
N TRP C 138 27.66 34.77 -12.60
CA TRP C 138 28.67 33.72 -12.48
C TRP C 138 30.00 34.28 -12.98
N PRO C 139 30.60 35.22 -12.25
CA PRO C 139 31.76 35.93 -12.83
C PRO C 139 32.97 35.05 -13.04
N ASN C 140 33.32 34.22 -12.06
CA ASN C 140 34.57 33.47 -12.06
C ASN C 140 34.40 32.03 -12.53
N HIS C 141 33.24 31.66 -13.07
CA HIS C 141 32.94 30.28 -13.45
C HIS C 141 32.37 30.24 -14.86
N GLU C 142 32.76 29.21 -15.62
CA GLU C 142 32.31 29.05 -16.99
C GLU C 142 30.95 28.37 -17.03
N THR C 143 30.05 28.91 -17.84
CA THR C 143 28.72 28.35 -18.06
C THR C 143 28.43 28.06 -19.53
N SER C 144 29.40 28.24 -20.43
CA SER C 144 29.22 27.99 -21.85
C SER C 144 29.74 26.62 -22.28
N LEU C 145 30.87 26.18 -21.74
CA LEU C 145 31.46 24.90 -22.12
C LEU C 145 30.82 23.71 -21.43
N GLY C 146 29.90 23.93 -20.48
CA GLY C 146 29.24 22.83 -19.82
C GLY C 146 28.16 22.23 -20.69
N VAL C 147 28.57 21.48 -21.71
CA VAL C 147 27.66 20.83 -22.66
C VAL C 147 27.96 19.34 -22.67
N SER C 148 26.91 18.53 -22.61
CA SER C 148 27.01 17.08 -22.56
C SER C 148 26.46 16.48 -23.85
N ALA C 149 27.13 15.44 -24.35
CA ALA C 149 26.70 14.78 -25.57
C ALA C 149 25.44 13.95 -25.38
N ALA C 150 25.06 13.66 -24.12
CA ALA C 150 23.85 12.87 -23.88
C ALA C 150 22.61 13.61 -24.36
N CYS C 151 22.54 14.93 -24.10
CA CYS C 151 21.53 15.82 -24.66
C CYS C 151 22.10 16.56 -25.87
N PRO C 152 21.88 16.10 -27.10
CA PRO C 152 22.25 16.93 -28.25
C PRO C 152 21.12 17.88 -28.62
N TYR C 153 21.50 19.10 -29.03
CA TYR C 153 20.57 20.09 -29.57
C TYR C 153 20.74 20.08 -31.08
N GLN C 154 19.82 19.40 -31.77
CA GLN C 154 19.88 19.22 -33.23
C GLN C 154 21.22 18.59 -33.66
N GLY C 155 21.82 17.78 -32.78
CA GLY C 155 23.06 17.09 -33.03
C GLY C 155 24.29 17.70 -32.39
N ALA C 156 24.24 19.06 -32.01
CA ALA C 156 25.38 19.65 -31.32
C ALA C 156 25.28 19.39 -29.81
N PRO C 157 26.39 19.37 -29.06
CA PRO C 157 26.29 19.23 -27.61
C PRO C 157 25.59 20.41 -26.95
N SER C 158 24.68 20.11 -26.01
CA SER C 158 24.04 21.17 -25.24
C SER C 158 23.41 20.60 -23.98
N PHE C 159 23.77 21.17 -22.83
CA PHE C 159 23.25 20.75 -21.53
C PHE C 159 21.88 21.42 -21.33
N PHE C 160 21.21 21.09 -20.24
CA PHE C 160 19.97 21.75 -19.88
C PHE C 160 20.19 23.25 -19.71
N ARG C 161 19.11 24.01 -19.90
CA ARG C 161 19.16 25.47 -19.87
C ARG C 161 18.58 26.06 -18.60
N ASN C 162 17.70 25.33 -17.90
CA ASN C 162 17.16 25.80 -16.63
C ASN C 162 18.14 25.62 -15.47
N VAL C 163 19.24 24.88 -15.68
CA VAL C 163 20.35 24.81 -14.74
C VAL C 163 21.62 24.91 -15.56
N VAL C 164 22.69 25.36 -14.90
CA VAL C 164 24.00 25.52 -15.53
C VAL C 164 24.99 24.57 -14.87
N TRP C 165 25.59 23.70 -15.67
CA TRP C 165 26.62 22.78 -15.21
C TRP C 165 27.96 23.50 -15.26
N LEU C 166 28.26 24.20 -14.17
CA LEU C 166 29.49 24.97 -14.07
C LEU C 166 30.71 24.07 -14.13
N ILE C 167 31.82 24.64 -14.55
CA ILE C 167 33.13 23.99 -14.54
C ILE C 167 34.17 25.03 -14.13
N LYS C 168 35.41 24.59 -14.00
CA LYS C 168 36.47 25.52 -13.63
C LYS C 168 36.71 26.51 -14.75
N LYS C 169 37.25 27.68 -14.38
CA LYS C 169 37.60 28.71 -15.33
C LYS C 169 38.91 29.33 -14.87
N ASP C 170 39.82 29.56 -15.82
CA ASP C 170 41.15 30.08 -15.53
C ASP C 170 41.90 29.16 -14.56
N ASP C 171 41.72 27.85 -14.75
CA ASP C 171 42.37 26.82 -13.92
C ASP C 171 42.01 26.97 -12.45
N ALA C 172 40.74 27.30 -12.19
CA ALA C 172 40.29 27.47 -10.82
C ALA C 172 38.78 27.35 -10.76
N TYR C 173 38.27 26.96 -9.59
CA TYR C 173 36.84 26.88 -9.31
C TYR C 173 36.61 27.55 -7.96
N PRO C 174 36.50 28.88 -7.94
CA PRO C 174 36.27 29.58 -6.67
C PRO C 174 34.95 29.18 -6.03
N THR C 175 34.94 29.22 -4.70
CA THR C 175 33.77 28.78 -3.93
C THR C 175 32.59 29.70 -4.20
N ILE C 176 31.59 29.19 -4.90
CA ILE C 176 30.32 29.90 -5.00
C ILE C 176 29.75 30.04 -3.59
N LYS C 177 29.33 31.26 -3.26
CA LYS C 177 28.58 31.53 -2.01
C LYS C 177 27.56 32.60 -2.37
N ILE C 178 26.36 32.16 -2.76
CA ILE C 178 25.33 33.05 -3.28
C ILE C 178 24.02 32.73 -2.57
N SER C 179 23.33 33.76 -2.12
CA SER C 179 22.03 33.65 -1.46
C SER C 179 21.01 34.43 -2.25
N TYR C 180 19.85 33.82 -2.49
CA TYR C 180 18.72 34.47 -3.17
C TYR C 180 17.58 34.60 -2.18
N ASN C 181 17.25 35.85 -1.84
CA ASN C 181 16.03 36.17 -1.11
C ASN C 181 14.83 36.02 -2.04
N ASN C 182 13.71 35.52 -1.49
CA ASN C 182 12.54 35.27 -2.33
C ASN C 182 11.99 36.58 -2.88
N THR C 183 11.71 37.54 -2.00
CA THR C 183 11.20 38.88 -2.37
C THR C 183 9.97 38.80 -3.26
N ASN C 184 9.12 37.82 -3.01
CA ASN C 184 7.90 37.62 -3.79
C ASN C 184 6.81 37.09 -2.86
N ARG C 185 5.57 37.28 -3.29
CA ARG C 185 4.40 36.75 -2.59
C ARG C 185 4.01 35.35 -3.07
N GLU C 186 4.95 34.60 -3.66
CA GLU C 186 4.67 33.29 -4.24
C GLU C 186 5.78 32.33 -3.84
N ASP C 187 5.54 31.04 -4.08
CA ASP C 187 6.40 29.96 -3.61
C ASP C 187 7.26 29.48 -4.77
N LEU C 188 8.35 30.19 -5.03
CA LEU C 188 9.19 29.82 -6.16
C LEU C 188 9.94 28.52 -5.88
N LEU C 189 10.05 27.71 -6.93
CA LEU C 189 10.71 26.41 -6.88
C LEU C 189 12.11 26.53 -7.47
N ILE C 190 13.09 25.94 -6.78
CA ILE C 190 14.49 26.02 -7.17
C ILE C 190 15.01 24.60 -7.31
N LEU C 191 15.51 24.26 -8.50
CA LEU C 191 16.14 22.98 -8.78
C LEU C 191 17.63 23.19 -9.02
N TRP C 192 18.45 22.40 -8.33
CA TRP C 192 19.90 22.37 -8.57
C TRP C 192 20.31 20.90 -8.58
N GLY C 193 21.60 20.64 -8.53
CA GLY C 193 22.05 19.26 -8.53
C GLY C 193 23.51 19.14 -8.17
N ILE C 194 23.92 17.89 -7.98
CA ILE C 194 25.31 17.51 -7.74
C ILE C 194 25.72 16.55 -8.84
N HIS C 195 26.87 16.82 -9.46
CA HIS C 195 27.42 15.96 -10.50
C HIS C 195 28.27 14.89 -9.84
N HIS C 196 27.69 13.71 -9.65
CA HIS C 196 28.42 12.58 -9.10
C HIS C 196 29.34 12.04 -10.19
N SER C 197 30.60 12.45 -10.15
CA SER C 197 31.51 12.19 -11.26
C SER C 197 31.89 10.72 -11.30
N ASN C 198 32.76 10.37 -12.27
CA ASN C 198 33.16 8.99 -12.51
C ASN C 198 34.46 8.63 -11.79
N ASN C 199 35.43 9.54 -11.76
CA ASN C 199 36.69 9.29 -11.09
C ASN C 199 37.35 10.61 -10.77
N ALA C 200 38.52 10.55 -10.10
CA ALA C 200 39.21 11.77 -9.71
C ALA C 200 39.70 12.56 -10.90
N GLU C 201 40.00 11.89 -12.02
CA GLU C 201 40.48 12.61 -13.20
C GLU C 201 39.38 13.48 -13.79
N GLU C 202 38.13 12.99 -13.82
CA GLU C 202 37.03 13.82 -14.29
C GLU C 202 36.81 15.03 -13.39
N GLN C 203 36.97 14.83 -12.08
CA GLN C 203 36.92 15.96 -11.16
C GLN C 203 37.99 16.98 -11.50
N THR C 204 39.25 16.55 -11.58
CA THR C 204 40.34 17.49 -11.85
C THR C 204 40.21 18.15 -13.21
N ASN C 205 39.58 17.47 -14.17
CA ASN C 205 39.33 18.08 -15.47
C ASN C 205 38.24 19.14 -15.39
N LEU C 206 37.18 18.87 -14.61
CA LEU C 206 36.05 19.79 -14.47
C LEU C 206 36.26 20.76 -13.31
N TYR C 207 36.43 20.22 -12.10
CA TYR C 207 36.44 20.99 -10.86
C TYR C 207 37.82 20.84 -10.22
N LYS C 208 38.58 21.94 -10.16
CA LYS C 208 39.96 21.89 -9.68
C LYS C 208 40.06 21.39 -8.24
N ASN C 209 39.01 21.55 -7.44
CA ASN C 209 39.00 21.05 -6.08
C ASN C 209 38.67 19.56 -6.09
N PRO C 210 39.56 18.66 -5.60
CA PRO C 210 39.19 17.23 -5.61
C PRO C 210 38.12 16.87 -4.59
N THR C 211 38.25 17.34 -3.36
CA THR C 211 37.25 17.13 -2.31
C THR C 211 36.32 18.32 -2.32
N THR C 212 35.06 18.09 -2.68
CA THR C 212 34.08 19.14 -2.91
C THR C 212 32.85 18.89 -2.04
N TYR C 213 32.07 19.95 -1.84
CA TYR C 213 30.86 19.87 -1.04
C TYR C 213 29.84 20.87 -1.57
N ILE C 214 28.58 20.46 -1.61
CA ILE C 214 27.46 21.34 -1.90
C ILE C 214 26.68 21.52 -0.60
N SER C 215 26.83 22.70 0.01
CA SER C 215 26.19 23.05 1.28
C SER C 215 25.02 23.98 0.99
N VAL C 216 23.80 23.46 1.08
CA VAL C 216 22.58 24.23 0.85
C VAL C 216 21.95 24.54 2.20
N GLY C 217 21.32 25.71 2.28
CA GLY C 217 20.66 26.16 3.50
C GLY C 217 19.42 26.99 3.25
N THR C 218 18.32 26.60 3.90
CA THR C 218 17.06 27.34 3.87
C THR C 218 16.63 27.47 5.34
N SER C 219 15.46 28.07 5.59
CA SER C 219 14.94 28.08 6.94
C SER C 219 14.59 26.68 7.42
N THR C 220 14.03 25.84 6.53
CA THR C 220 13.59 24.48 6.86
C THR C 220 14.38 23.39 6.13
N LEU C 221 15.61 23.66 5.70
CA LEU C 221 16.35 22.65 4.94
C LEU C 221 17.85 22.91 5.08
N ASN C 222 18.54 21.96 5.73
CA ASN C 222 20.00 21.92 5.80
C ASN C 222 20.44 20.72 4.98
N GLN C 223 21.33 20.95 4.00
CA GLN C 223 21.88 19.84 3.22
C GLN C 223 23.36 20.03 3.00
N ARG C 224 24.11 18.93 3.13
CA ARG C 224 25.49 18.86 2.71
C ARG C 224 25.61 17.62 1.84
N LEU C 225 26.15 17.79 0.64
CA LEU C 225 26.33 16.72 -0.32
C LEU C 225 27.80 16.63 -0.70
N VAL C 226 28.26 15.42 -1.01
CA VAL C 226 29.64 15.16 -1.40
C VAL C 226 29.58 14.37 -2.70
N PRO C 227 30.59 14.47 -3.60
CA PRO C 227 30.58 13.62 -4.79
C PRO C 227 30.95 12.19 -4.47
N LYS C 228 30.11 11.26 -4.92
CA LYS C 228 30.39 9.83 -4.84
C LYS C 228 31.18 9.46 -6.09
N ILE C 229 32.48 9.75 -6.04
CA ILE C 229 33.35 9.47 -7.19
C ILE C 229 33.61 7.97 -7.25
N ALA C 230 32.70 7.26 -7.92
CA ALA C 230 32.69 5.81 -7.96
C ALA C 230 32.50 5.35 -9.40
N THR C 231 33.24 4.30 -9.77
CA THR C 231 33.10 3.74 -11.10
C THR C 231 31.71 3.11 -11.26
N ARG C 232 31.11 3.32 -12.43
CA ARG C 232 29.72 2.94 -12.67
C ARG C 232 29.55 2.55 -14.13
N SER C 233 28.42 1.90 -14.41
CA SER C 233 28.10 1.47 -15.76
C SER C 233 27.87 2.68 -16.66
N GLN C 234 27.84 2.41 -17.97
CA GLN C 234 27.59 3.43 -18.98
C GLN C 234 26.11 3.42 -19.33
N VAL C 235 25.47 4.57 -19.17
CA VAL C 235 24.05 4.75 -19.48
C VAL C 235 23.94 5.97 -20.40
N ASN C 236 23.18 5.84 -21.48
CA ASN C 236 22.96 6.92 -22.45
C ASN C 236 24.29 7.44 -23.02
N GLY C 237 25.29 6.58 -23.13
CA GLY C 237 26.58 6.97 -23.65
C GLY C 237 27.47 7.72 -22.68
N GLN C 238 27.06 7.86 -21.42
CA GLN C 238 27.83 8.59 -20.40
C GLN C 238 27.88 7.76 -19.13
N ARG C 239 29.01 7.89 -18.42
CA ARG C 239 29.29 7.09 -17.23
C ARG C 239 29.02 7.83 -15.93
N GLY C 240 29.10 9.15 -15.92
CA GLY C 240 28.87 9.91 -14.72
C GLY C 240 27.41 9.85 -14.28
N ARG C 241 27.10 10.67 -13.29
CA ARG C 241 25.73 10.79 -12.77
C ARG C 241 25.52 12.23 -12.33
N MET C 242 24.25 12.63 -12.26
CA MET C 242 23.86 13.93 -11.74
C MET C 242 22.57 13.78 -10.95
N ASP C 243 22.66 13.83 -9.62
CA ASP C 243 21.48 13.80 -8.77
C ASP C 243 20.96 15.22 -8.57
N PHE C 244 19.69 15.42 -8.88
CA PHE C 244 19.03 16.71 -8.82
C PHE C 244 18.20 16.82 -7.55
N PHE C 245 18.07 18.04 -7.04
CA PHE C 245 17.40 18.33 -5.80
C PHE C 245 16.56 19.58 -5.98
N TRP C 246 15.34 19.56 -5.43
CA TRP C 246 14.38 20.64 -5.57
C TRP C 246 13.99 21.17 -4.18
N THR C 247 13.65 22.45 -4.12
CA THR C 247 13.15 23.04 -2.89
C THR C 247 12.15 24.14 -3.23
N ILE C 248 11.07 24.20 -2.45
CA ILE C 248 10.07 25.26 -2.54
C ILE C 248 10.41 26.31 -1.49
N LEU C 249 10.50 27.56 -1.92
CA LEU C 249 10.97 28.66 -1.07
C LEU C 249 9.76 29.53 -0.70
N LYS C 250 9.37 29.49 0.57
CA LYS C 250 8.19 30.20 1.04
C LYS C 250 8.45 31.70 1.05
N PRO C 251 7.39 32.53 1.11
CA PRO C 251 7.59 33.97 0.93
C PRO C 251 8.43 34.57 2.05
N ASP C 252 9.33 35.48 1.65
CA ASP C 252 10.30 36.15 2.51
C ASP C 252 11.47 35.25 2.90
N ASP C 253 11.46 33.97 2.53
CA ASP C 253 12.56 33.07 2.82
C ASP C 253 13.72 33.34 1.86
N ALA C 254 14.89 32.81 2.21
CA ALA C 254 16.10 32.98 1.42
C ALA C 254 16.82 31.65 1.29
N ILE C 255 17.08 31.25 0.06
CA ILE C 255 17.95 30.11 -0.23
C ILE C 255 19.39 30.58 -0.14
N HIS C 256 20.28 29.69 0.31
CA HIS C 256 21.71 29.96 0.38
C HIS C 256 22.46 28.76 -0.17
N PHE C 257 23.11 28.96 -1.31
CA PHE C 257 23.93 27.95 -1.97
C PHE C 257 25.39 28.26 -1.71
N GLU C 258 26.10 27.32 -1.09
CA GLU C 258 27.55 27.36 -0.98
C GLU C 258 28.08 26.10 -1.66
N SER C 259 29.13 26.25 -2.44
CA SER C 259 29.68 25.09 -3.12
C SER C 259 31.05 25.37 -3.73
N ASN C 260 32.01 24.47 -3.51
CA ASN C 260 33.33 24.53 -4.11
C ASN C 260 33.53 23.46 -5.18
N GLY C 261 32.44 22.89 -5.71
CA GLY C 261 32.56 21.92 -6.78
C GLY C 261 31.32 21.11 -7.06
N ASN C 262 31.28 20.49 -8.24
CA ASN C 262 30.21 19.58 -8.66
C ASN C 262 28.85 20.24 -8.67
N PHE C 263 28.80 21.56 -8.83
CA PHE C 263 27.57 22.33 -8.62
C PHE C 263 26.81 22.45 -9.93
N ILE C 264 25.65 21.81 -10.01
CA ILE C 264 24.70 22.06 -11.11
C ILE C 264 23.85 23.24 -10.65
N ALA C 265 24.36 24.44 -10.86
CA ALA C 265 23.79 25.60 -10.20
C ALA C 265 22.46 25.98 -10.85
N PRO C 266 21.52 26.55 -10.09
CA PRO C 266 20.27 27.00 -10.72
C PRO C 266 20.45 28.27 -11.51
N GLU C 267 19.69 28.37 -12.59
CA GLU C 267 19.69 29.53 -13.47
C GLU C 267 18.30 30.03 -13.83
N TYR C 268 17.28 29.20 -13.70
CA TYR C 268 15.87 29.61 -13.77
C TYR C 268 15.17 29.08 -12.52
N ALA C 269 14.03 29.69 -12.21
CA ALA C 269 13.15 29.20 -11.16
C ALA C 269 11.71 29.33 -11.63
N TYR C 270 10.78 28.79 -10.84
CA TYR C 270 9.41 28.56 -11.28
C TYR C 270 8.47 29.10 -10.21
N LYS C 271 8.11 30.37 -10.35
CA LYS C 271 7.15 31.00 -9.45
C LYS C 271 5.80 30.31 -9.59
N ILE C 272 5.19 29.96 -8.47
CA ILE C 272 3.84 29.38 -8.46
C ILE C 272 2.87 30.55 -8.48
N VAL C 273 2.51 30.99 -9.69
CA VAL C 273 1.51 32.05 -9.83
C VAL C 273 0.14 31.53 -9.40
N LYS C 274 -0.22 30.33 -9.85
CA LYS C 274 -1.50 29.71 -9.56
C LYS C 274 -1.25 28.39 -8.85
N LYS C 275 -2.01 28.14 -7.78
CA LYS C 275 -1.91 26.92 -6.98
C LYS C 275 -3.33 26.42 -6.77
N GLY C 276 -3.75 25.47 -7.61
CA GLY C 276 -5.09 24.90 -7.55
C GLY C 276 -5.09 23.39 -7.46
N ASP C 277 -5.74 22.73 -8.42
CA ASP C 277 -5.85 21.28 -8.47
C ASP C 277 -5.42 20.79 -9.84
N SER C 278 -4.67 19.70 -9.87
CA SER C 278 -4.11 19.16 -11.10
C SER C 278 -3.86 17.67 -10.90
N THR C 279 -3.13 17.07 -11.84
CA THR C 279 -2.70 15.68 -11.75
C THR C 279 -1.63 15.49 -12.82
N ILE C 280 -1.07 14.28 -12.86
CA ILE C 280 -0.07 13.89 -13.86
C ILE C 280 -0.52 12.56 -14.44
N MET C 281 -0.76 12.54 -15.75
CA MET C 281 -1.26 11.37 -16.45
C MET C 281 -0.19 10.85 -17.41
N LYS C 282 0.00 9.53 -17.43
CA LYS C 282 1.14 8.89 -18.06
C LYS C 282 0.79 8.23 -19.39
N SER C 283 -0.35 8.55 -19.99
CA SER C 283 -0.76 8.02 -21.28
C SER C 283 -0.42 9.02 -22.39
N GLY C 284 0.14 8.51 -23.47
CA GLY C 284 0.48 9.34 -24.62
C GLY C 284 -0.69 9.61 -25.53
N TYR C 287 -2.78 15.15 -28.85
CA TYR C 287 -3.58 16.34 -28.57
C TYR C 287 -4.81 16.39 -29.45
N GLY C 288 -5.97 16.59 -28.84
CA GLY C 288 -7.23 16.73 -29.55
C GLY C 288 -7.80 18.12 -29.35
N HIS C 289 -8.32 18.69 -30.44
CA HIS C 289 -8.96 20.00 -30.40
C HIS C 289 -10.43 19.79 -30.05
N CYS C 290 -10.71 19.77 -28.75
CA CYS C 290 -12.05 19.52 -28.24
C CYS C 290 -12.16 20.07 -26.83
N ASN C 291 -13.35 19.93 -26.23
CA ASN C 291 -13.63 20.39 -24.88
C ASN C 291 -14.19 19.24 -24.05
N THR C 292 -13.62 19.05 -22.85
CA THR C 292 -13.99 17.98 -21.94
C THR C 292 -14.15 18.55 -20.53
N LYS C 293 -15.29 18.28 -19.89
CA LYS C 293 -15.38 18.63 -18.49
C LYS C 293 -14.42 17.78 -17.66
N CYS C 294 -14.36 16.47 -17.95
CA CYS C 294 -13.49 15.52 -17.26
C CYS C 294 -12.72 14.70 -18.30
N GLN C 295 -11.41 14.57 -18.10
CA GLN C 295 -10.54 13.87 -19.02
C GLN C 295 -10.09 12.56 -18.34
N THR C 296 -9.35 11.74 -19.09
CA THR C 296 -8.85 10.45 -18.63
C THR C 296 -7.58 10.18 -19.43
N PRO C 297 -6.65 9.35 -18.92
CA PRO C 297 -5.41 9.14 -19.70
C PRO C 297 -5.62 8.58 -21.10
N VAL C 298 -6.57 7.66 -21.29
CA VAL C 298 -6.77 7.08 -22.61
C VAL C 298 -7.68 7.96 -23.48
N GLY C 299 -8.79 8.43 -22.92
CA GLY C 299 -9.74 9.28 -23.63
C GLY C 299 -10.24 10.46 -22.82
N ALA C 300 -11.43 10.97 -23.15
CA ALA C 300 -12.01 12.11 -22.45
C ALA C 300 -13.51 11.89 -22.32
N ILE C 301 -13.98 11.75 -21.08
CA ILE C 301 -15.38 11.49 -20.80
C ILE C 301 -16.11 12.84 -20.72
N ASN C 302 -17.05 13.07 -21.63
CA ASN C 302 -17.83 14.30 -21.64
C ASN C 302 -19.25 14.12 -21.09
N SER C 303 -19.86 12.96 -21.28
CA SER C 303 -21.23 12.76 -20.85
C SER C 303 -21.32 12.81 -19.33
N SER C 304 -22.50 13.20 -18.84
CA SER C 304 -22.77 13.26 -17.41
C SER C 304 -23.49 11.98 -16.99
N MET C 305 -22.80 11.14 -16.22
CA MET C 305 -23.30 9.87 -15.75
C MET C 305 -22.48 9.48 -14.54
N PRO C 306 -23.08 8.90 -13.48
CA PRO C 306 -22.32 8.68 -12.22
C PRO C 306 -21.01 7.92 -12.34
N PHE C 307 -20.94 6.86 -13.16
CA PHE C 307 -19.80 5.96 -13.20
C PHE C 307 -19.16 5.93 -14.58
N HIS C 308 -17.96 5.33 -14.63
CA HIS C 308 -17.15 5.25 -15.83
C HIS C 308 -16.13 4.14 -15.67
N ASN C 309 -15.90 3.38 -16.74
CA ASN C 309 -14.96 2.25 -16.75
C ASN C 309 -13.63 2.60 -17.40
N ILE C 310 -13.39 3.88 -17.69
CA ILE C 310 -12.32 4.23 -18.62
C ILE C 310 -10.95 3.99 -17.98
N HIS C 311 -10.72 4.55 -16.79
CA HIS C 311 -9.42 4.44 -16.14
C HIS C 311 -9.58 4.84 -14.68
N PRO C 312 -8.69 4.37 -13.78
CA PRO C 312 -8.76 4.89 -12.40
C PRO C 312 -8.53 6.38 -12.27
N LEU C 313 -7.56 6.93 -12.99
CA LEU C 313 -7.08 8.28 -12.71
C LEU C 313 -7.90 9.31 -13.48
N THR C 314 -8.51 10.24 -12.76
CA THR C 314 -9.21 11.37 -13.35
C THR C 314 -9.09 12.56 -12.40
N ILE C 315 -9.39 13.76 -12.91
CA ILE C 315 -9.41 14.96 -12.08
C ILE C 315 -10.42 15.93 -12.68
N GLY C 316 -11.12 16.64 -11.81
CA GLY C 316 -12.20 17.54 -12.19
C GLY C 316 -13.55 16.99 -11.77
N GLU C 317 -14.60 17.59 -12.35
CA GLU C 317 -15.98 17.17 -12.09
C GLU C 317 -16.24 15.88 -12.86
N CYS C 318 -15.70 14.79 -12.32
CA CYS C 318 -15.61 13.51 -12.97
C CYS C 318 -16.57 12.47 -12.39
N PRO C 319 -16.78 11.36 -13.09
CA PRO C 319 -17.58 10.28 -12.52
C PRO C 319 -16.72 9.44 -11.57
N LYS C 320 -17.32 8.38 -11.04
CA LYS C 320 -16.68 7.51 -10.07
C LYS C 320 -16.26 6.22 -10.77
N TYR C 321 -14.95 5.93 -10.75
CA TYR C 321 -14.48 4.73 -11.42
C TYR C 321 -15.02 3.48 -10.73
N VAL C 322 -15.45 2.52 -11.53
CA VAL C 322 -15.91 1.22 -11.03
C VAL C 322 -15.40 0.14 -11.98
N LYS C 323 -14.77 -0.89 -11.42
CA LYS C 323 -14.17 -1.96 -12.21
C LYS C 323 -15.22 -3.02 -12.53
N SER C 324 -16.15 -2.64 -13.39
CA SER C 324 -17.23 -3.54 -13.78
C SER C 324 -17.84 -3.05 -15.08
N ASN C 325 -18.30 -4.01 -15.89
CA ASN C 325 -18.77 -3.74 -17.24
C ASN C 325 -20.27 -3.52 -17.34
N LYS C 326 -21.01 -3.53 -16.22
CA LYS C 326 -22.46 -3.43 -16.28
C LYS C 326 -22.97 -2.89 -14.94
N LEU C 327 -23.47 -1.65 -14.95
CA LEU C 327 -24.14 -1.03 -13.81
C LEU C 327 -25.44 -0.38 -14.27
N VAL C 328 -26.18 -1.04 -15.17
CA VAL C 328 -27.44 -0.50 -15.63
C VAL C 328 -28.44 -0.59 -14.48
N LEU C 329 -28.99 0.55 -14.09
CA LEU C 329 -29.89 0.64 -12.95
C LEU C 329 -31.33 0.52 -13.44
N ALA C 330 -32.06 -0.44 -12.88
CA ALA C 330 -33.39 -0.80 -13.38
C ALA C 330 -34.40 0.21 -12.85
N THR C 331 -34.39 1.40 -13.47
CA THR C 331 -35.42 2.39 -13.16
C THR C 331 -36.79 1.94 -13.63
N GLY C 332 -36.83 1.13 -14.69
CA GLY C 332 -38.07 0.63 -15.24
C GLY C 332 -38.41 -0.77 -14.76
N LEU C 333 -39.24 -1.45 -15.53
CA LEU C 333 -39.95 -2.64 -15.12
C LEU C 333 -39.63 -3.79 -16.07
N ARG C 334 -40.03 -5.00 -15.65
CA ARG C 334 -39.75 -6.26 -16.34
C ARG C 334 -38.25 -6.54 -16.37
N LEU D 2 -41.09 -10.33 -5.73
CA LEU D 2 -41.52 -10.99 -4.50
C LEU D 2 -43.04 -11.12 -4.45
N PHE D 3 -43.76 -10.02 -4.65
CA PHE D 3 -45.22 -10.07 -4.51
C PHE D 3 -45.89 -10.86 -5.63
N GLY D 4 -45.16 -11.23 -6.69
CA GLY D 4 -45.67 -12.15 -7.67
C GLY D 4 -46.89 -11.69 -8.45
N ALA D 5 -46.85 -10.47 -8.99
CA ALA D 5 -47.83 -9.99 -9.95
C ALA D 5 -47.20 -9.79 -11.33
N ILE D 6 -46.12 -9.02 -11.41
CA ILE D 6 -45.42 -8.89 -12.68
C ILE D 6 -44.86 -10.26 -13.06
N ALA D 7 -45.29 -10.79 -14.19
CA ALA D 7 -44.93 -12.09 -14.77
C ALA D 7 -45.67 -13.23 -14.06
N GLY D 8 -46.43 -12.96 -12.99
CA GLY D 8 -47.20 -13.97 -12.29
C GLY D 8 -48.65 -13.96 -12.75
N PHE D 9 -49.58 -13.66 -11.85
CA PHE D 9 -50.99 -13.67 -12.25
C PHE D 9 -51.31 -12.59 -13.28
N ILE D 10 -50.53 -11.50 -13.34
CA ILE D 10 -50.55 -10.61 -14.49
C ILE D 10 -49.63 -11.23 -15.55
N GLU D 11 -50.23 -11.69 -16.65
CA GLU D 11 -49.46 -12.44 -17.63
C GLU D 11 -48.41 -11.55 -18.32
N GLY D 12 -48.77 -10.34 -18.70
CA GLY D 12 -47.84 -9.47 -19.38
C GLY D 12 -48.26 -8.03 -19.37
N GLY D 13 -47.27 -7.15 -19.49
CA GLY D 13 -47.54 -5.72 -19.53
C GLY D 13 -48.24 -5.32 -20.81
N TRP D 14 -49.30 -4.51 -20.68
CA TRP D 14 -50.03 -4.05 -21.84
C TRP D 14 -49.16 -3.12 -22.67
N GLN D 15 -49.11 -3.35 -23.98
CA GLN D 15 -48.39 -2.47 -24.88
C GLN D 15 -49.22 -1.26 -25.32
N GLY D 16 -50.52 -1.24 -25.02
CA GLY D 16 -51.34 -0.10 -25.38
C GLY D 16 -50.98 1.15 -24.60
N MET D 17 -50.67 1.00 -23.32
CA MET D 17 -50.34 2.16 -22.49
C MET D 17 -49.05 2.82 -22.93
N VAL D 18 -49.07 4.15 -22.98
CA VAL D 18 -47.88 4.96 -23.22
C VAL D 18 -47.71 6.08 -22.21
N ASP D 19 -48.76 6.49 -21.48
CA ASP D 19 -48.72 7.65 -20.60
C ASP D 19 -48.29 7.32 -19.17
N GLY D 20 -47.97 6.07 -18.86
CA GLY D 20 -47.56 5.75 -17.50
C GLY D 20 -47.03 4.34 -17.38
N TRP D 21 -46.26 4.13 -16.31
CA TRP D 21 -45.75 2.80 -16.01
C TRP D 21 -46.87 1.83 -15.70
N TYR D 22 -47.97 2.31 -15.13
CA TYR D 22 -49.12 1.49 -14.73
C TYR D 22 -50.35 2.06 -15.43
N GLY D 23 -51.51 1.52 -15.08
CA GLY D 23 -52.76 2.04 -15.59
C GLY D 23 -53.82 0.97 -15.66
N TYR D 24 -55.02 1.41 -16.04
CA TYR D 24 -56.21 0.57 -16.09
C TYR D 24 -56.69 0.49 -17.53
N HIS D 25 -56.87 -0.74 -18.01
CA HIS D 25 -57.47 -1.00 -19.31
C HIS D 25 -58.91 -1.46 -19.11
N HIS D 26 -59.87 -0.72 -19.67
CA HIS D 26 -61.28 -0.95 -19.46
C HIS D 26 -61.97 -1.34 -20.76
N SER D 27 -62.48 -2.56 -20.81
CA SER D 27 -63.26 -3.05 -21.95
C SER D 27 -64.70 -2.63 -21.71
N ASN D 28 -65.20 -1.73 -22.55
CA ASN D 28 -66.55 -1.18 -22.38
C ASN D 28 -67.03 -0.69 -23.73
N GLU D 29 -68.35 -0.49 -23.82
CA GLU D 29 -68.95 0.02 -25.05
C GLU D 29 -68.42 1.40 -25.41
N GLN D 30 -68.06 2.20 -24.41
CA GLN D 30 -67.59 3.56 -24.69
C GLN D 30 -66.23 3.55 -25.38
N GLY D 31 -65.33 2.65 -24.97
CA GLY D 31 -64.02 2.57 -25.58
C GLY D 31 -63.04 1.70 -24.81
N SER D 32 -62.09 1.10 -25.52
CA SER D 32 -61.08 0.27 -24.86
C SER D 32 -60.19 1.12 -23.96
N GLY D 33 -59.64 2.21 -24.50
CA GLY D 33 -59.04 3.26 -23.71
C GLY D 33 -58.00 2.88 -22.68
N TYR D 34 -56.80 2.49 -23.12
CA TYR D 34 -55.72 2.25 -22.16
C TYR D 34 -55.38 3.58 -21.49
N ALA D 35 -55.82 3.74 -20.25
CA ALA D 35 -55.69 4.99 -19.51
C ALA D 35 -54.82 4.77 -18.29
N ALA D 36 -53.89 5.69 -18.06
CA ALA D 36 -52.98 5.57 -16.94
C ALA D 36 -53.56 6.22 -15.69
N ASP D 37 -52.89 6.00 -14.56
CA ASP D 37 -53.27 6.56 -13.27
C ASP D 37 -52.15 7.52 -12.90
N LYS D 38 -52.43 8.82 -12.94
CA LYS D 38 -51.37 9.80 -12.72
C LYS D 38 -50.87 9.75 -11.29
N GLU D 39 -51.75 9.52 -10.31
CA GLU D 39 -51.34 9.58 -8.91
C GLU D 39 -50.32 8.49 -8.58
N SER D 40 -50.72 7.23 -8.72
CA SER D 40 -49.82 6.09 -8.48
C SER D 40 -48.53 6.20 -9.28
N THR D 41 -48.66 6.38 -10.60
CA THR D 41 -47.49 6.48 -11.47
C THR D 41 -46.60 7.64 -11.04
N GLN D 42 -47.20 8.74 -10.59
CA GLN D 42 -46.41 9.89 -10.17
C GLN D 42 -45.62 9.56 -8.92
N LYS D 43 -46.23 8.91 -7.93
CA LYS D 43 -45.48 8.53 -6.75
C LYS D 43 -44.36 7.55 -7.11
N ALA D 44 -44.64 6.61 -8.02
CA ALA D 44 -43.59 5.69 -8.47
C ALA D 44 -42.43 6.45 -9.11
N ILE D 45 -42.74 7.37 -10.03
CA ILE D 45 -41.70 8.12 -10.72
C ILE D 45 -40.96 9.01 -9.75
N ASP D 46 -41.65 9.52 -8.72
CA ASP D 46 -41.00 10.40 -7.76
C ASP D 46 -40.07 9.59 -6.86
N GLY D 47 -40.57 8.51 -6.29
CA GLY D 47 -39.77 7.52 -5.61
C GLY D 47 -38.49 7.17 -6.35
N VAL D 48 -38.60 6.83 -7.63
CA VAL D 48 -37.40 6.42 -8.37
C VAL D 48 -36.51 7.62 -8.69
N THR D 49 -37.09 8.80 -8.89
CA THR D 49 -36.26 10.01 -9.07
C THR D 49 -35.46 10.30 -7.81
N ASN D 50 -36.12 10.24 -6.66
CA ASN D 50 -35.44 10.45 -5.38
C ASN D 50 -34.40 9.36 -5.18
N LYS D 51 -34.70 8.13 -5.59
CA LYS D 51 -33.75 7.04 -5.44
C LYS D 51 -32.48 7.34 -6.23
N VAL D 52 -32.63 7.69 -7.51
CA VAL D 52 -31.47 8.02 -8.35
C VAL D 52 -30.71 9.20 -7.75
N ASN D 53 -31.44 10.17 -7.19
CA ASN D 53 -30.80 11.31 -6.55
C ASN D 53 -29.98 10.84 -5.35
N SER D 54 -30.52 9.88 -4.59
CA SER D 54 -29.82 9.34 -3.43
C SER D 54 -28.56 8.59 -3.85
N ILE D 55 -28.62 7.81 -4.94
CA ILE D 55 -27.39 7.10 -5.36
C ILE D 55 -26.34 8.10 -5.82
N ILE D 56 -26.74 9.17 -6.51
CA ILE D 56 -25.69 10.10 -6.95
C ILE D 56 -25.19 10.94 -5.78
N ASP D 57 -26.03 11.16 -4.77
CA ASP D 57 -25.59 11.92 -3.59
C ASP D 57 -24.65 11.10 -2.71
N LYS D 58 -24.96 9.83 -2.47
CA LYS D 58 -24.09 8.99 -1.66
C LYS D 58 -22.84 8.54 -2.40
N MET D 59 -22.90 8.43 -3.73
CA MET D 59 -21.73 8.01 -4.49
C MET D 59 -20.73 9.12 -4.76
N ASN D 60 -21.05 10.38 -4.44
CA ASN D 60 -20.06 11.43 -4.54
C ASN D 60 -19.07 11.36 -3.38
N THR D 61 -17.95 12.05 -3.53
CA THR D 61 -16.88 12.08 -2.52
C THR D 61 -16.32 10.68 -2.24
N GLN D 62 -16.39 9.78 -3.22
CA GLN D 62 -15.76 8.48 -3.10
C GLN D 62 -14.24 8.63 -3.18
N PHE D 63 -13.54 7.51 -3.07
CA PHE D 63 -12.09 7.51 -3.18
C PHE D 63 -11.62 8.05 -4.53
N GLU D 64 -10.97 9.21 -4.50
CA GLU D 64 -10.39 9.83 -5.69
C GLU D 64 -8.99 9.25 -5.89
N ALA D 65 -8.85 8.36 -6.87
CA ALA D 65 -7.55 7.75 -7.12
C ALA D 65 -6.59 8.79 -7.69
N VAL D 66 -5.53 9.08 -6.93
CA VAL D 66 -4.50 10.04 -7.32
C VAL D 66 -3.30 9.25 -7.82
N GLY D 67 -2.74 9.69 -8.94
CA GLY D 67 -1.65 8.95 -9.56
C GLY D 67 -0.29 9.23 -8.94
N ARG D 68 -0.14 8.90 -7.66
CA ARG D 68 1.15 9.02 -7.00
C ARG D 68 2.00 7.80 -7.33
N GLU D 69 3.26 8.05 -7.67
CA GLU D 69 4.22 7.02 -8.03
C GLU D 69 5.34 6.96 -7.00
N PHE D 70 6.12 5.87 -7.06
CA PHE D 70 7.14 5.57 -6.07
C PHE D 70 8.38 5.05 -6.78
N ASN D 71 9.52 5.21 -6.12
CA ASN D 71 10.82 4.92 -6.74
C ASN D 71 11.15 3.44 -6.60
N ASN D 72 12.40 3.08 -6.93
CA ASN D 72 12.78 1.67 -6.97
C ASN D 72 12.81 1.04 -5.59
N LEU D 73 13.38 1.74 -4.60
CA LEU D 73 13.59 1.18 -3.27
C LEU D 73 12.43 1.42 -2.32
N GLU D 74 11.21 1.58 -2.85
CA GLU D 74 9.99 1.69 -2.08
C GLU D 74 8.94 0.74 -2.63
N ARG D 75 9.36 -0.51 -2.85
CA ARG D 75 8.43 -1.54 -3.28
C ARG D 75 7.34 -1.78 -2.24
N ARG D 76 7.68 -1.63 -0.96
CA ARG D 76 6.67 -1.84 0.09
C ARG D 76 5.60 -0.76 0.03
N ILE D 77 6.00 0.50 0.00
CA ILE D 77 5.01 1.57 -0.03
C ILE D 77 4.34 1.61 -1.40
N GLU D 78 5.05 1.22 -2.46
CA GLU D 78 4.42 1.15 -3.78
C GLU D 78 3.31 0.11 -3.80
N ASN D 79 3.59 -1.08 -3.26
CA ASN D 79 2.55 -2.10 -3.17
C ASN D 79 1.46 -1.69 -2.20
N LEU D 80 1.81 -0.95 -1.14
CA LEU D 80 0.81 -0.45 -0.21
C LEU D 80 -0.15 0.50 -0.93
N ASN D 81 0.39 1.41 -1.73
CA ASN D 81 -0.46 2.32 -2.49
C ASN D 81 -1.29 1.56 -3.52
N LYS D 82 -0.66 0.63 -4.24
CA LYS D 82 -1.39 -0.12 -5.26
C LYS D 82 -2.50 -0.95 -4.63
N LYS D 83 -2.21 -1.63 -3.52
CA LYS D 83 -3.21 -2.46 -2.87
C LYS D 83 -4.26 -1.62 -2.17
N MET D 84 -3.92 -0.41 -1.71
CA MET D 84 -4.92 0.46 -1.12
C MET D 84 -5.86 1.00 -2.20
N GLU D 85 -5.29 1.45 -3.33
CA GLU D 85 -6.11 1.91 -4.44
C GLU D 85 -7.00 0.79 -4.96
N ASP D 86 -6.43 -0.41 -5.13
CA ASP D 86 -7.22 -1.54 -5.58
C ASP D 86 -8.20 -2.01 -4.52
N GLY D 87 -7.87 -1.83 -3.23
CA GLY D 87 -8.80 -2.21 -2.19
C GLY D 87 -10.00 -1.29 -2.12
N PHE D 88 -9.77 0.02 -2.19
CA PHE D 88 -10.89 0.94 -2.27
C PHE D 88 -11.65 0.78 -3.58
N LEU D 89 -10.95 0.45 -4.66
CA LEU D 89 -11.63 0.17 -5.92
C LEU D 89 -12.50 -1.08 -5.80
N ASP D 90 -12.00 -2.12 -5.16
CA ASP D 90 -12.79 -3.34 -4.99
C ASP D 90 -13.95 -3.10 -4.04
N VAL D 91 -13.73 -2.34 -2.96
CA VAL D 91 -14.81 -2.03 -2.03
C VAL D 91 -15.88 -1.21 -2.70
N TRP D 92 -15.49 -0.20 -3.49
CA TRP D 92 -16.48 0.66 -4.14
C TRP D 92 -17.11 -0.02 -5.33
N THR D 93 -16.38 -0.89 -6.04
CA THR D 93 -16.97 -1.71 -7.09
C THR D 93 -17.97 -2.69 -6.52
N TYR D 94 -17.63 -3.35 -5.42
CA TYR D 94 -18.58 -4.23 -4.76
C TYR D 94 -19.78 -3.45 -4.23
N ASN D 95 -19.53 -2.27 -3.68
CA ASN D 95 -20.62 -1.44 -3.18
C ASN D 95 -21.55 -1.03 -4.31
N ALA D 96 -21.00 -0.56 -5.43
CA ALA D 96 -21.83 -0.14 -6.55
C ALA D 96 -22.54 -1.33 -7.18
N GLU D 97 -21.82 -2.44 -7.38
CA GLU D 97 -22.43 -3.63 -7.97
C GLU D 97 -23.57 -4.16 -7.09
N LEU D 98 -23.31 -4.35 -5.80
CA LEU D 98 -24.35 -4.85 -4.93
C LEU D 98 -25.45 -3.81 -4.73
N LEU D 99 -25.12 -2.52 -4.78
CA LEU D 99 -26.13 -1.49 -4.64
C LEU D 99 -27.09 -1.53 -5.81
N VAL D 100 -26.56 -1.58 -7.04
CA VAL D 100 -27.44 -1.63 -8.21
C VAL D 100 -28.13 -2.99 -8.29
N LEU D 101 -27.49 -4.06 -7.81
CA LEU D 101 -28.16 -5.36 -7.81
C LEU D 101 -29.36 -5.36 -6.86
N MET D 102 -29.13 -4.97 -5.61
CA MET D 102 -30.21 -4.86 -4.63
C MET D 102 -31.24 -3.86 -5.10
N GLU D 103 -30.84 -2.79 -5.77
CA GLU D 103 -31.78 -1.78 -6.22
C GLU D 103 -32.57 -2.25 -7.42
N ASN D 104 -31.98 -3.04 -8.32
CA ASN D 104 -32.77 -3.65 -9.38
C ASN D 104 -33.80 -4.59 -8.78
N GLU D 105 -33.40 -5.36 -7.76
CA GLU D 105 -34.35 -6.22 -7.07
C GLU D 105 -35.46 -5.40 -6.42
N ARG D 106 -35.07 -4.39 -5.62
CA ARG D 106 -36.01 -3.54 -4.92
C ARG D 106 -36.91 -2.77 -5.87
N THR D 107 -36.38 -2.32 -7.01
CA THR D 107 -37.15 -1.49 -7.93
C THR D 107 -38.05 -2.35 -8.80
N LEU D 108 -37.58 -3.51 -9.26
CA LEU D 108 -38.43 -4.41 -10.01
C LEU D 108 -39.50 -5.05 -9.13
N ASP D 109 -39.30 -5.06 -7.80
CA ASP D 109 -40.32 -5.51 -6.87
C ASP D 109 -41.08 -4.35 -6.22
N PHE D 110 -40.58 -3.13 -6.32
CA PHE D 110 -41.34 -1.94 -5.94
C PHE D 110 -42.30 -1.53 -7.03
N HIS D 111 -41.95 -1.76 -8.29
CA HIS D 111 -42.96 -1.67 -9.35
C HIS D 111 -44.00 -2.76 -9.17
N ASP D 112 -43.57 -3.96 -8.74
CA ASP D 112 -44.52 -4.99 -8.37
C ASP D 112 -45.38 -4.55 -7.20
N SER D 113 -44.77 -3.83 -6.25
CA SER D 113 -45.52 -3.28 -5.14
C SER D 113 -46.55 -2.27 -5.61
N ASN D 114 -46.18 -1.41 -6.56
CA ASN D 114 -47.12 -0.43 -7.08
C ASN D 114 -48.25 -1.10 -7.84
N VAL D 115 -47.94 -2.14 -8.62
CA VAL D 115 -48.99 -2.87 -9.33
C VAL D 115 -49.92 -3.55 -8.33
N LYS D 116 -49.37 -4.18 -7.29
CA LYS D 116 -50.23 -4.82 -6.30
C LYS D 116 -50.97 -3.81 -5.45
N ASN D 117 -50.40 -2.60 -5.26
CA ASN D 117 -51.12 -1.56 -4.54
C ASN D 117 -52.31 -1.08 -5.35
N LEU D 118 -52.11 -0.84 -6.66
CA LEU D 118 -53.24 -0.51 -7.52
C LEU D 118 -54.26 -1.64 -7.54
N TYR D 119 -53.77 -2.89 -7.51
CA TYR D 119 -54.63 -4.05 -7.57
C TYR D 119 -55.47 -4.17 -6.32
N ASP D 120 -54.86 -4.05 -5.14
CA ASP D 120 -55.57 -4.27 -3.90
C ASP D 120 -56.33 -3.04 -3.42
N LYS D 121 -56.00 -1.83 -3.91
CA LYS D 121 -56.86 -0.69 -3.61
C LYS D 121 -58.11 -0.76 -4.47
N VAL D 122 -57.97 -1.16 -5.75
CA VAL D 122 -59.15 -1.30 -6.58
C VAL D 122 -59.93 -2.56 -6.18
N ARG D 123 -59.26 -3.53 -5.53
CA ARG D 123 -59.95 -4.66 -4.91
C ARG D 123 -60.69 -4.25 -3.64
N LEU D 124 -60.05 -3.43 -2.81
CA LEU D 124 -60.70 -2.95 -1.60
C LEU D 124 -61.88 -2.05 -1.94
N GLN D 125 -61.70 -1.16 -2.91
CA GLN D 125 -62.88 -0.57 -3.55
C GLN D 125 -63.54 -1.68 -4.37
N LEU D 126 -64.81 -1.47 -4.74
CA LEU D 126 -65.57 -2.50 -5.44
C LEU D 126 -65.65 -3.80 -4.61
N ARG D 127 -65.95 -3.63 -3.31
CA ARG D 127 -65.77 -4.69 -2.31
C ARG D 127 -66.37 -6.03 -2.70
N ASP D 128 -67.62 -6.03 -3.15
CA ASP D 128 -68.29 -7.23 -3.66
C ASP D 128 -68.84 -7.04 -5.06
N ASN D 129 -68.85 -5.82 -5.60
CA ASN D 129 -69.44 -5.56 -6.90
C ASN D 129 -68.60 -6.12 -8.05
N ALA D 130 -67.31 -6.34 -7.86
CA ALA D 130 -66.41 -6.76 -8.92
C ALA D 130 -65.77 -8.11 -8.61
N LYS D 131 -65.84 -9.02 -9.58
CA LYS D 131 -65.19 -10.32 -9.46
C LYS D 131 -63.68 -10.18 -9.63
N GLU D 132 -62.92 -10.98 -8.88
CA GLU D 132 -61.46 -10.92 -8.89
C GLU D 132 -60.90 -12.05 -9.76
N LEU D 133 -61.08 -11.88 -11.07
CA LEU D 133 -60.59 -12.88 -12.02
C LEU D 133 -59.07 -13.04 -11.90
N GLY D 134 -58.60 -14.26 -12.20
CA GLY D 134 -57.20 -14.58 -11.97
C GLY D 134 -56.23 -13.77 -12.83
N ASN D 135 -56.60 -13.52 -14.09
CA ASN D 135 -55.69 -12.87 -15.03
C ASN D 135 -55.26 -11.48 -14.55
N GLY D 136 -56.15 -10.78 -13.83
CA GLY D 136 -55.86 -9.45 -13.31
C GLY D 136 -56.89 -8.42 -13.71
N CYS D 137 -58.07 -8.87 -14.15
CA CYS D 137 -59.12 -8.00 -14.68
C CYS D 137 -60.36 -8.15 -13.82
N PHE D 138 -60.92 -7.03 -13.40
CA PHE D 138 -62.11 -7.03 -12.55
C PHE D 138 -63.31 -6.72 -13.43
N GLU D 139 -64.14 -7.73 -13.68
CA GLU D 139 -65.33 -7.59 -14.49
C GLU D 139 -66.47 -7.17 -13.59
N PHE D 140 -66.99 -5.96 -13.80
CA PHE D 140 -67.93 -5.36 -12.87
C PHE D 140 -69.29 -6.04 -13.01
N TYR D 141 -69.89 -6.41 -11.88
CA TYR D 141 -71.26 -6.91 -11.92
C TYR D 141 -72.25 -5.78 -12.23
N HIS D 142 -72.07 -4.64 -11.56
CA HIS D 142 -72.87 -3.46 -11.88
C HIS D 142 -72.46 -2.88 -13.23
N LYS D 143 -73.43 -2.34 -13.95
CA LYS D 143 -73.12 -1.66 -15.20
C LYS D 143 -72.43 -0.33 -14.90
N CYS D 144 -71.33 -0.07 -15.61
CA CYS D 144 -70.43 1.03 -15.31
C CYS D 144 -70.13 1.79 -16.59
N ASP D 145 -70.10 3.12 -16.49
CA ASP D 145 -69.90 4.05 -17.60
C ASP D 145 -68.52 4.69 -17.50
N ASN D 146 -68.28 5.70 -18.34
CA ASN D 146 -66.99 6.38 -18.33
C ASN D 146 -66.70 7.03 -16.99
N GLU D 147 -67.72 7.62 -16.35
CA GLU D 147 -67.49 8.40 -15.15
C GLU D 147 -67.05 7.53 -13.98
N CYS D 148 -67.65 6.35 -13.82
CA CYS D 148 -67.22 5.46 -12.74
C CYS D 148 -65.85 4.86 -13.00
N MET D 149 -65.51 4.60 -14.28
CA MET D 149 -64.15 4.20 -14.61
C MET D 149 -63.16 5.29 -14.21
N GLU D 150 -63.48 6.54 -14.55
CA GLU D 150 -62.59 7.64 -14.17
C GLU D 150 -62.57 7.84 -12.66
N SER D 151 -63.63 7.45 -11.96
CA SER D 151 -63.64 7.59 -10.50
C SER D 151 -62.75 6.55 -9.84
N VAL D 152 -62.80 5.30 -10.31
CA VAL D 152 -61.88 4.30 -9.77
C VAL D 152 -60.44 4.64 -10.15
N ARG D 153 -60.24 5.27 -11.31
CA ARG D 153 -58.94 5.86 -11.59
C ARG D 153 -58.60 6.96 -10.58
N ASN D 154 -59.60 7.74 -10.19
CA ASN D 154 -59.46 8.88 -9.29
C ASN D 154 -59.61 8.50 -7.82
N GLY D 155 -60.02 7.28 -7.52
CA GLY D 155 -60.18 6.87 -6.13
C GLY D 155 -61.28 7.60 -5.38
N THR D 156 -62.45 7.75 -6.01
CA THR D 156 -63.63 8.36 -5.39
C THR D 156 -64.87 7.50 -5.59
N TYR D 157 -64.69 6.19 -5.73
CA TYR D 157 -65.81 5.28 -5.91
C TYR D 157 -66.64 5.19 -4.63
N TYR D 158 -67.95 5.01 -4.82
CA TYR D 158 -68.91 4.84 -3.72
C TYR D 158 -69.59 3.49 -3.89
N TYR D 159 -69.28 2.55 -3.00
CA TYR D 159 -69.98 1.27 -3.01
C TYR D 159 -71.48 1.40 -2.74
N PRO D 160 -71.96 2.18 -1.75
CA PRO D 160 -73.42 2.24 -1.53
C PRO D 160 -74.22 2.72 -2.73
N GLN D 161 -73.70 3.68 -3.50
CA GLN D 161 -74.44 4.18 -4.65
C GLN D 161 -74.53 3.13 -5.74
N TYR D 162 -73.44 2.39 -5.95
CA TYR D 162 -73.34 1.42 -7.03
C TYR D 162 -73.64 -0.01 -6.57
N SER D 163 -74.15 -0.20 -5.35
CA SER D 163 -74.43 -1.52 -4.82
C SER D 163 -75.60 -2.13 -5.58
N GLU D 164 -75.27 -3.00 -6.56
CA GLU D 164 -76.27 -3.70 -7.37
C GLU D 164 -75.88 -5.18 -7.37
N GLU D 165 -76.35 -5.92 -6.37
CA GLU D 165 -76.08 -7.35 -6.33
C GLU D 165 -76.79 -8.08 -7.46
N ALA D 166 -78.01 -7.65 -7.80
CA ALA D 166 -78.79 -8.23 -8.89
C ALA D 166 -79.03 -9.73 -8.68
N ILE E 19 -57.02 -29.99 -0.39
CA ILE E 19 -55.59 -29.81 -0.55
C ILE E 19 -55.09 -28.89 0.57
N CYS E 20 -53.78 -28.85 0.78
CA CYS E 20 -53.20 -27.99 1.80
C CYS E 20 -51.85 -27.48 1.31
N ILE E 21 -51.66 -26.17 1.32
CA ILE E 21 -50.41 -25.55 0.91
C ILE E 21 -49.49 -25.49 2.12
N GLY E 22 -48.20 -25.63 1.90
CA GLY E 22 -47.26 -25.61 3.00
C GLY E 22 -45.82 -25.76 2.58
N TYR E 23 -45.02 -26.40 3.42
CA TYR E 23 -43.58 -26.45 3.23
C TYR E 23 -43.01 -27.53 4.15
N HIS E 24 -41.86 -28.06 3.77
CA HIS E 24 -41.31 -29.20 4.47
C HIS E 24 -40.60 -28.76 5.74
N ALA E 25 -40.18 -29.75 6.53
CA ALA E 25 -39.36 -29.51 7.70
C ALA E 25 -38.53 -30.76 7.96
N ASN E 26 -37.60 -30.66 8.90
CA ASN E 26 -36.70 -31.76 9.18
C ASN E 26 -36.15 -31.57 10.59
N ASN E 27 -35.37 -32.55 11.04
CA ASN E 27 -34.81 -32.58 12.39
C ASN E 27 -33.46 -31.89 12.49
N SER E 28 -33.10 -31.05 11.52
CA SER E 28 -31.82 -30.37 11.56
C SER E 28 -31.81 -29.33 12.67
N THR E 29 -30.60 -28.92 13.04
CA THR E 29 -30.39 -27.95 14.11
C THR E 29 -29.40 -26.85 13.72
N GLU E 30 -29.00 -26.77 12.45
CA GLU E 30 -28.12 -25.69 12.04
C GLU E 30 -28.84 -24.36 12.14
N GLN E 31 -28.13 -23.34 12.63
CA GLN E 31 -28.70 -22.05 12.97
C GLN E 31 -28.05 -20.95 12.15
N VAL E 32 -28.88 -20.03 11.65
CA VAL E 32 -28.43 -18.85 10.93
C VAL E 32 -28.80 -17.63 11.74
N ASP E 33 -28.45 -16.44 11.25
CA ASP E 33 -28.75 -15.18 11.91
C ASP E 33 -29.30 -14.21 10.88
N THR E 34 -30.09 -13.26 11.37
CA THR E 34 -30.56 -12.13 10.58
C THR E 34 -30.42 -10.87 11.43
N ILE E 35 -30.69 -9.72 10.80
CA ILE E 35 -30.59 -8.47 11.53
C ILE E 35 -31.68 -8.39 12.61
N MET E 36 -32.87 -8.90 12.29
CA MET E 36 -34.04 -8.73 13.14
C MET E 36 -34.30 -9.93 14.06
N GLU E 37 -33.80 -11.11 13.69
CA GLU E 37 -33.88 -12.30 14.53
C GLU E 37 -32.54 -13.00 14.49
N LYS E 38 -32.27 -13.78 15.55
CA LYS E 38 -31.00 -14.47 15.71
C LYS E 38 -31.27 -15.88 16.22
N ASN E 39 -30.31 -16.77 15.94
CA ASN E 39 -30.43 -18.19 16.26
C ASN E 39 -31.70 -18.78 15.66
N VAL E 40 -31.92 -18.48 14.39
CA VAL E 40 -33.08 -18.97 13.65
C VAL E 40 -32.73 -20.35 13.09
N THR E 41 -33.54 -21.34 13.44
CA THR E 41 -33.33 -22.69 12.92
C THR E 41 -33.78 -22.76 11.46
N VAL E 42 -33.02 -23.49 10.64
CA VAL E 42 -33.26 -23.63 9.22
C VAL E 42 -33.19 -25.11 8.84
N THR E 43 -33.79 -25.43 7.70
CA THR E 43 -33.78 -26.82 7.23
C THR E 43 -32.40 -27.22 6.73
N HIS E 44 -31.79 -26.37 5.91
CA HIS E 44 -30.46 -26.66 5.37
C HIS E 44 -29.85 -25.36 4.88
N ALA E 45 -28.70 -24.99 5.43
CA ALA E 45 -28.01 -23.76 5.08
C ALA E 45 -26.53 -24.02 4.88
N GLN E 46 -25.97 -23.46 3.82
CA GLN E 46 -24.57 -23.70 3.49
C GLN E 46 -23.66 -22.97 4.47
N ASP E 47 -22.71 -23.71 5.04
CA ASP E 47 -21.72 -23.13 5.97
C ASP E 47 -20.59 -22.56 5.13
N ILE E 48 -20.74 -21.31 4.72
CA ILE E 48 -19.76 -20.66 3.85
C ILE E 48 -18.45 -20.35 4.54
N LEU E 49 -18.38 -20.44 5.87
CA LEU E 49 -17.18 -20.13 6.64
C LEU E 49 -16.43 -21.42 6.91
N GLU E 50 -15.16 -21.46 6.49
CA GLU E 50 -14.30 -22.63 6.72
C GLU E 50 -13.62 -22.45 8.06
N LYS E 51 -14.21 -23.03 9.10
CA LYS E 51 -13.72 -22.91 10.47
C LYS E 51 -12.70 -23.99 10.84
N THR E 52 -12.33 -24.87 9.91
CA THR E 52 -11.49 -26.02 10.18
C THR E 52 -10.23 -25.96 9.33
N HIS E 53 -9.10 -26.32 9.93
CA HIS E 53 -7.82 -26.39 9.24
C HIS E 53 -7.10 -27.66 9.69
N ASN E 54 -6.30 -28.23 8.78
CA ASN E 54 -5.63 -29.49 9.07
C ASN E 54 -4.58 -29.37 10.17
N GLY E 55 -4.09 -28.17 10.44
CA GLY E 55 -3.09 -27.99 11.48
C GLY E 55 -1.69 -28.39 11.10
N LYS E 56 -1.37 -28.41 9.80
CA LYS E 56 -0.04 -28.75 9.33
C LYS E 56 0.25 -27.97 8.06
N LEU E 57 1.54 -27.92 7.71
CA LEU E 57 2.01 -27.26 6.50
C LEU E 57 2.43 -28.34 5.51
N CYS E 58 1.98 -28.20 4.26
CA CYS E 58 2.20 -29.21 3.23
C CYS E 58 2.56 -28.51 1.92
N ASP E 59 2.63 -29.30 0.85
CA ASP E 59 2.92 -28.77 -0.48
C ASP E 59 1.70 -28.05 -1.06
N LEU E 60 1.98 -27.02 -1.87
CA LEU E 60 0.96 -26.26 -2.59
C LEU E 60 1.01 -26.68 -4.05
N ASN E 61 -0.05 -27.36 -4.51
CA ASN E 61 -0.17 -27.83 -5.89
C ASN E 61 1.01 -28.72 -6.28
N GLY E 62 1.42 -29.58 -5.36
CA GLY E 62 2.48 -30.53 -5.62
C GLY E 62 3.90 -30.00 -5.51
N VAL E 63 4.07 -28.76 -5.03
CA VAL E 63 5.38 -28.15 -4.84
C VAL E 63 5.55 -27.89 -3.35
N LYS E 64 6.60 -28.45 -2.77
CA LYS E 64 6.81 -28.33 -1.33
C LYS E 64 7.26 -26.90 -0.99
N PRO E 65 6.81 -26.32 0.15
CA PRO E 65 7.36 -25.02 0.54
C PRO E 65 8.81 -25.07 0.98
N LEU E 66 9.35 -23.91 1.34
CA LEU E 66 10.65 -23.77 1.98
C LEU E 66 10.43 -23.67 3.49
N ILE E 67 10.60 -24.79 4.18
CA ILE E 67 10.33 -24.84 5.64
C ILE E 67 11.64 -24.46 6.33
N LEU E 68 11.86 -23.15 6.46
CA LEU E 68 13.00 -22.65 7.22
C LEU E 68 12.75 -22.93 8.70
N LYS E 69 13.39 -23.98 9.23
CA LYS E 69 13.21 -24.39 10.62
C LYS E 69 14.27 -23.69 11.46
N ASP E 70 13.82 -22.80 12.35
CA ASP E 70 14.68 -21.99 13.21
C ASP E 70 15.69 -21.20 12.37
N CYS E 71 15.23 -20.71 11.22
CA CYS E 71 16.08 -20.00 10.27
C CYS E 71 15.27 -18.87 9.64
N SER E 72 15.91 -17.71 9.49
CA SER E 72 15.29 -16.53 8.90
C SER E 72 15.76 -16.33 7.47
N VAL E 73 15.06 -15.44 6.77
CA VAL E 73 15.43 -15.10 5.39
C VAL E 73 16.81 -14.46 5.37
N ALA E 74 17.15 -13.68 6.40
CA ALA E 74 18.53 -13.22 6.52
C ALA E 74 19.48 -14.40 6.71
N GLY E 75 19.08 -15.38 7.53
CA GLY E 75 19.92 -16.55 7.73
C GLY E 75 19.95 -17.47 6.52
N TRP E 76 18.91 -17.44 5.70
CA TRP E 76 18.87 -18.26 4.49
C TRP E 76 19.69 -17.62 3.37
N LEU E 77 19.32 -16.41 2.96
CA LEU E 77 19.97 -15.78 1.81
C LEU E 77 21.44 -15.52 2.09
N LEU E 78 21.76 -15.10 3.31
CA LEU E 78 23.13 -15.05 3.81
C LEU E 78 23.29 -16.32 4.65
N GLY E 79 23.89 -17.35 4.04
CA GLY E 79 23.81 -18.71 4.53
C GLY E 79 24.36 -18.93 5.92
N ASN E 80 23.48 -19.19 6.88
CA ASN E 80 23.91 -19.42 8.26
C ASN E 80 24.54 -20.80 8.38
N PRO E 81 25.69 -20.95 9.07
CA PRO E 81 26.20 -22.31 9.30
C PRO E 81 25.26 -23.21 10.08
N MET E 82 24.49 -22.65 11.01
CA MET E 82 23.45 -23.43 11.67
C MET E 82 22.32 -23.82 10.72
N CYS E 83 22.17 -23.12 9.60
CA CYS E 83 21.12 -23.37 8.61
C CYS E 83 21.82 -23.92 7.37
N ASP E 84 22.03 -25.23 7.37
CA ASP E 84 22.75 -25.93 6.31
C ASP E 84 21.89 -26.91 5.51
N GLU E 85 20.58 -26.98 5.79
CA GLU E 85 19.69 -27.84 5.02
C GLU E 85 19.29 -27.23 3.69
N PHE E 86 19.66 -25.98 3.40
CA PHE E 86 19.16 -25.22 2.26
C PHE E 86 20.29 -24.78 1.34
N ILE E 87 21.38 -25.56 1.28
CA ILE E 87 22.51 -25.19 0.44
C ILE E 87 22.13 -25.28 -1.03
N ARG E 88 21.22 -26.17 -1.40
CA ARG E 88 20.70 -26.27 -2.76
C ARG E 88 19.21 -26.57 -2.66
N VAL E 89 18.39 -25.55 -2.91
CA VAL E 89 16.95 -25.62 -2.66
C VAL E 89 16.26 -25.89 -3.99
N PRO E 90 15.18 -26.68 -4.03
CA PRO E 90 14.42 -26.82 -5.28
C PRO E 90 13.40 -25.69 -5.42
N GLU E 91 12.58 -25.77 -6.47
CA GLU E 91 11.48 -24.84 -6.61
C GLU E 91 10.51 -25.01 -5.44
N TRP E 92 9.97 -23.89 -4.97
CA TRP E 92 9.02 -23.85 -3.86
C TRP E 92 7.75 -23.15 -4.33
N SER E 93 6.83 -22.97 -3.38
CA SER E 93 5.57 -22.26 -3.61
C SER E 93 5.26 -21.20 -2.57
N TYR E 94 5.83 -21.28 -1.37
CA TYR E 94 5.70 -20.21 -0.38
C TYR E 94 6.75 -20.40 0.71
N ILE E 95 7.53 -19.35 0.98
CA ILE E 95 8.52 -19.43 2.05
C ILE E 95 7.79 -19.52 3.38
N VAL E 96 8.38 -20.29 4.31
CA VAL E 96 7.84 -20.47 5.65
C VAL E 96 8.95 -20.16 6.64
N GLU E 97 8.61 -19.41 7.69
CA GLU E 97 9.56 -19.00 8.70
C GLU E 97 8.82 -18.97 10.02
N ARG E 98 9.57 -19.04 11.12
CA ARG E 98 8.97 -18.94 12.45
C ARG E 98 8.75 -17.48 12.82
N ASP E 99 7.94 -17.25 13.85
CA ASP E 99 7.62 -15.89 14.25
C ASP E 99 8.85 -15.15 14.78
N ASN E 100 9.64 -15.82 15.63
CA ASN E 100 10.88 -15.28 16.19
C ASN E 100 11.97 -16.32 16.03
N PRO E 101 12.53 -16.48 14.82
CA PRO E 101 13.58 -17.50 14.64
C PRO E 101 14.82 -17.17 15.45
N ALA E 102 15.50 -18.23 15.90
CA ALA E 102 16.69 -18.07 16.73
C ALA E 102 17.91 -17.74 15.88
N ASN E 103 18.27 -18.62 14.95
CA ASN E 103 19.44 -18.43 14.10
C ASN E 103 19.08 -17.43 13.00
N ASP E 104 19.19 -16.15 13.35
CA ASP E 104 18.81 -15.04 12.47
C ASP E 104 19.88 -13.96 12.64
N LEU E 105 20.79 -13.88 11.66
CA LEU E 105 21.94 -12.96 11.73
C LEU E 105 22.73 -13.20 13.01
N CYS E 106 23.32 -14.40 13.07
CA CYS E 106 24.10 -14.83 14.24
C CYS E 106 25.17 -13.81 14.59
N TYR E 107 25.87 -13.28 13.59
CA TYR E 107 26.65 -12.07 13.81
C TYR E 107 25.68 -10.90 13.93
N PRO E 108 25.78 -10.05 14.95
CA PRO E 108 24.77 -8.97 15.10
C PRO E 108 24.83 -7.97 13.95
N GLY E 109 23.70 -7.37 13.68
CA GLY E 109 23.56 -6.40 12.62
C GLY E 109 22.14 -6.43 12.08
N SER E 110 21.99 -5.90 10.88
CA SER E 110 20.70 -5.91 10.21
C SER E 110 20.91 -5.62 8.73
N LEU E 111 20.35 -6.49 7.88
CA LEU E 111 20.30 -6.24 6.46
C LEU E 111 19.55 -4.93 6.20
N ASN E 112 20.17 -4.04 5.42
CA ASN E 112 19.49 -2.81 5.04
C ASN E 112 18.45 -3.12 3.98
N ASP E 113 17.29 -2.47 4.09
CA ASP E 113 16.14 -2.74 3.24
C ASP E 113 15.77 -4.23 3.32
N TYR E 114 15.88 -4.79 4.52
CA TYR E 114 15.49 -6.16 4.79
C TYR E 114 14.02 -6.40 4.46
N GLU E 115 13.18 -5.45 4.87
CA GLU E 115 11.76 -5.57 4.63
C GLU E 115 11.45 -5.46 3.13
N GLU E 116 12.19 -4.59 2.42
CA GLU E 116 12.06 -4.53 0.97
C GLU E 116 12.41 -5.86 0.33
N LEU E 117 13.50 -6.50 0.79
CA LEU E 117 13.93 -7.74 0.19
C LEU E 117 12.91 -8.84 0.43
N LYS E 118 12.34 -8.89 1.64
CA LYS E 118 11.33 -9.90 1.92
C LYS E 118 9.98 -9.58 1.29
N HIS E 119 9.76 -8.34 0.87
CA HIS E 119 8.65 -8.07 -0.03
C HIS E 119 8.94 -8.55 -1.44
N LEU E 120 10.19 -8.37 -1.89
CA LEU E 120 10.57 -8.78 -3.23
C LEU E 120 10.56 -10.29 -3.40
N LEU E 121 10.93 -11.02 -2.34
CA LEU E 121 10.87 -12.48 -2.36
C LEU E 121 9.44 -13.02 -2.22
N SER E 122 8.43 -12.16 -2.08
CA SER E 122 7.04 -12.60 -2.12
C SER E 122 6.51 -12.77 -3.55
N ARG E 123 7.38 -12.75 -4.56
CA ARG E 123 6.97 -13.02 -5.94
C ARG E 123 7.97 -13.88 -6.71
N ILE E 124 9.01 -14.41 -6.05
CA ILE E 124 10.00 -15.28 -6.68
C ILE E 124 9.78 -16.69 -6.17
N ASN E 125 9.45 -17.61 -7.07
CA ASN E 125 9.17 -18.99 -6.71
C ASN E 125 10.38 -19.91 -6.82
N HIS E 126 11.54 -19.40 -7.25
CA HIS E 126 12.72 -20.26 -7.38
C HIS E 126 13.97 -19.40 -7.47
N PHE E 127 15.02 -19.87 -6.82
CA PHE E 127 16.37 -19.34 -6.97
C PHE E 127 17.25 -20.44 -7.54
N GLU E 128 18.28 -20.04 -8.29
CA GLU E 128 19.42 -20.89 -8.59
C GLU E 128 20.66 -20.24 -8.00
N LYS E 129 21.25 -20.89 -7.01
CA LYS E 129 22.49 -20.39 -6.44
C LYS E 129 23.63 -20.61 -7.44
N ILE E 130 24.15 -19.52 -7.97
CA ILE E 130 25.23 -19.55 -8.96
C ILE E 130 26.46 -18.86 -8.35
N LEU E 131 27.60 -19.54 -8.40
CA LEU E 131 28.85 -19.04 -7.86
C LEU E 131 29.40 -17.98 -8.81
N ILE E 132 28.91 -16.74 -8.64
CA ILE E 132 29.37 -15.65 -9.49
C ILE E 132 30.85 -15.35 -9.23
N ILE E 133 31.26 -15.39 -7.97
CA ILE E 133 32.56 -14.88 -7.53
C ILE E 133 33.22 -15.96 -6.67
N PRO E 134 33.95 -16.92 -7.25
CA PRO E 134 34.59 -17.94 -6.41
C PRO E 134 35.67 -17.34 -5.51
N LYS E 135 35.98 -18.09 -4.45
CA LYS E 135 36.97 -17.62 -3.48
C LYS E 135 38.36 -17.49 -4.08
N SER E 136 38.64 -18.14 -5.20
CA SER E 136 39.90 -17.94 -5.91
C SER E 136 40.02 -16.55 -6.52
N SER E 137 38.93 -15.78 -6.61
CA SER E 137 38.96 -14.40 -7.10
C SER E 137 39.19 -13.38 -5.98
N TRP E 138 39.87 -13.77 -4.90
CA TRP E 138 40.35 -12.86 -3.86
C TRP E 138 41.83 -13.13 -3.71
N PRO E 139 42.66 -12.65 -4.66
CA PRO E 139 44.07 -13.07 -4.67
C PRO E 139 44.86 -12.55 -3.47
N ASN E 140 44.69 -11.27 -3.18
CA ASN E 140 45.48 -10.56 -2.18
C ASN E 140 44.78 -10.44 -0.85
N HIS E 141 43.82 -11.33 -0.56
CA HIS E 141 43.01 -11.26 0.65
C HIS E 141 42.86 -12.65 1.24
N GLU E 142 42.70 -12.70 2.55
CA GLU E 142 42.81 -13.93 3.32
C GLU E 142 41.44 -14.56 3.56
N THR E 143 41.44 -15.88 3.64
CA THR E 143 40.25 -16.68 3.95
C THR E 143 40.41 -17.39 5.29
N SER E 144 41.06 -16.72 6.25
CA SER E 144 41.20 -17.17 7.63
C SER E 144 40.40 -16.19 8.48
N LEU E 145 39.12 -16.48 8.65
CA LEU E 145 38.12 -15.55 9.17
C LEU E 145 37.39 -16.14 10.37
N GLY E 146 38.13 -16.85 11.22
CA GLY E 146 37.56 -17.47 12.41
C GLY E 146 37.44 -16.53 13.58
N VAL E 147 36.48 -15.60 13.51
CA VAL E 147 36.16 -14.70 14.62
C VAL E 147 34.70 -14.72 15.00
N SER E 148 33.79 -15.12 14.09
CA SER E 148 32.35 -15.12 14.38
C SER E 148 32.00 -16.31 15.27
N ALA E 149 32.37 -16.19 16.54
CA ALA E 149 32.03 -17.20 17.53
C ALA E 149 30.53 -17.25 17.84
N ALA E 150 29.76 -16.25 17.42
CA ALA E 150 28.31 -16.25 17.62
C ALA E 150 27.56 -17.19 16.69
N CYS E 151 28.24 -17.86 15.75
CA CYS E 151 27.63 -18.72 14.74
C CYS E 151 28.12 -20.16 14.79
N PRO E 152 28.09 -20.82 15.95
CA PRO E 152 28.70 -22.15 16.05
C PRO E 152 28.00 -23.18 15.17
N TYR E 153 28.80 -23.99 14.49
CA TYR E 153 28.27 -25.11 13.72
C TYR E 153 29.39 -26.12 13.57
N GLN E 154 29.29 -27.24 14.29
CA GLN E 154 30.31 -28.29 14.39
C GLN E 154 31.62 -27.81 15.02
N GLY E 155 31.65 -26.63 15.63
CA GLY E 155 32.83 -26.14 16.32
C GLY E 155 33.63 -25.18 15.46
N ALA E 156 34.35 -24.27 16.13
CA ALA E 156 35.29 -23.35 15.50
C ALA E 156 34.70 -22.56 14.33
N PRO E 157 33.54 -21.92 14.51
CA PRO E 157 32.83 -21.32 13.37
C PRO E 157 33.63 -20.20 12.72
N SER E 158 33.38 -20.00 11.42
CA SER E 158 34.09 -18.99 10.65
C SER E 158 33.20 -17.84 10.20
N PHE E 159 32.14 -18.11 9.44
CA PHE E 159 31.26 -17.09 8.89
C PHE E 159 30.12 -17.75 8.12
N PHE E 160 29.26 -16.95 7.50
CA PHE E 160 28.29 -17.43 6.54
C PHE E 160 29.03 -17.94 5.29
N ARG E 161 28.29 -18.69 4.47
CA ARG E 161 28.87 -19.35 3.30
C ARG E 161 28.61 -18.58 2.01
N ASN E 162 27.49 -17.86 1.93
CA ASN E 162 27.12 -17.17 0.70
C ASN E 162 27.83 -15.83 0.55
N VAL E 163 28.35 -15.24 1.63
CA VAL E 163 29.13 -14.02 1.59
C VAL E 163 30.39 -14.21 2.41
N VAL E 164 31.52 -13.74 1.87
CA VAL E 164 32.83 -13.95 2.49
C VAL E 164 33.26 -12.65 3.15
N TRP E 165 33.63 -12.72 4.43
CA TRP E 165 34.15 -11.59 5.18
C TRP E 165 35.66 -11.57 5.03
N LEU E 166 36.16 -10.73 4.14
CA LEU E 166 37.57 -10.70 3.79
C LEU E 166 38.37 -10.02 4.89
N ILE E 167 39.45 -10.67 5.31
CA ILE E 167 40.43 -10.12 6.23
C ILE E 167 41.70 -9.87 5.44
N LYS E 168 42.52 -8.92 5.93
CA LYS E 168 43.77 -8.57 5.26
C LYS E 168 44.67 -9.78 5.13
N LYS E 169 45.50 -9.76 4.08
CA LYS E 169 46.48 -10.82 3.81
C LYS E 169 47.85 -10.19 3.70
N ASP E 170 48.82 -10.76 4.42
CA ASP E 170 50.17 -10.20 4.52
C ASP E 170 50.10 -8.76 5.01
N ASP E 171 49.23 -8.52 5.99
CA ASP E 171 49.06 -7.24 6.68
C ASP E 171 48.45 -6.16 5.77
N ALA E 172 48.02 -6.51 4.56
CA ALA E 172 47.60 -5.54 3.53
C ALA E 172 46.19 -5.87 3.06
N TYR E 173 45.49 -4.82 2.63
CA TYR E 173 44.11 -4.93 2.13
C TYR E 173 43.99 -4.08 0.87
N PRO E 174 44.38 -4.61 -0.29
CA PRO E 174 44.22 -3.84 -1.53
C PRO E 174 42.76 -3.59 -1.87
N THR E 175 42.54 -2.58 -2.70
CA THR E 175 41.20 -2.20 -3.12
C THR E 175 40.56 -3.34 -3.91
N ILE E 176 39.32 -3.65 -3.58
CA ILE E 176 38.60 -4.80 -4.13
C ILE E 176 37.77 -4.27 -5.28
N LYS E 177 38.37 -4.22 -6.47
CA LYS E 177 37.72 -3.71 -7.67
C LYS E 177 37.34 -4.89 -8.54
N ILE E 178 36.06 -5.28 -8.48
CA ILE E 178 35.49 -6.31 -9.33
C ILE E 178 34.29 -5.71 -10.05
N SER E 179 34.06 -6.17 -11.27
CA SER E 179 33.09 -5.57 -12.19
C SER E 179 32.26 -6.66 -12.87
N TYR E 180 31.69 -7.56 -12.07
CA TYR E 180 30.85 -8.63 -12.59
C TYR E 180 29.70 -8.09 -13.43
N ASN E 181 29.49 -8.70 -14.60
CA ASN E 181 28.50 -8.32 -15.57
C ASN E 181 27.51 -9.46 -15.71
N ASN E 182 26.22 -9.18 -15.53
CA ASN E 182 25.20 -10.22 -15.58
C ASN E 182 24.96 -10.59 -17.04
N THR E 183 25.90 -11.36 -17.59
CA THR E 183 25.74 -11.87 -18.95
C THR E 183 24.57 -12.83 -19.05
N ASN E 184 24.21 -13.50 -17.95
CA ASN E 184 23.00 -14.31 -17.93
C ASN E 184 21.79 -13.42 -18.18
N ARG E 185 20.77 -14.01 -18.79
CA ARG E 185 19.58 -13.26 -19.22
C ARG E 185 18.49 -13.23 -18.15
N GLU E 186 18.87 -13.30 -16.88
CA GLU E 186 17.92 -13.34 -15.77
C GLU E 186 18.47 -12.50 -14.62
N ASP E 187 17.55 -11.96 -13.82
CA ASP E 187 17.95 -11.11 -12.70
C ASP E 187 18.76 -11.89 -11.68
N LEU E 188 19.81 -11.24 -11.16
CA LEU E 188 20.61 -11.77 -10.07
C LEU E 188 20.40 -10.91 -8.82
N LEU E 189 20.34 -11.58 -7.67
CA LEU E 189 20.19 -10.95 -6.37
C LEU E 189 21.53 -11.06 -5.64
N ILE E 190 22.29 -9.96 -5.65
CA ILE E 190 23.65 -9.94 -5.11
C ILE E 190 23.58 -9.27 -3.75
N LEU E 191 24.07 -9.96 -2.72
CA LEU E 191 24.10 -9.46 -1.35
C LEU E 191 25.53 -9.25 -0.90
N TRP E 192 25.83 -8.05 -0.42
CA TRP E 192 27.14 -7.73 0.17
C TRP E 192 26.90 -7.08 1.52
N GLY E 193 27.94 -6.50 2.12
CA GLY E 193 27.73 -5.84 3.40
C GLY E 193 28.93 -5.02 3.80
N ILE E 194 28.76 -4.33 4.92
CA ILE E 194 29.81 -3.53 5.55
C ILE E 194 29.85 -3.90 7.04
N HIS E 195 31.05 -4.12 7.56
CA HIS E 195 31.27 -4.53 8.94
C HIS E 195 31.66 -3.31 9.76
N HIS E 196 30.77 -2.90 10.66
CA HIS E 196 31.07 -1.81 11.59
C HIS E 196 31.86 -2.37 12.77
N SER E 197 33.11 -1.92 12.90
CA SER E 197 33.99 -2.44 13.92
C SER E 197 33.65 -1.85 15.29
N ASN E 198 34.21 -2.47 16.34
CA ASN E 198 34.03 -1.94 17.69
C ASN E 198 34.74 -0.61 17.86
N ASN E 199 35.95 -0.49 17.34
CA ASN E 199 36.77 0.70 17.52
C ASN E 199 37.92 0.61 16.51
N ALA E 200 38.88 1.53 16.62
CA ALA E 200 39.99 1.56 15.68
C ALA E 200 40.90 0.35 15.84
N GLU E 201 40.94 -0.28 17.02
CA GLU E 201 41.81 -1.43 17.22
C GLU E 201 41.39 -2.60 16.34
N GLU E 202 40.09 -2.88 16.27
CA GLU E 202 39.62 -3.96 15.40
C GLU E 202 39.84 -3.63 13.94
N GLN E 203 39.74 -2.36 13.56
CA GLN E 203 40.06 -1.97 12.19
C GLN E 203 41.50 -2.31 11.84
N THR E 204 42.46 -1.74 12.57
CA THR E 204 43.86 -1.97 12.23
C THR E 204 44.30 -3.42 12.44
N ASN E 205 43.54 -4.21 13.19
CA ASN E 205 43.78 -5.64 13.33
C ASN E 205 43.11 -6.48 12.25
N LEU E 206 42.16 -5.92 11.50
CA LEU E 206 41.46 -6.60 10.41
C LEU E 206 41.75 -5.96 9.07
N TYR E 207 41.66 -4.64 8.98
CA TYR E 207 41.83 -3.88 7.75
C TYR E 207 42.88 -2.81 7.99
N LYS E 208 44.03 -2.93 7.32
CA LYS E 208 45.14 -2.03 7.60
C LYS E 208 44.78 -0.57 7.32
N ASN E 209 43.86 -0.33 6.40
CA ASN E 209 43.38 1.02 6.12
C ASN E 209 42.38 1.44 7.20
N PRO E 210 42.58 2.58 7.91
CA PRO E 210 41.57 2.98 8.90
C PRO E 210 40.35 3.63 8.27
N THR E 211 40.55 4.41 7.22
CA THR E 211 39.48 5.12 6.52
C THR E 211 39.05 4.27 5.33
N THR E 212 38.07 3.40 5.57
CA THR E 212 37.61 2.42 4.60
C THR E 212 36.27 2.86 4.02
N TYR E 213 35.86 2.19 2.94
CA TYR E 213 34.64 2.58 2.24
C TYR E 213 34.25 1.47 1.26
N ILE E 214 33.03 1.58 0.74
CA ILE E 214 32.52 0.70 -0.31
C ILE E 214 31.77 1.60 -1.30
N SER E 215 31.91 1.31 -2.59
CA SER E 215 31.44 2.17 -3.67
C SER E 215 30.69 1.36 -4.73
N VAL E 216 29.68 0.60 -4.29
CA VAL E 216 28.92 -0.24 -5.20
C VAL E 216 28.24 0.61 -6.26
N GLY E 217 28.37 0.20 -7.52
CA GLY E 217 28.15 1.05 -8.68
C GLY E 217 27.27 0.51 -9.79
N THR E 218 26.13 -0.11 -9.47
CA THR E 218 25.20 -0.55 -10.51
C THR E 218 24.74 0.66 -11.33
N SER E 219 24.24 0.37 -12.54
CA SER E 219 23.77 1.44 -13.43
C SER E 219 22.70 2.30 -12.77
N THR E 220 21.84 1.71 -11.93
CA THR E 220 20.81 2.42 -11.20
C THR E 220 21.21 2.81 -9.78
N LEU E 221 22.06 2.01 -9.14
CA LEU E 221 22.45 2.24 -7.75
C LEU E 221 23.70 3.11 -7.68
N ASN E 222 23.84 3.81 -6.56
CA ASN E 222 25.05 4.59 -6.30
C ASN E 222 25.16 4.77 -4.79
N GLN E 223 26.18 4.17 -4.19
CA GLN E 223 26.39 4.20 -2.75
C GLN E 223 27.84 4.56 -2.44
N ARG E 224 28.04 5.21 -1.29
CA ARG E 224 29.36 5.37 -0.68
C ARG E 224 29.18 5.10 0.81
N LEU E 225 29.40 3.85 1.22
CA LEU E 225 29.28 3.44 2.60
C LEU E 225 30.59 3.68 3.34
N VAL E 226 30.50 3.92 4.64
CA VAL E 226 31.66 4.09 5.50
C VAL E 226 31.35 3.35 6.80
N PRO E 227 32.32 2.72 7.48
CA PRO E 227 32.01 2.09 8.77
C PRO E 227 31.77 3.14 9.85
N LYS E 228 30.69 2.95 10.61
CA LYS E 228 30.36 3.81 11.76
C LYS E 228 30.92 3.16 13.02
N ILE E 229 32.25 3.15 13.09
CA ILE E 229 32.93 2.52 14.22
C ILE E 229 32.62 3.28 15.50
N ALA E 230 32.19 2.55 16.53
CA ALA E 230 31.81 3.14 17.80
C ALA E 230 31.54 2.02 18.79
N THR E 231 31.67 2.34 20.07
CA THR E 231 31.40 1.36 21.12
C THR E 231 29.92 0.99 21.12
N ARG E 232 29.64 -0.30 21.29
CA ARG E 232 28.28 -0.83 21.22
C ARG E 232 28.14 -1.97 22.21
N SER E 233 26.89 -2.35 22.46
CA SER E 233 26.55 -3.27 23.53
C SER E 233 26.81 -4.71 23.11
N GLN E 234 26.78 -5.61 24.10
CA GLN E 234 26.79 -7.04 23.83
C GLN E 234 25.53 -7.43 23.07
N VAL E 235 25.70 -8.13 21.95
CA VAL E 235 24.61 -8.81 21.26
C VAL E 235 25.19 -10.10 20.72
N ASN E 236 24.61 -11.24 21.13
CA ASN E 236 25.08 -12.57 20.71
C ASN E 236 26.55 -12.78 21.05
N GLY E 237 27.03 -12.15 22.11
CA GLY E 237 28.44 -12.27 22.48
C GLY E 237 29.39 -11.68 21.46
N GLN E 238 29.00 -10.57 20.81
CA GLN E 238 29.87 -9.88 19.87
C GLN E 238 29.50 -8.41 19.85
N ARG E 239 30.51 -7.54 19.96
CA ARG E 239 30.31 -6.10 20.07
C ARG E 239 30.42 -5.37 18.73
N GLY E 240 30.72 -6.07 17.64
CA GLY E 240 30.67 -5.48 16.32
C GLY E 240 29.28 -5.56 15.71
N ARG E 241 29.16 -5.01 14.52
CA ARG E 241 27.92 -5.08 13.74
C ARG E 241 28.28 -5.32 12.28
N MET E 242 27.29 -5.80 11.53
CA MET E 242 27.43 -5.97 10.08
C MET E 242 26.11 -5.62 9.42
N ASP E 243 26.07 -4.46 8.77
CA ASP E 243 24.90 -4.00 8.04
C ASP E 243 25.04 -4.49 6.60
N PHE E 244 24.14 -5.38 6.18
CA PHE E 244 24.20 -5.98 4.86
C PHE E 244 23.33 -5.19 3.89
N PHE E 245 23.56 -5.42 2.60
CA PHE E 245 22.86 -4.72 1.53
C PHE E 245 22.61 -5.69 0.40
N TRP E 246 21.64 -5.35 -0.46
CA TRP E 246 21.24 -6.21 -1.57
C TRP E 246 20.89 -5.36 -2.77
N THR E 247 20.95 -5.97 -3.96
CA THR E 247 20.56 -5.31 -5.19
C THR E 247 20.10 -6.35 -6.19
N ILE E 248 19.27 -5.90 -7.14
CA ILE E 248 18.80 -6.72 -8.26
C ILE E 248 19.59 -6.26 -9.47
N LEU E 249 20.60 -7.05 -9.85
CA LEU E 249 21.38 -6.79 -11.05
C LEU E 249 20.64 -7.38 -12.26
N LYS E 250 20.30 -6.53 -13.22
CA LYS E 250 19.46 -6.91 -14.35
C LYS E 250 20.31 -7.45 -15.49
N PRO E 251 19.69 -8.06 -16.50
CA PRO E 251 20.47 -8.59 -17.63
C PRO E 251 21.22 -7.47 -18.35
N ASP E 252 22.47 -7.78 -18.72
CA ASP E 252 23.44 -6.90 -19.37
C ASP E 252 23.92 -5.76 -18.48
N ASP E 253 23.49 -5.69 -17.22
CA ASP E 253 23.97 -4.69 -16.28
C ASP E 253 25.28 -5.19 -15.68
N ALA E 254 25.91 -4.36 -14.85
CA ALA E 254 27.20 -4.71 -14.26
C ALA E 254 27.33 -4.09 -12.88
N ILE E 255 27.44 -4.95 -11.86
CA ILE E 255 27.74 -4.53 -10.50
C ILE E 255 29.21 -4.19 -10.42
N HIS E 256 29.53 -3.06 -9.78
CA HIS E 256 30.90 -2.56 -9.63
C HIS E 256 31.21 -2.38 -8.14
N PHE E 257 31.77 -3.41 -7.52
CA PHE E 257 32.23 -3.30 -6.15
C PHE E 257 33.60 -2.65 -6.12
N GLU E 258 33.79 -1.67 -5.24
CA GLU E 258 35.08 -1.03 -5.02
C GLU E 258 35.16 -0.71 -3.54
N SER E 259 36.10 -1.35 -2.84
CA SER E 259 36.23 -1.19 -1.41
C SER E 259 37.66 -1.51 -1.01
N ASN E 260 38.17 -0.77 -0.01
CA ASN E 260 39.47 -1.04 0.58
C ASN E 260 39.36 -1.35 2.06
N GLY E 261 38.24 -1.94 2.48
CA GLY E 261 38.06 -2.36 3.85
C GLY E 261 36.61 -2.46 4.28
N ASN E 262 36.35 -3.36 5.24
CA ASN E 262 35.03 -3.59 5.80
C ASN E 262 34.03 -3.99 4.70
N PHE E 263 34.33 -5.11 4.04
CA PHE E 263 33.57 -5.57 2.87
C PHE E 263 33.20 -7.03 3.05
N ILE E 264 31.91 -7.30 3.24
CA ILE E 264 31.38 -8.66 3.20
C ILE E 264 31.10 -8.95 1.73
N ALA E 265 32.12 -9.42 1.02
CA ALA E 265 32.00 -9.55 -0.43
C ALA E 265 31.06 -10.70 -0.78
N PRO E 266 30.40 -10.65 -1.95
CA PRO E 266 29.51 -11.73 -2.33
C PRO E 266 30.24 -12.88 -2.99
N GLU E 267 29.83 -14.10 -2.65
CA GLU E 267 30.32 -15.32 -3.26
C GLU E 267 29.31 -15.97 -4.17
N TYR E 268 28.04 -15.93 -3.81
CA TYR E 268 26.94 -16.53 -4.57
C TYR E 268 25.90 -15.47 -4.87
N ALA E 269 25.34 -15.54 -6.07
CA ALA E 269 24.14 -14.80 -6.45
C ALA E 269 23.00 -15.77 -6.65
N TYR E 270 21.78 -15.25 -6.66
CA TYR E 270 20.55 -16.03 -6.77
C TYR E 270 19.89 -15.65 -8.09
N LYS E 271 20.26 -16.38 -9.14
CA LYS E 271 19.65 -16.18 -10.45
C LYS E 271 18.16 -16.47 -10.36
N ILE E 272 17.35 -15.44 -10.59
CA ILE E 272 15.90 -15.55 -10.49
C ILE E 272 15.40 -16.18 -11.79
N VAL E 273 15.22 -17.50 -11.78
CA VAL E 273 14.82 -18.21 -12.98
C VAL E 273 13.29 -18.25 -13.14
N LYS E 274 12.56 -18.24 -12.04
CA LYS E 274 11.10 -18.30 -12.06
C LYS E 274 10.56 -17.18 -11.18
N LYS E 275 9.41 -16.64 -11.58
CA LYS E 275 8.71 -15.60 -10.84
C LYS E 275 7.23 -15.93 -10.81
N GLY E 276 6.55 -15.47 -9.77
CA GLY E 276 5.14 -15.76 -9.62
C GLY E 276 4.57 -15.16 -8.35
N ASP E 277 3.79 -15.96 -7.62
CA ASP E 277 3.15 -15.55 -6.38
C ASP E 277 3.68 -16.43 -5.24
N SER E 278 4.28 -15.80 -4.24
CA SER E 278 4.73 -16.48 -3.03
C SER E 278 4.46 -15.54 -1.86
N THR E 279 4.94 -15.92 -0.68
CA THR E 279 4.79 -15.09 0.52
C THR E 279 5.73 -15.64 1.59
N ILE E 280 5.64 -15.05 2.78
CA ILE E 280 6.40 -15.46 3.95
C ILE E 280 5.40 -15.53 5.09
N MET E 281 5.05 -16.73 5.51
CA MET E 281 3.93 -16.92 6.43
C MET E 281 4.27 -16.55 7.86
N LYS E 282 5.53 -16.68 8.27
CA LYS E 282 5.99 -16.37 9.62
C LYS E 282 5.20 -17.17 10.66
N SER E 283 5.34 -18.49 10.57
CA SER E 283 4.64 -19.39 11.47
C SER E 283 5.38 -20.71 11.53
N GLY E 284 5.24 -21.40 12.67
CA GLY E 284 5.89 -22.68 12.87
C GLY E 284 5.11 -23.84 12.28
N TYR E 287 5.50 -29.97 9.56
CA TYR E 287 5.28 -30.02 8.12
C TYR E 287 4.52 -31.30 7.74
N GLY E 288 3.28 -31.13 7.29
CA GLY E 288 2.48 -32.24 6.83
C GLY E 288 2.88 -32.66 5.42
N HIS E 289 2.07 -33.56 4.85
CA HIS E 289 2.33 -34.11 3.52
C HIS E 289 1.10 -34.23 2.63
N CYS E 290 -0.10 -33.91 3.10
CA CYS E 290 -1.29 -34.12 2.30
C CYS E 290 -1.46 -33.01 1.28
N ASN E 291 -2.40 -33.20 0.36
CA ASN E 291 -2.67 -32.20 -0.66
C ASN E 291 -3.37 -30.99 -0.04
N THR E 292 -2.91 -29.80 -0.44
CA THR E 292 -3.44 -28.54 0.07
C THR E 292 -3.56 -27.58 -1.10
N LYS E 293 -4.79 -27.31 -1.53
CA LYS E 293 -5.02 -26.30 -2.56
C LYS E 293 -4.70 -24.91 -2.03
N CYS E 294 -4.97 -24.65 -0.75
CA CYS E 294 -4.69 -23.40 -0.08
C CYS E 294 -3.96 -23.67 1.22
N GLN E 295 -3.27 -22.63 1.71
CA GLN E 295 -2.50 -22.71 2.94
C GLN E 295 -2.76 -21.46 3.76
N THR E 296 -2.63 -21.60 5.08
CA THR E 296 -2.68 -20.53 6.04
C THR E 296 -1.50 -20.73 7.00
N PRO E 297 -0.94 -19.65 7.59
CA PRO E 297 0.21 -19.85 8.49
C PRO E 297 -0.08 -20.74 9.69
N VAL E 298 -1.30 -20.71 10.22
CA VAL E 298 -1.63 -21.58 11.34
C VAL E 298 -1.68 -23.04 10.87
N GLY E 299 -2.34 -23.29 9.74
CA GLY E 299 -2.42 -24.64 9.21
C GLY E 299 -3.17 -24.62 7.89
N ALA E 300 -2.94 -25.67 7.11
CA ALA E 300 -3.49 -25.71 5.77
C ALA E 300 -5.00 -25.90 5.81
N ILE E 301 -5.64 -25.55 4.69
CA ILE E 301 -7.09 -25.64 4.54
C ILE E 301 -7.39 -26.21 3.15
N ASN E 302 -8.34 -27.13 3.10
CA ASN E 302 -8.72 -27.84 1.87
C ASN E 302 -10.24 -27.92 1.81
N SER E 303 -10.86 -26.91 1.21
CA SER E 303 -12.29 -26.91 0.97
C SER E 303 -12.62 -25.79 0.00
N SER E 304 -13.82 -25.87 -0.58
CA SER E 304 -14.30 -24.93 -1.57
C SER E 304 -15.21 -23.85 -0.97
N MET E 305 -15.04 -23.55 0.33
CA MET E 305 -15.88 -22.56 0.97
C MET E 305 -15.53 -21.16 0.44
N PRO E 306 -16.52 -20.26 0.31
CA PRO E 306 -16.17 -18.89 -0.09
C PRO E 306 -15.30 -18.15 0.90
N PHE E 307 -15.45 -18.41 2.20
CA PHE E 307 -14.80 -17.63 3.26
C PHE E 307 -14.02 -18.55 4.20
N HIS E 308 -13.18 -17.92 5.02
CA HIS E 308 -12.44 -18.61 6.08
C HIS E 308 -12.10 -17.58 7.14
N ASN E 309 -11.71 -18.06 8.33
CA ASN E 309 -11.41 -17.19 9.47
C ASN E 309 -10.20 -17.65 10.26
N ILE E 310 -9.21 -18.25 9.60
CA ILE E 310 -8.06 -18.80 10.32
C ILE E 310 -7.02 -17.73 10.60
N HIS E 311 -6.56 -17.03 9.56
CA HIS E 311 -5.47 -16.06 9.71
C HIS E 311 -5.57 -15.06 8.56
N PRO E 312 -5.01 -13.85 8.69
CA PRO E 312 -4.98 -12.95 7.53
C PRO E 312 -4.19 -13.49 6.35
N LEU E 313 -2.93 -13.87 6.55
CA LEU E 313 -2.08 -14.24 5.43
C LEU E 313 -2.53 -15.56 4.82
N THR E 314 -2.48 -15.64 3.49
CA THR E 314 -2.77 -16.86 2.75
C THR E 314 -1.86 -16.89 1.52
N ILE E 315 -1.98 -17.94 0.73
CA ILE E 315 -1.26 -18.03 -0.54
C ILE E 315 -2.00 -19.00 -1.44
N GLY E 316 -2.04 -18.69 -2.74
CA GLY E 316 -2.77 -19.48 -3.70
C GLY E 316 -4.23 -19.07 -3.78
N GLU E 317 -4.94 -19.72 -4.69
CA GLU E 317 -6.38 -19.52 -4.79
C GLU E 317 -7.06 -20.09 -3.56
N CYS E 318 -7.70 -19.21 -2.77
CA CYS E 318 -8.15 -19.52 -1.42
C CYS E 318 -9.54 -18.97 -1.17
N PRO E 319 -10.15 -19.28 -0.02
CA PRO E 319 -11.32 -18.50 0.42
C PRO E 319 -10.89 -17.11 0.86
N LYS E 320 -11.86 -16.28 1.26
CA LYS E 320 -11.61 -14.89 1.63
C LYS E 320 -11.69 -14.75 3.13
N TYR E 321 -10.68 -14.10 3.72
CA TYR E 321 -10.64 -13.96 5.18
C TYR E 321 -11.78 -13.09 5.67
N VAL E 322 -12.49 -13.56 6.68
CA VAL E 322 -13.51 -12.76 7.37
C VAL E 322 -13.35 -13.01 8.87
N LYS E 323 -13.26 -11.93 9.64
CA LYS E 323 -13.03 -12.03 11.08
C LYS E 323 -14.18 -12.71 11.81
N SER E 324 -15.39 -12.68 11.24
CA SER E 324 -16.57 -13.26 11.87
C SER E 324 -16.38 -14.75 12.14
N ASN E 325 -17.23 -15.29 13.00
CA ASN E 325 -17.19 -16.67 13.44
C ASN E 325 -18.36 -17.52 12.97
N LYS E 326 -19.40 -16.91 12.38
CA LYS E 326 -20.55 -17.67 11.89
C LYS E 326 -21.12 -16.94 10.67
N LEU E 327 -20.69 -17.35 9.49
CA LEU E 327 -21.28 -16.94 8.22
C LEU E 327 -21.95 -18.17 7.62
N VAL E 328 -23.28 -18.16 7.58
CA VAL E 328 -24.07 -19.31 7.13
C VAL E 328 -25.19 -18.76 6.26
N LEU E 329 -25.08 -18.94 4.95
CA LEU E 329 -26.13 -18.47 4.05
C LEU E 329 -27.34 -19.37 4.14
N ALA E 330 -28.48 -18.80 4.51
CA ALA E 330 -29.69 -19.59 4.69
C ALA E 330 -30.24 -20.00 3.33
N THR E 331 -29.83 -21.18 2.85
CA THR E 331 -30.38 -21.78 1.65
C THR E 331 -31.56 -22.71 1.94
N GLY E 332 -32.28 -22.46 3.04
CA GLY E 332 -33.41 -23.28 3.41
C GLY E 332 -34.49 -22.43 4.05
N LEU E 333 -35.62 -23.06 4.31
CA LEU E 333 -36.85 -22.39 4.73
C LEU E 333 -37.11 -22.66 6.21
N ARG E 334 -36.56 -21.77 7.05
CA ARG E 334 -36.58 -21.77 8.54
C ARG E 334 -36.99 -23.08 9.22
N LEU F 2 -42.06 -12.16 7.27
CA LEU F 2 -42.38 -10.78 6.90
C LEU F 2 -43.66 -10.76 6.07
N PHE F 3 -43.70 -11.62 5.04
CA PHE F 3 -44.87 -11.73 4.18
C PHE F 3 -45.99 -12.53 4.83
N GLY F 4 -45.71 -13.27 5.90
CA GLY F 4 -46.75 -13.79 6.76
C GLY F 4 -47.37 -15.10 6.33
N ALA F 5 -46.54 -16.09 6.00
CA ALA F 5 -46.98 -17.47 5.82
C ALA F 5 -46.27 -18.40 6.79
N ILE F 6 -44.95 -18.39 6.83
CA ILE F 6 -44.19 -19.21 7.76
C ILE F 6 -44.22 -18.52 9.12
N ALA F 7 -44.68 -19.25 10.14
CA ALA F 7 -45.05 -18.68 11.43
C ALA F 7 -46.10 -17.58 11.27
N GLY F 8 -46.97 -17.73 10.28
CA GLY F 8 -48.04 -16.80 9.99
C GLY F 8 -49.38 -17.51 10.06
N PHE F 9 -50.10 -17.55 8.94
CA PHE F 9 -51.36 -18.30 8.92
C PHE F 9 -51.12 -19.80 8.83
N ILE F 10 -50.03 -20.23 8.21
CA ILE F 10 -49.67 -21.65 8.23
C ILE F 10 -49.13 -22.00 9.62
N GLU F 11 -49.60 -23.12 10.17
CA GLU F 11 -49.19 -23.50 11.51
C GLU F 11 -47.71 -23.84 11.57
N GLY F 12 -47.20 -24.60 10.62
CA GLY F 12 -45.81 -25.01 10.64
C GLY F 12 -45.47 -25.87 9.45
N GLY F 13 -44.23 -26.37 9.46
CA GLY F 13 -43.74 -27.18 8.37
C GLY F 13 -44.22 -28.62 8.44
N TRP F 14 -43.88 -29.37 7.39
CA TRP F 14 -44.30 -30.75 7.22
C TRP F 14 -43.13 -31.69 7.46
N GLN F 15 -43.48 -32.96 7.69
CA GLN F 15 -42.52 -34.06 7.78
C GLN F 15 -42.75 -35.15 6.74
N GLY F 16 -43.76 -35.01 5.88
CA GLY F 16 -44.05 -36.00 4.87
C GLY F 16 -43.36 -35.70 3.55
N MET F 17 -43.25 -34.42 3.21
CA MET F 17 -42.67 -33.99 1.95
C MET F 17 -41.16 -33.85 2.10
N VAL F 18 -40.43 -34.43 1.14
CA VAL F 18 -38.98 -34.33 1.08
C VAL F 18 -38.49 -33.94 -0.31
N ASP F 19 -39.36 -34.04 -1.33
CA ASP F 19 -38.92 -33.86 -2.72
C ASP F 19 -38.55 -32.42 -3.06
N GLY F 20 -38.83 -31.45 -2.20
CA GLY F 20 -38.47 -30.08 -2.50
C GLY F 20 -38.82 -29.16 -1.36
N TRP F 21 -38.49 -27.88 -1.55
CA TRP F 21 -38.77 -26.88 -0.53
C TRP F 21 -40.25 -26.57 -0.39
N TYR F 22 -41.04 -26.81 -1.45
CA TYR F 22 -42.43 -26.37 -1.51
C TYR F 22 -43.25 -27.51 -2.08
N GLY F 23 -44.55 -27.44 -1.86
CA GLY F 23 -45.44 -28.41 -2.45
C GLY F 23 -46.77 -28.45 -1.73
N TYR F 24 -47.58 -29.42 -2.13
CA TYR F 24 -48.96 -29.55 -1.71
C TYR F 24 -49.14 -30.86 -0.94
N HIS F 25 -50.15 -30.86 -0.07
CA HIS F 25 -50.62 -32.06 0.60
C HIS F 25 -52.09 -32.24 0.24
N HIS F 26 -52.41 -33.38 -0.38
CA HIS F 26 -53.74 -33.64 -0.91
C HIS F 26 -54.38 -34.73 -0.07
N SER F 27 -55.57 -34.43 0.46
CA SER F 27 -56.41 -35.39 1.18
C SER F 27 -57.58 -35.71 0.25
N ASN F 28 -57.39 -36.75 -0.57
CA ASN F 28 -58.28 -37.10 -1.65
C ASN F 28 -58.84 -38.51 -1.43
N GLU F 29 -60.01 -38.76 -2.00
CA GLU F 29 -60.67 -40.06 -1.82
C GLU F 29 -59.82 -41.20 -2.38
N GLN F 30 -59.18 -40.97 -3.53
CA GLN F 30 -58.31 -42.00 -4.10
C GLN F 30 -57.11 -42.27 -3.19
N GLY F 31 -56.53 -41.22 -2.62
CA GLY F 31 -55.41 -41.39 -1.70
C GLY F 31 -55.06 -40.07 -1.04
N SER F 32 -54.36 -40.19 0.09
CA SER F 32 -53.90 -39.05 0.87
C SER F 32 -52.38 -39.04 0.87
N GLY F 33 -51.79 -37.90 0.55
CA GLY F 33 -50.34 -37.85 0.47
C GLY F 33 -49.82 -36.45 0.26
N TYR F 34 -48.53 -36.40 -0.09
CA TYR F 34 -47.78 -35.16 -0.29
C TYR F 34 -47.13 -35.20 -1.66
N ALA F 35 -46.80 -34.03 -2.19
CA ALA F 35 -46.14 -33.97 -3.49
C ALA F 35 -45.53 -32.60 -3.71
N ALA F 36 -44.27 -32.56 -4.13
CA ALA F 36 -43.57 -31.31 -4.34
C ALA F 36 -44.05 -30.61 -5.61
N ASP F 37 -44.14 -29.29 -5.54
CA ASP F 37 -44.45 -28.46 -6.70
C ASP F 37 -43.14 -28.12 -7.40
N LYS F 38 -42.88 -28.77 -8.54
CA LYS F 38 -41.57 -28.66 -9.16
C LYS F 38 -41.35 -27.29 -9.80
N GLU F 39 -42.41 -26.61 -10.22
CA GLU F 39 -42.24 -25.32 -10.90
C GLU F 39 -41.73 -24.26 -9.94
N SER F 40 -42.50 -23.96 -8.89
CA SER F 40 -42.10 -22.94 -7.92
C SER F 40 -40.84 -23.36 -7.19
N THR F 41 -40.70 -24.65 -6.89
CA THR F 41 -39.49 -25.13 -6.22
C THR F 41 -38.26 -24.94 -7.10
N GLN F 42 -38.38 -25.24 -8.39
CA GLN F 42 -37.25 -25.06 -9.30
C GLN F 42 -36.92 -23.58 -9.45
N LYS F 43 -37.94 -22.72 -9.49
CA LYS F 43 -37.69 -21.28 -9.53
C LYS F 43 -36.92 -20.84 -8.29
N ALA F 44 -37.33 -21.35 -7.12
CA ALA F 44 -36.65 -21.02 -5.87
C ALA F 44 -35.21 -21.51 -5.88
N ILE F 45 -34.98 -22.74 -6.36
CA ILE F 45 -33.64 -23.30 -6.36
C ILE F 45 -32.75 -22.52 -7.32
N ASP F 46 -33.28 -22.15 -8.49
CA ASP F 46 -32.49 -21.34 -9.43
C ASP F 46 -32.18 -19.98 -8.83
N GLY F 47 -33.15 -19.37 -8.14
CA GLY F 47 -32.91 -18.08 -7.51
C GLY F 47 -31.85 -18.16 -6.43
N VAL F 48 -31.91 -19.18 -5.58
CA VAL F 48 -30.92 -19.33 -4.52
C VAL F 48 -29.55 -19.68 -5.11
N THR F 49 -29.53 -20.46 -6.18
CA THR F 49 -28.26 -20.79 -6.83
C THR F 49 -27.62 -19.53 -7.42
N ASN F 50 -28.42 -18.70 -8.10
CA ASN F 50 -27.90 -17.43 -8.59
C ASN F 50 -27.49 -16.51 -7.46
N LYS F 51 -28.19 -16.58 -6.32
CA LYS F 51 -27.80 -15.79 -5.16
C LYS F 51 -26.42 -16.21 -4.66
N VAL F 52 -26.19 -17.51 -4.53
CA VAL F 52 -24.88 -18.01 -4.08
C VAL F 52 -23.80 -17.67 -5.09
N ASN F 53 -24.10 -17.83 -6.38
CA ASN F 53 -23.11 -17.51 -7.41
C ASN F 53 -22.77 -16.02 -7.39
N SER F 54 -23.77 -15.16 -7.23
CA SER F 54 -23.50 -13.73 -7.15
C SER F 54 -22.70 -13.39 -5.90
N ILE F 55 -22.99 -14.05 -4.79
CA ILE F 55 -22.25 -13.77 -3.56
C ILE F 55 -20.78 -14.12 -3.72
N ILE F 56 -20.50 -15.30 -4.28
CA ILE F 56 -19.10 -15.69 -4.43
C ILE F 56 -18.40 -14.84 -5.51
N ASP F 57 -19.12 -14.48 -6.57
CA ASP F 57 -18.50 -13.73 -7.65
C ASP F 57 -18.17 -12.30 -7.22
N LYS F 58 -19.13 -11.61 -6.59
CA LYS F 58 -18.85 -10.26 -6.12
C LYS F 58 -17.87 -10.24 -4.95
N MET F 59 -17.76 -11.34 -4.22
CA MET F 59 -16.71 -11.51 -3.22
C MET F 59 -15.48 -12.23 -3.78
N ASN F 60 -15.42 -12.46 -5.10
CA ASN F 60 -14.26 -13.09 -5.69
C ASN F 60 -13.03 -12.20 -5.57
N THR F 61 -13.23 -10.87 -5.60
CA THR F 61 -12.16 -9.89 -5.41
C THR F 61 -12.36 -9.21 -4.07
N GLN F 62 -11.36 -9.32 -3.20
CA GLN F 62 -11.33 -8.64 -1.91
C GLN F 62 -9.91 -8.17 -1.65
N PHE F 63 -9.72 -7.52 -0.52
CA PHE F 63 -8.38 -7.15 -0.08
C PHE F 63 -7.60 -8.40 0.26
N GLU F 64 -6.66 -8.76 -0.61
CA GLU F 64 -5.76 -9.89 -0.35
C GLU F 64 -4.68 -9.39 0.59
N ALA F 65 -4.74 -9.82 1.84
CA ALA F 65 -3.84 -9.30 2.88
C ALA F 65 -2.44 -9.87 2.64
N VAL F 66 -1.70 -9.19 1.75
CA VAL F 66 -0.32 -9.54 1.52
C VAL F 66 0.49 -9.17 2.76
N GLY F 67 1.52 -9.97 3.05
CA GLY F 67 2.33 -9.72 4.22
C GLY F 67 3.40 -8.67 3.97
N ARG F 68 3.12 -7.43 4.38
CA ARG F 68 4.03 -6.30 4.26
C ARG F 68 4.49 -5.96 5.68
N GLU F 69 5.68 -6.44 6.04
CA GLU F 69 6.23 -6.22 7.36
C GLU F 69 7.14 -4.99 7.35
N PHE F 70 7.00 -4.16 8.38
CA PHE F 70 7.71 -2.91 8.52
C PHE F 70 8.45 -2.90 9.85
N ASN F 71 9.73 -2.54 9.81
CA ASN F 71 10.55 -2.59 11.01
C ASN F 71 10.17 -1.50 12.00
N ASN F 72 10.69 -1.64 13.22
CA ASN F 72 10.58 -0.57 14.20
C ASN F 72 11.37 0.64 13.73
N LEU F 73 10.98 1.82 14.23
CA LEU F 73 11.30 3.18 13.81
C LEU F 73 10.53 3.58 12.55
N GLU F 74 9.76 2.69 11.92
CA GLU F 74 8.77 3.01 10.91
C GLU F 74 7.37 2.71 11.45
N ARG F 75 7.16 2.98 12.74
CA ARG F 75 5.87 2.71 13.36
C ARG F 75 4.76 3.56 12.77
N ARG F 76 5.08 4.71 12.17
CA ARG F 76 4.06 5.46 11.45
C ARG F 76 3.54 4.62 10.29
N ILE F 77 4.44 4.13 9.45
CA ILE F 77 4.03 3.37 8.28
C ILE F 77 3.62 1.95 8.68
N GLU F 78 4.24 1.37 9.72
CA GLU F 78 3.80 0.07 10.19
C GLU F 78 2.38 0.14 10.74
N ASN F 79 2.08 1.17 11.53
CA ASN F 79 0.73 1.35 12.01
C ASN F 79 -0.22 1.69 10.86
N LEU F 80 0.26 2.41 9.85
CA LEU F 80 -0.59 2.67 8.69
C LEU F 80 -0.93 1.38 7.97
N ASN F 81 0.04 0.48 7.80
CA ASN F 81 -0.23 -0.81 7.19
C ASN F 81 -1.15 -1.66 8.06
N LYS F 82 -0.90 -1.69 9.37
CA LYS F 82 -1.73 -2.50 10.26
C LYS F 82 -3.16 -1.99 10.28
N LYS F 83 -3.34 -0.67 10.39
CA LYS F 83 -4.67 -0.10 10.39
C LYS F 83 -5.33 -0.21 9.03
N MET F 84 -4.55 -0.20 7.94
CA MET F 84 -5.13 -0.38 6.62
C MET F 84 -5.61 -1.82 6.44
N GLU F 85 -4.78 -2.79 6.80
CA GLU F 85 -5.19 -4.19 6.69
C GLU F 85 -6.37 -4.49 7.60
N ASP F 86 -6.32 -3.99 8.84
CA ASP F 86 -7.45 -4.18 9.75
C ASP F 86 -8.68 -3.42 9.30
N GLY F 87 -8.49 -2.26 8.65
CA GLY F 87 -9.63 -1.50 8.17
C GLY F 87 -10.31 -2.18 6.99
N PHE F 88 -9.53 -2.67 6.04
CA PHE F 88 -10.10 -3.45 4.95
C PHE F 88 -10.71 -4.75 5.48
N LEU F 89 -10.09 -5.34 6.50
CA LEU F 89 -10.65 -6.55 7.10
C LEU F 89 -11.96 -6.25 7.80
N ASP F 90 -12.07 -5.11 8.49
CA ASP F 90 -13.31 -4.75 9.16
C ASP F 90 -14.37 -4.34 8.15
N VAL F 91 -13.98 -3.64 7.08
CA VAL F 91 -14.92 -3.28 6.03
C VAL F 91 -15.46 -4.54 5.36
N TRP F 92 -14.58 -5.50 5.05
CA TRP F 92 -15.02 -6.72 4.40
C TRP F 92 -15.75 -7.64 5.36
N THR F 93 -15.41 -7.59 6.66
CA THR F 93 -16.14 -8.36 7.66
C THR F 93 -17.54 -7.79 7.84
N TYR F 94 -17.67 -6.47 7.92
CA TYR F 94 -18.98 -5.84 7.97
C TYR F 94 -19.76 -6.12 6.70
N ASN F 95 -19.09 -6.06 5.54
CA ASN F 95 -19.75 -6.33 4.27
C ASN F 95 -20.26 -7.77 4.22
N ALA F 96 -19.41 -8.73 4.61
CA ALA F 96 -19.82 -10.13 4.57
C ALA F 96 -20.90 -10.41 5.61
N GLU F 97 -20.76 -9.88 6.83
CA GLU F 97 -21.76 -10.10 7.86
C GLU F 97 -23.09 -9.48 7.46
N LEU F 98 -23.08 -8.23 7.00
CA LEU F 98 -24.31 -7.60 6.56
C LEU F 98 -24.89 -8.31 5.35
N LEU F 99 -24.04 -8.79 4.44
CA LEU F 99 -24.52 -9.49 3.27
C LEU F 99 -25.22 -10.78 3.65
N VAL F 100 -24.59 -11.59 4.49
CA VAL F 100 -25.20 -12.86 4.87
C VAL F 100 -26.43 -12.63 5.73
N LEU F 101 -26.41 -11.61 6.60
CA LEU F 101 -27.58 -11.36 7.44
C LEU F 101 -28.74 -10.81 6.62
N MET F 102 -28.47 -9.84 5.77
CA MET F 102 -29.51 -9.28 4.90
C MET F 102 -30.05 -10.33 3.96
N GLU F 103 -29.18 -11.19 3.43
CA GLU F 103 -29.61 -12.23 2.52
C GLU F 103 -30.30 -13.37 3.24
N ASN F 104 -29.97 -13.63 4.50
CA ASN F 104 -30.75 -14.58 5.28
C ASN F 104 -32.16 -14.04 5.51
N GLU F 105 -32.27 -12.76 5.84
CA GLU F 105 -33.59 -12.15 5.98
C GLU F 105 -34.34 -12.17 4.66
N ARG F 106 -33.66 -11.79 3.57
CA ARG F 106 -34.32 -11.77 2.27
C ARG F 106 -34.59 -13.16 1.73
N THR F 107 -33.84 -14.18 2.14
CA THR F 107 -34.09 -15.53 1.64
C THR F 107 -35.19 -16.20 2.44
N LEU F 108 -35.23 -16.01 3.76
CA LEU F 108 -36.38 -16.46 4.52
C LEU F 108 -37.64 -15.72 4.09
N ASP F 109 -37.51 -14.42 3.79
CA ASP F 109 -38.65 -13.65 3.31
C ASP F 109 -38.98 -13.97 1.85
N PHE F 110 -38.00 -14.41 1.07
CA PHE F 110 -38.26 -14.84 -0.30
C PHE F 110 -38.96 -16.20 -0.31
N HIS F 111 -38.61 -17.07 0.62
CA HIS F 111 -39.35 -18.31 0.78
C HIS F 111 -40.73 -18.04 1.33
N ASP F 112 -40.85 -17.05 2.21
CA ASP F 112 -42.18 -16.57 2.63
C ASP F 112 -42.96 -16.05 1.44
N SER F 113 -42.28 -15.33 0.55
CA SER F 113 -42.91 -14.84 -0.68
C SER F 113 -43.32 -15.99 -1.58
N ASN F 114 -42.48 -17.02 -1.68
CA ASN F 114 -42.80 -18.17 -2.52
C ASN F 114 -44.00 -18.93 -1.98
N VAL F 115 -44.08 -19.12 -0.67
CA VAL F 115 -45.25 -19.77 -0.09
C VAL F 115 -46.48 -18.88 -0.28
N LYS F 116 -46.35 -17.57 -0.10
CA LYS F 116 -47.50 -16.69 -0.26
C LYS F 116 -47.94 -16.63 -1.72
N ASN F 117 -47.00 -16.67 -2.66
CA ASN F 117 -47.35 -16.64 -4.08
C ASN F 117 -47.90 -17.98 -4.55
N LEU F 118 -47.43 -19.09 -3.99
CA LEU F 118 -48.04 -20.38 -4.26
C LEU F 118 -49.46 -20.42 -3.71
N TYR F 119 -49.66 -19.87 -2.52
CA TYR F 119 -51.00 -19.75 -1.95
C TYR F 119 -51.88 -18.85 -2.81
N ASP F 120 -51.33 -17.75 -3.31
CA ASP F 120 -52.07 -16.85 -4.18
C ASP F 120 -52.32 -17.47 -5.55
N LYS F 121 -51.50 -18.43 -5.95
CA LYS F 121 -51.67 -19.08 -7.23
C LYS F 121 -52.84 -20.04 -7.10
N VAL F 122 -52.75 -20.95 -6.11
CA VAL F 122 -53.81 -21.93 -5.92
C VAL F 122 -55.13 -21.23 -5.65
N ARG F 123 -55.09 -20.15 -4.84
CA ARG F 123 -56.32 -19.41 -4.56
C ARG F 123 -56.88 -18.80 -5.83
N LEU F 124 -56.03 -18.20 -6.66
CA LEU F 124 -56.52 -17.60 -7.90
C LEU F 124 -57.04 -18.65 -8.87
N GLN F 125 -56.37 -19.81 -9.00
CA GLN F 125 -56.81 -20.81 -9.97
C GLN F 125 -58.21 -21.33 -9.65
N LEU F 126 -58.52 -21.44 -8.36
CA LEU F 126 -59.80 -21.96 -7.89
C LEU F 126 -60.82 -20.87 -7.60
N ARG F 127 -60.36 -19.65 -7.27
CA ARG F 127 -61.17 -18.48 -6.92
C ARG F 127 -62.22 -18.87 -5.87
N ASP F 128 -63.51 -18.61 -6.08
CA ASP F 128 -64.56 -18.91 -5.11
C ASP F 128 -64.92 -20.40 -5.06
N ASN F 129 -64.43 -21.21 -6.01
CA ASN F 129 -64.80 -22.62 -6.06
C ASN F 129 -64.44 -23.37 -4.79
N ALA F 130 -63.26 -23.09 -4.22
CA ALA F 130 -62.74 -23.79 -3.06
C ALA F 130 -62.80 -22.89 -1.83
N LYS F 131 -63.50 -23.36 -0.79
CA LYS F 131 -63.50 -22.66 0.49
C LYS F 131 -62.07 -22.54 0.98
N GLU F 132 -61.67 -21.32 1.32
CA GLU F 132 -60.29 -21.02 1.71
C GLU F 132 -60.24 -21.02 3.24
N LEU F 133 -59.54 -22.00 3.80
CA LEU F 133 -59.36 -22.13 5.23
C LEU F 133 -58.16 -21.30 5.69
N GLY F 134 -58.08 -21.09 7.00
CA GLY F 134 -57.06 -20.22 7.55
C GLY F 134 -55.66 -20.79 7.44
N ASN F 135 -55.50 -22.09 7.70
CA ASN F 135 -54.17 -22.69 7.87
C ASN F 135 -53.64 -23.25 6.55
N GLY F 136 -53.60 -22.37 5.54
CA GLY F 136 -53.06 -22.75 4.25
C GLY F 136 -53.78 -23.90 3.58
N CYS F 137 -55.08 -24.05 3.85
CA CYS F 137 -55.88 -25.15 3.36
C CYS F 137 -56.98 -24.63 2.44
N PHE F 138 -57.39 -25.49 1.50
CA PHE F 138 -58.44 -25.18 0.54
C PHE F 138 -59.36 -26.41 0.46
N GLU F 139 -60.51 -26.34 1.10
CA GLU F 139 -61.50 -27.41 1.03
C GLU F 139 -62.38 -27.20 -0.19
N PHE F 140 -62.33 -28.15 -1.11
CA PHE F 140 -62.97 -27.98 -2.41
C PHE F 140 -64.44 -28.32 -2.29
N TYR F 141 -65.31 -27.40 -2.72
CA TYR F 141 -66.74 -27.72 -2.74
C TYR F 141 -67.03 -28.84 -3.72
N HIS F 142 -66.41 -28.81 -4.89
CA HIS F 142 -66.53 -29.90 -5.84
C HIS F 142 -65.59 -31.05 -5.45
N LYS F 143 -66.03 -32.27 -5.68
CA LYS F 143 -65.21 -33.45 -5.41
C LYS F 143 -64.14 -33.56 -6.48
N CYS F 144 -62.88 -33.46 -6.07
CA CYS F 144 -61.73 -33.38 -6.98
C CYS F 144 -60.95 -34.68 -6.93
N ASP F 145 -60.62 -35.21 -8.11
CA ASP F 145 -59.87 -36.46 -8.25
C ASP F 145 -58.39 -36.14 -8.41
N ASN F 146 -57.60 -37.18 -8.74
CA ASN F 146 -56.16 -36.98 -8.89
C ASN F 146 -55.83 -36.11 -10.10
N GLU F 147 -56.65 -36.14 -11.14
CA GLU F 147 -56.35 -35.38 -12.35
C GLU F 147 -56.45 -33.87 -12.10
N CYS F 148 -57.51 -33.42 -11.43
CA CYS F 148 -57.63 -31.99 -11.14
C CYS F 148 -56.58 -31.54 -10.13
N MET F 149 -56.22 -32.40 -9.18
CA MET F 149 -55.10 -32.09 -8.29
C MET F 149 -53.81 -31.92 -9.07
N GLU F 150 -53.57 -32.81 -10.03
CA GLU F 150 -52.37 -32.72 -10.86
C GLU F 150 -52.37 -31.47 -11.70
N SER F 151 -53.53 -31.05 -12.19
CA SER F 151 -53.60 -29.82 -12.98
C SER F 151 -53.42 -28.59 -12.11
N VAL F 152 -53.88 -28.63 -10.86
CA VAL F 152 -53.61 -27.53 -9.93
C VAL F 152 -52.11 -27.42 -9.67
N ARG F 153 -51.44 -28.56 -9.49
CA ARG F 153 -49.99 -28.54 -9.36
C ARG F 153 -49.33 -27.99 -10.62
N ASN F 154 -49.77 -28.46 -11.78
CA ASN F 154 -49.20 -28.00 -13.05
C ASN F 154 -49.52 -26.53 -13.29
N GLY F 155 -50.79 -26.16 -13.14
CA GLY F 155 -51.27 -24.80 -13.36
C GLY F 155 -52.47 -24.72 -14.29
N THR F 156 -52.72 -25.77 -15.06
CA THR F 156 -53.76 -25.76 -16.09
C THR F 156 -55.12 -26.13 -15.50
N TYR F 157 -55.59 -25.29 -14.58
CA TYR F 157 -56.92 -25.44 -14.00
C TYR F 157 -57.90 -24.59 -14.79
N TYR F 158 -59.02 -25.21 -15.20
CA TYR F 158 -60.05 -24.56 -16.01
C TYR F 158 -61.24 -24.28 -15.09
N TYR F 159 -61.34 -23.04 -14.62
CA TYR F 159 -62.36 -22.70 -13.64
C TYR F 159 -63.80 -22.90 -14.12
N PRO F 160 -64.18 -22.59 -15.38
CA PRO F 160 -65.58 -22.85 -15.79
C PRO F 160 -66.00 -24.30 -15.68
N GLN F 161 -65.08 -25.25 -15.76
CA GLN F 161 -65.36 -26.61 -15.35
C GLN F 161 -65.23 -26.71 -13.84
N TYR F 162 -66.02 -27.62 -13.24
CA TYR F 162 -66.20 -27.72 -11.80
C TYR F 162 -66.88 -26.48 -11.21
N SER F 163 -67.67 -25.78 -12.01
CA SER F 163 -68.26 -24.51 -11.62
C SER F 163 -69.58 -24.65 -10.87
N GLU F 164 -69.96 -25.87 -10.47
CA GLU F 164 -71.16 -26.02 -9.66
C GLU F 164 -71.00 -25.34 -8.32
N GLU F 165 -72.02 -24.57 -7.91
CA GLU F 165 -71.94 -23.82 -6.67
C GLU F 165 -71.92 -24.75 -5.46
N ALA F 166 -72.83 -25.72 -5.43
CA ALA F 166 -72.90 -26.66 -4.33
C ALA F 166 -73.79 -27.85 -4.69
N ILE G 19 -64.10 -4.26 13.94
CA ILE G 19 -62.95 -4.02 14.80
C ILE G 19 -61.81 -3.42 13.97
N CYS G 20 -61.68 -2.10 14.03
CA CYS G 20 -60.72 -1.41 13.19
C CYS G 20 -59.29 -1.71 13.62
N ILE G 21 -58.44 -1.95 12.63
CA ILE G 21 -56.99 -2.06 12.81
C ILE G 21 -56.39 -0.75 12.32
N GLY G 22 -55.52 -0.17 13.12
CA GLY G 22 -54.87 1.09 12.79
C GLY G 22 -53.47 1.11 13.33
N TYR G 23 -52.93 2.32 13.55
CA TYR G 23 -51.58 2.44 14.05
C TYR G 23 -51.43 3.64 14.97
N HIS G 24 -50.41 3.55 15.82
CA HIS G 24 -50.10 4.60 16.78
C HIS G 24 -49.70 5.87 16.05
N ALA G 25 -50.28 7.00 16.50
CA ALA G 25 -49.93 8.31 15.98
C ALA G 25 -49.80 9.28 17.14
N ASN G 26 -49.01 10.32 16.95
CA ASN G 26 -48.81 11.34 17.96
C ASN G 26 -48.55 12.67 17.25
N ASN G 27 -48.16 13.68 18.04
CA ASN G 27 -47.88 15.01 17.53
C ASN G 27 -46.39 15.22 17.25
N SER G 28 -45.65 14.14 17.00
CA SER G 28 -44.21 14.24 16.81
C SER G 28 -43.87 14.87 15.46
N THR G 29 -42.70 15.51 15.41
CA THR G 29 -42.15 16.07 14.18
C THR G 29 -40.73 15.58 13.91
N GLU G 30 -40.33 14.47 14.52
CA GLU G 30 -38.99 13.93 14.30
C GLU G 30 -38.88 13.39 12.88
N GLN G 31 -37.81 13.75 12.19
CA GLN G 31 -37.64 13.48 10.76
C GLN G 31 -36.55 12.43 10.55
N VAL G 32 -36.85 11.46 9.67
CA VAL G 32 -35.92 10.45 9.23
C VAL G 32 -35.83 10.53 7.71
N ASP G 33 -34.85 9.79 7.15
CA ASP G 33 -34.64 9.73 5.72
C ASP G 33 -34.65 8.28 5.25
N THR G 34 -35.21 8.06 4.06
CA THR G 34 -35.21 6.77 3.39
C THR G 34 -34.76 6.98 1.95
N ILE G 35 -34.22 5.91 1.35
CA ILE G 35 -33.62 6.03 0.02
C ILE G 35 -34.68 6.35 -1.02
N MET G 36 -35.89 5.79 -0.89
CA MET G 36 -36.95 6.06 -1.84
C MET G 36 -37.61 7.42 -1.60
N GLU G 37 -37.68 7.87 -0.35
CA GLU G 37 -38.33 9.13 -0.01
C GLU G 37 -37.60 9.77 1.17
N LYS G 38 -37.39 11.08 1.08
CA LYS G 38 -36.66 11.84 2.08
C LYS G 38 -37.62 12.74 2.87
N ASN G 39 -37.14 13.24 4.01
CA ASN G 39 -37.86 14.16 4.87
C ASN G 39 -39.19 13.56 5.37
N VAL G 40 -39.24 12.24 5.50
CA VAL G 40 -40.40 11.57 6.07
C VAL G 40 -40.29 11.63 7.59
N THR G 41 -41.34 12.12 8.24
CA THR G 41 -41.42 12.14 9.69
C THR G 41 -42.01 10.84 10.22
N VAL G 42 -41.56 10.44 11.42
CA VAL G 42 -41.93 9.18 12.05
C VAL G 42 -42.11 9.41 13.55
N THR G 43 -42.50 8.34 14.26
CA THR G 43 -42.77 8.36 15.68
C THR G 43 -41.57 7.79 16.45
N HIS G 44 -41.19 8.46 17.54
CA HIS G 44 -40.11 7.97 18.40
C HIS G 44 -38.84 7.70 17.60
N ALA G 45 -38.51 8.62 16.71
CA ALA G 45 -37.36 8.45 15.82
C ALA G 45 -36.09 8.41 16.66
N GLN G 46 -35.45 7.24 16.70
CA GLN G 46 -34.30 7.05 17.59
C GLN G 46 -33.10 7.72 16.97
N ASP G 47 -32.67 8.82 17.56
CA ASP G 47 -31.45 9.49 17.13
C ASP G 47 -30.24 8.69 17.57
N ILE G 48 -29.32 8.45 16.64
CA ILE G 48 -28.07 7.74 16.89
C ILE G 48 -26.85 8.59 16.54
N LEU G 49 -27.03 9.90 16.35
CA LEU G 49 -25.95 10.83 16.10
C LEU G 49 -26.08 11.93 17.14
N GLU G 50 -25.01 12.16 17.90
CA GLU G 50 -25.11 13.09 19.03
C GLU G 50 -25.30 14.53 18.55
N LYS G 51 -24.55 14.94 17.54
CA LYS G 51 -24.64 16.26 16.91
C LYS G 51 -24.29 17.40 17.86
N THR G 52 -23.68 17.12 19.01
CA THR G 52 -23.41 18.13 20.02
C THR G 52 -22.14 17.76 20.78
N HIS G 53 -21.49 18.79 21.32
CA HIS G 53 -20.34 18.60 22.20
C HIS G 53 -20.31 19.77 23.17
N ASN G 54 -19.78 19.51 24.37
CA ASN G 54 -19.75 20.55 25.40
C ASN G 54 -18.76 21.67 25.10
N GLY G 55 -17.85 21.48 24.14
CA GLY G 55 -16.91 22.53 23.80
C GLY G 55 -15.84 22.77 24.83
N LYS G 56 -15.54 21.77 25.67
CA LYS G 56 -14.55 21.89 26.73
C LYS G 56 -13.80 20.58 26.84
N LEU G 57 -12.59 20.65 27.37
CA LEU G 57 -11.74 19.46 27.56
C LEU G 57 -11.98 18.91 28.96
N CYS G 58 -12.68 17.79 29.03
CA CYS G 58 -13.00 17.13 30.30
C CYS G 58 -11.95 16.08 30.63
N ASP G 59 -12.04 15.56 31.86
CA ASP G 59 -11.14 14.52 32.34
C ASP G 59 -11.58 13.17 31.80
N LEU G 60 -10.62 12.38 31.30
CA LEU G 60 -10.87 11.04 30.78
C LEU G 60 -10.55 10.01 31.86
N ASN G 61 -11.52 9.14 32.13
CA ASN G 61 -11.37 8.05 33.10
C ASN G 61 -11.03 8.55 34.50
N GLY G 62 -11.50 9.74 34.85
CA GLY G 62 -11.14 10.31 36.14
C GLY G 62 -9.68 10.63 36.29
N VAL G 63 -8.96 10.83 35.20
CA VAL G 63 -7.53 11.12 35.18
C VAL G 63 -7.34 12.41 34.42
N LYS G 64 -6.65 13.37 35.02
CA LYS G 64 -6.52 14.68 34.41
C LYS G 64 -5.65 14.56 33.15
N PRO G 65 -6.13 15.01 31.96
CA PRO G 65 -5.25 15.00 30.79
C PRO G 65 -4.07 15.94 30.94
N LEU G 66 -3.18 15.93 29.95
CA LEU G 66 -2.06 16.86 29.91
C LEU G 66 -2.50 18.07 29.10
N ILE G 67 -2.73 19.19 29.80
CA ILE G 67 -3.30 20.38 29.13
C ILE G 67 -2.29 20.98 28.18
N LEU G 68 -1.03 21.07 28.60
CA LEU G 68 0.13 21.52 27.81
C LEU G 68 -0.20 22.80 27.03
N LYS G 69 -0.51 23.85 27.78
CA LYS G 69 -0.87 25.12 27.17
C LYS G 69 0.34 25.77 26.48
N ASP G 70 0.16 26.13 25.21
CA ASP G 70 1.14 26.91 24.43
C ASP G 70 2.55 26.30 24.47
N CYS G 71 2.62 24.98 24.28
CA CYS G 71 3.89 24.28 24.20
C CYS G 71 3.79 23.17 23.17
N SER G 72 4.96 22.71 22.73
CA SER G 72 5.11 21.67 21.72
C SER G 72 5.57 20.38 22.37
N VAL G 73 5.23 19.25 21.74
CA VAL G 73 5.70 17.96 22.21
C VAL G 73 7.23 17.93 22.22
N ALA G 74 7.86 18.54 21.21
CA ALA G 74 9.31 18.70 21.24
C ALA G 74 9.75 19.76 22.25
N GLY G 75 8.87 20.69 22.58
CA GLY G 75 9.08 21.64 23.67
C GLY G 75 8.65 21.14 25.02
N TRP G 76 7.88 20.06 25.06
CA TRP G 76 7.50 19.39 26.30
C TRP G 76 8.54 18.37 26.74
N LEU G 77 8.89 17.43 25.86
CA LEU G 77 9.90 16.44 26.18
C LEU G 77 11.25 17.10 26.45
N LEU G 78 11.67 18.01 25.57
CA LEU G 78 12.79 18.90 25.86
C LEU G 78 12.19 20.13 26.53
N GLY G 79 12.41 20.25 27.84
CA GLY G 79 11.69 21.21 28.65
C GLY G 79 11.87 22.66 28.23
N ASN G 80 10.83 23.25 27.64
CA ASN G 80 10.93 24.59 27.09
C ASN G 80 10.77 25.60 28.22
N PRO G 81 11.81 26.38 28.61
CA PRO G 81 11.67 27.20 29.82
C PRO G 81 10.64 28.31 29.75
N MET G 82 10.25 28.76 28.55
CA MET G 82 9.26 29.81 28.45
C MET G 82 7.92 29.38 29.04
N CYS G 83 7.61 28.10 28.97
CA CYS G 83 6.45 27.50 29.65
C CYS G 83 6.86 26.10 30.09
N ASP G 84 7.31 25.99 31.34
CA ASP G 84 7.93 24.78 31.89
C ASP G 84 7.27 24.40 33.22
N GLU G 85 5.94 24.34 33.22
CA GLU G 85 5.18 23.86 34.37
C GLU G 85 5.08 22.33 34.33
N PHE G 86 6.25 21.68 34.28
CA PHE G 86 6.36 20.24 34.02
C PHE G 86 7.45 19.62 34.89
N ILE G 87 7.66 20.15 36.09
CA ILE G 87 8.59 19.51 37.02
C ILE G 87 8.08 18.14 37.42
N ARG G 88 6.79 18.05 37.74
CA ARG G 88 6.10 16.80 38.02
C ARG G 88 4.84 16.79 37.18
N VAL G 89 4.70 15.79 36.32
CA VAL G 89 3.54 15.60 35.46
C VAL G 89 2.80 14.35 35.94
N PRO G 90 1.48 14.41 36.17
CA PRO G 90 0.76 13.21 36.61
C PRO G 90 0.41 12.33 35.41
N GLU G 91 -0.31 11.25 35.67
CA GLU G 91 -0.83 10.43 34.60
C GLU G 91 -1.90 11.20 33.82
N TRP G 92 -1.98 10.92 32.51
CA TRP G 92 -2.95 11.53 31.62
C TRP G 92 -3.58 10.45 30.76
N SER G 93 -4.42 10.89 29.81
CA SER G 93 -4.99 10.03 28.79
C SER G 93 -4.80 10.56 27.37
N TYR G 94 -4.34 11.80 27.19
CA TYR G 94 -4.08 12.35 25.86
C TYR G 94 -3.31 13.65 26.00
N ILE G 95 -2.42 13.88 25.05
CA ILE G 95 -1.47 15.00 25.08
C ILE G 95 -2.03 16.09 24.17
N VAL G 96 -2.49 17.19 24.77
CA VAL G 96 -3.10 18.27 24.02
C VAL G 96 -2.02 19.22 23.49
N GLU G 97 -1.54 18.95 22.28
CA GLU G 97 -0.60 19.84 21.63
C GLU G 97 -1.33 21.07 21.08
N ARG G 98 -0.56 22.04 20.59
CA ARG G 98 -1.11 23.20 19.91
C ARG G 98 -1.23 22.92 18.41
N ASP G 99 -2.41 23.19 17.84
CA ASP G 99 -2.56 23.11 16.40
C ASP G 99 -1.68 24.13 15.70
N ASN G 100 -1.56 25.32 16.29
CA ASN G 100 -0.62 26.35 15.87
C ASN G 100 0.52 26.34 16.89
N PRO G 101 1.67 25.72 16.63
CA PRO G 101 2.70 25.62 17.67
C PRO G 101 3.28 26.98 18.05
N ALA G 102 3.10 27.33 19.32
CA ALA G 102 3.71 28.51 19.92
C ALA G 102 4.66 28.04 21.01
N ASN G 103 5.80 28.73 21.13
CA ASN G 103 6.89 28.28 21.99
C ASN G 103 7.33 26.86 21.60
N ASP G 104 7.41 26.62 20.30
CA ASP G 104 7.77 25.32 19.73
C ASP G 104 9.24 25.36 19.33
N LEU G 105 10.08 24.70 20.10
CA LEU G 105 11.50 24.50 19.78
C LEU G 105 12.18 25.85 19.55
N CYS G 106 12.29 26.59 20.66
CA CYS G 106 12.66 28.01 20.63
C CYS G 106 13.98 28.25 19.91
N TYR G 107 15.01 27.50 20.24
CA TYR G 107 16.16 27.41 19.36
C TYR G 107 15.74 26.51 18.18
N PRO G 108 15.70 27.00 16.94
CA PRO G 108 15.06 26.21 15.87
C PRO G 108 15.86 24.95 15.55
N GLY G 109 15.22 24.08 14.78
CA GLY G 109 15.85 22.82 14.42
C GLY G 109 14.81 21.82 13.96
N SER G 110 15.10 20.55 14.21
CA SER G 110 14.20 19.48 13.79
C SER G 110 14.50 18.23 14.63
N LEU G 111 13.53 17.82 15.44
CA LEU G 111 13.60 16.52 16.10
C LEU G 111 13.49 15.42 15.04
N ASN G 112 14.54 14.62 14.88
CA ASN G 112 14.50 13.54 13.92
C ASN G 112 13.45 12.51 14.35
N ASP G 113 12.62 12.09 13.40
CA ASP G 113 11.48 11.22 13.68
C ASP G 113 10.59 11.85 14.75
N TYR G 114 10.32 13.14 14.57
CA TYR G 114 9.38 13.85 15.44
C TYR G 114 8.02 13.17 15.44
N GLU G 115 7.56 12.76 14.28
CA GLU G 115 6.20 12.27 14.13
C GLU G 115 6.05 10.82 14.56
N GLU G 116 7.11 10.02 14.37
CA GLU G 116 7.11 8.66 14.89
C GLU G 116 7.30 8.64 16.41
N LEU G 117 7.99 9.64 16.95
CA LEU G 117 8.00 9.82 18.40
C LEU G 117 6.61 10.15 18.92
N LYS G 118 5.87 11.00 18.20
CA LYS G 118 4.49 11.27 18.57
C LYS G 118 3.63 10.01 18.53
N HIS G 119 3.87 9.14 17.54
CA HIS G 119 3.17 7.88 17.50
C HIS G 119 3.44 7.04 18.73
N LEU G 120 4.70 7.02 19.20
CA LEU G 120 5.00 6.36 20.46
C LEU G 120 4.27 7.01 21.62
N LEU G 121 4.27 8.34 21.67
CA LEU G 121 3.55 9.06 22.72
C LEU G 121 2.04 8.89 22.63
N SER G 122 1.52 8.35 21.52
CA SER G 122 0.15 7.87 21.44
C SER G 122 0.01 6.43 21.98
N ARG G 123 1.00 5.92 22.71
CA ARG G 123 0.92 4.63 23.39
C ARG G 123 1.34 4.66 24.85
N ILE G 124 1.95 5.76 25.32
CA ILE G 124 2.50 5.87 26.67
C ILE G 124 1.57 6.78 27.44
N ASN G 125 1.04 6.28 28.57
CA ASN G 125 0.09 7.02 29.39
C ASN G 125 0.70 7.66 30.64
N HIS G 126 1.97 7.43 30.92
CA HIS G 126 2.60 8.09 32.06
C HIS G 126 4.10 8.19 31.82
N PHE G 127 4.67 9.32 32.21
CA PHE G 127 6.09 9.62 32.06
C PHE G 127 6.65 9.95 33.43
N GLU G 128 7.79 9.36 33.78
CA GLU G 128 8.56 9.74 34.96
C GLU G 128 9.92 10.23 34.51
N LYS G 129 10.36 11.36 35.07
CA LYS G 129 11.58 12.03 34.62
C LYS G 129 12.74 11.57 35.47
N ILE G 130 13.28 10.40 35.13
CA ILE G 130 14.42 9.86 35.87
C ILE G 130 15.67 10.63 35.48
N LEU G 131 16.41 11.09 36.49
CA LEU G 131 17.65 11.85 36.32
C LEU G 131 18.81 10.88 36.06
N ILE G 132 18.75 10.21 34.91
CA ILE G 132 19.74 9.18 34.56
C ILE G 132 21.16 9.71 34.72
N ILE G 133 21.43 10.89 34.15
CA ILE G 133 22.69 11.59 34.27
C ILE G 133 22.47 12.80 35.17
N PRO G 134 23.18 12.95 36.29
CA PRO G 134 23.18 14.23 37.00
C PRO G 134 24.15 15.21 36.37
N LYS G 135 24.11 16.45 36.87
CA LYS G 135 24.91 17.51 36.27
C LYS G 135 26.35 17.55 36.78
N SER G 136 26.73 16.60 37.65
CA SER G 136 28.12 16.39 38.04
C SER G 136 28.78 15.29 37.22
N SER G 137 28.05 14.68 36.29
CA SER G 137 28.65 13.67 35.41
C SER G 137 29.68 14.28 34.47
N TRP G 138 29.40 15.47 33.93
CA TRP G 138 30.26 16.17 32.98
C TRP G 138 31.29 17.03 33.73
N PRO G 139 32.52 16.53 34.04
CA PRO G 139 33.38 17.32 34.91
C PRO G 139 34.32 18.31 34.20
N ASN G 140 34.52 18.16 32.89
CA ASN G 140 35.38 19.03 32.10
C ASN G 140 34.59 19.86 31.08
N HIS G 141 33.27 20.00 31.25
CA HIS G 141 32.45 20.81 30.36
C HIS G 141 31.49 21.70 31.16
N GLU G 142 31.38 22.95 30.73
CA GLU G 142 30.43 23.89 31.29
C GLU G 142 29.01 23.43 31.01
N THR G 143 28.24 23.16 32.07
CA THR G 143 26.94 22.50 31.92
C THR G 143 25.78 23.48 31.79
N SER G 144 25.58 24.34 32.80
CA SER G 144 24.40 25.20 32.88
C SER G 144 24.64 26.65 32.49
N LEU G 145 25.90 27.05 32.21
CA LEU G 145 26.24 28.45 31.95
C LEU G 145 26.34 28.76 30.45
N GLY G 146 25.79 27.89 29.59
CA GLY G 146 25.70 28.15 28.17
C GLY G 146 24.25 28.14 27.74
N VAL G 147 23.73 29.32 27.40
CA VAL G 147 22.31 29.55 27.11
C VAL G 147 22.17 30.21 25.74
N SER G 148 20.93 30.51 25.37
CA SER G 148 20.59 31.06 24.05
C SER G 148 19.55 32.16 24.23
N ALA G 149 19.67 33.21 23.41
CA ALA G 149 18.73 34.31 23.47
C ALA G 149 17.36 33.95 22.93
N ALA G 150 17.28 32.96 22.03
CA ALA G 150 15.99 32.59 21.44
C ALA G 150 15.04 31.92 22.42
N CYS G 151 15.51 31.50 23.59
CA CYS G 151 14.72 30.77 24.58
C CYS G 151 14.65 31.59 25.87
N PRO G 152 13.68 32.51 26.00
CA PRO G 152 13.68 33.40 27.16
C PRO G 152 12.88 32.86 28.34
N TYR G 153 13.45 33.06 29.54
CA TYR G 153 12.75 32.80 30.79
C TYR G 153 13.26 33.79 31.82
N GLN G 154 12.33 34.33 32.62
CA GLN G 154 12.65 35.35 33.62
C GLN G 154 13.25 36.59 32.95
N GLY G 155 12.84 36.86 31.71
CA GLY G 155 13.45 37.93 30.95
C GLY G 155 14.93 37.74 30.71
N ALA G 156 15.40 36.49 30.64
CA ALA G 156 16.82 36.18 30.49
C ALA G 156 16.96 34.95 29.62
N PRO G 157 18.16 34.72 29.02
CA PRO G 157 18.37 33.55 28.14
C PRO G 157 18.50 32.25 28.93
N SER G 158 17.46 31.41 28.86
CA SER G 158 17.47 30.09 29.49
C SER G 158 17.26 29.01 28.43
N PHE G 159 18.21 28.09 28.33
CA PHE G 159 18.16 26.96 27.41
C PHE G 159 17.21 25.90 27.99
N PHE G 160 16.88 24.89 27.16
CA PHE G 160 16.09 23.75 27.62
C PHE G 160 16.71 23.12 28.86
N ARG G 161 15.86 22.60 29.73
CA ARG G 161 16.26 22.12 31.05
C ARG G 161 16.32 20.59 31.14
N ASN G 162 16.00 19.88 30.05
CA ASN G 162 16.12 18.42 30.00
C ASN G 162 17.26 17.94 29.11
N VAL G 163 18.15 18.84 28.68
CA VAL G 163 19.29 18.52 27.82
C VAL G 163 20.31 19.64 28.00
N VAL G 164 21.58 19.26 28.05
CA VAL G 164 22.67 20.19 28.32
C VAL G 164 23.23 20.71 26.99
N TRP G 165 23.32 22.03 26.86
CA TRP G 165 24.05 22.66 25.76
C TRP G 165 25.51 22.73 26.17
N LEU G 166 26.26 21.68 25.85
CA LEU G 166 27.68 21.66 26.18
C LEU G 166 28.42 22.73 25.40
N ILE G 167 29.60 23.10 25.91
CA ILE G 167 30.42 24.15 25.32
C ILE G 167 31.84 23.97 25.84
N LYS G 168 32.81 24.54 25.13
CA LYS G 168 34.21 24.43 25.51
C LYS G 168 34.44 24.98 26.91
N LYS G 169 35.15 24.21 27.73
CA LYS G 169 35.57 24.62 29.06
C LYS G 169 37.09 24.49 29.15
N ASP G 170 37.73 25.51 29.74
CA ASP G 170 39.18 25.55 29.90
C ASP G 170 39.89 25.41 28.56
N ASP G 171 39.36 26.12 27.55
CA ASP G 171 39.87 26.14 26.17
C ASP G 171 40.14 24.74 25.62
N ALA G 172 39.24 23.80 25.93
CA ALA G 172 39.38 22.43 25.45
C ALA G 172 38.03 21.74 25.50
N TYR G 173 37.91 20.67 24.72
CA TYR G 173 36.74 19.81 24.67
C TYR G 173 37.19 18.36 24.77
N PRO G 174 37.08 17.71 25.92
CA PRO G 174 37.27 16.27 25.98
C PRO G 174 36.18 15.49 25.27
N THR G 175 36.51 14.23 24.97
CA THR G 175 35.57 13.30 24.35
C THR G 175 34.64 12.72 25.42
N ILE G 176 33.35 12.67 25.09
CA ILE G 176 32.31 12.43 26.10
C ILE G 176 32.45 11.04 26.70
N LYS G 177 32.45 10.00 25.85
CA LYS G 177 32.59 8.58 26.22
C LYS G 177 31.84 8.20 27.50
N ILE G 178 30.52 8.44 27.50
CA ILE G 178 29.65 8.12 28.63
C ILE G 178 28.72 6.98 28.23
N SER G 179 28.62 5.97 29.09
CA SER G 179 27.75 4.82 28.89
C SER G 179 26.83 4.71 30.09
N TYR G 180 25.54 4.49 29.82
CA TYR G 180 24.53 4.27 30.85
C TYR G 180 23.97 2.86 30.67
N ASN G 181 23.47 2.29 31.78
CA ASN G 181 22.80 1.00 31.79
C ASN G 181 21.37 1.16 32.26
N ASN G 182 20.43 0.61 31.49
CA ASN G 182 19.00 0.68 31.82
C ASN G 182 18.70 -0.41 32.85
N THR G 183 19.05 -0.13 34.10
CA THR G 183 18.82 -1.03 35.21
C THR G 183 17.46 -0.84 35.87
N ASN G 184 16.61 0.04 35.33
CA ASN G 184 15.32 0.34 35.93
C ASN G 184 14.22 -0.64 35.54
N ARG G 185 14.52 -1.67 34.74
CA ARG G 185 13.58 -2.68 34.27
C ARG G 185 12.51 -2.13 33.33
N GLU G 186 12.63 -0.88 32.88
CA GLU G 186 11.70 -0.27 31.94
C GLU G 186 12.50 0.58 30.96
N ASP G 187 11.82 0.99 29.89
CA ASP G 187 12.42 1.86 28.90
C ASP G 187 12.80 3.21 29.53
N LEU G 188 13.54 4.02 28.76
CA LEU G 188 14.00 5.33 29.23
C LEU G 188 13.77 6.48 28.26
N LEU G 189 13.56 6.22 26.97
CA LEU G 189 13.25 7.25 25.98
C LEU G 189 14.30 8.35 25.95
N ILE G 190 15.53 7.96 25.58
CA ILE G 190 16.65 8.88 25.67
C ILE G 190 16.49 9.97 24.62
N LEU G 191 17.04 11.16 24.92
CA LEU G 191 16.99 12.31 24.03
C LEU G 191 18.40 12.90 23.93
N TRP G 192 18.73 13.42 22.75
CA TRP G 192 19.98 14.14 22.57
C TRP G 192 19.87 14.97 21.29
N GLY G 193 20.98 15.52 20.83
CA GLY G 193 20.93 16.31 19.62
C GLY G 193 22.30 16.75 19.17
N ILE G 194 22.32 17.44 18.04
CA ILE G 194 23.53 18.00 17.44
C ILE G 194 23.24 19.45 17.07
N HIS G 195 24.17 20.34 17.39
CA HIS G 195 24.03 21.76 17.14
C HIS G 195 24.66 22.09 15.79
N HIS G 196 23.84 22.43 14.81
CA HIS G 196 24.33 22.91 13.52
C HIS G 196 24.67 24.39 13.64
N SER G 197 25.96 24.70 13.61
CA SER G 197 26.41 26.07 13.86
C SER G 197 26.20 26.93 12.61
N ASN G 198 26.32 28.25 12.80
CA ASN G 198 26.14 29.17 11.69
C ASN G 198 27.31 29.09 10.71
N ASN G 199 28.52 28.90 11.21
CA ASN G 199 29.71 28.88 10.36
C ASN G 199 30.85 28.25 11.16
N ALA G 200 32.05 28.28 10.60
CA ALA G 200 33.20 27.67 11.26
C ALA G 200 33.61 28.44 12.51
N GLU G 201 33.46 29.77 12.50
CA GLU G 201 33.89 30.56 13.65
C GLU G 201 33.03 30.28 14.87
N GLU G 202 31.72 30.07 14.68
CA GLU G 202 30.88 29.63 15.79
C GLU G 202 31.32 28.28 16.31
N GLN G 203 31.74 27.38 15.41
CA GLN G 203 32.27 26.10 15.83
C GLN G 203 33.47 26.27 16.75
N THR G 204 34.47 27.06 16.31
CA THR G 204 35.68 27.22 17.10
C THR G 204 35.42 27.94 18.42
N ASN G 205 34.53 28.93 18.42
CA ASN G 205 34.27 29.68 19.65
C ASN G 205 33.49 28.86 20.66
N LEU G 206 32.68 27.91 20.19
CA LEU G 206 31.89 27.04 21.06
C LEU G 206 32.59 25.73 21.37
N TYR G 207 33.19 25.09 20.36
CA TYR G 207 33.83 23.79 20.50
C TYR G 207 35.26 23.88 19.99
N LYS G 208 36.20 23.33 20.77
CA LYS G 208 37.61 23.47 20.41
C LYS G 208 37.99 22.66 19.17
N ASN G 209 37.11 21.77 18.68
CA ASN G 209 37.43 20.88 17.57
C ASN G 209 36.63 21.29 16.34
N PRO G 210 37.23 21.56 15.18
CA PRO G 210 36.40 21.85 14.00
C PRO G 210 35.72 20.62 13.42
N THR G 211 36.43 19.50 13.30
CA THR G 211 35.89 18.27 12.74
C THR G 211 35.33 17.44 13.89
N THR G 212 34.01 17.52 14.08
CA THR G 212 33.33 16.93 15.21
C THR G 212 32.42 15.79 14.74
N TYR G 213 32.19 14.83 15.63
CA TYR G 213 31.31 13.70 15.38
C TYR G 213 30.58 13.37 16.67
N ILE G 214 29.35 12.86 16.52
CA ILE G 214 28.56 12.34 17.64
C ILE G 214 28.25 10.89 17.32
N SER G 215 28.96 9.97 17.97
CA SER G 215 28.69 8.55 17.85
C SER G 215 27.72 8.11 18.94
N VAL G 216 26.74 7.31 18.55
CA VAL G 216 25.76 6.74 19.47
C VAL G 216 25.67 5.25 19.17
N GLY G 217 25.77 4.43 20.21
CA GLY G 217 25.73 2.99 20.09
C GLY G 217 24.77 2.32 21.05
N THR G 218 23.80 1.59 20.48
CA THR G 218 22.88 0.77 21.25
C THR G 218 22.69 -0.53 20.45
N SER G 219 22.19 -1.56 21.12
CA SER G 219 21.75 -2.73 20.37
C SER G 219 20.62 -2.32 19.45
N THR G 220 20.76 -2.68 18.16
CA THR G 220 19.81 -2.35 17.10
C THR G 220 19.88 -0.88 16.69
N LEU G 221 20.94 -0.14 17.03
CA LEU G 221 21.07 1.23 16.57
C LEU G 221 22.52 1.67 16.61
N ASN G 222 23.03 2.14 15.47
CA ASN G 222 24.33 2.78 15.38
C ASN G 222 24.16 4.09 14.60
N GLN G 223 24.77 5.17 15.10
CA GLN G 223 24.73 6.46 14.44
C GLN G 223 26.07 7.16 14.60
N ARG G 224 26.47 7.90 13.56
CA ARG G 224 27.68 8.74 13.60
C ARG G 224 27.32 10.07 12.95
N LEU G 225 26.80 11.00 13.75
CA LEU G 225 26.31 12.27 13.24
C LEU G 225 27.44 13.28 13.11
N VAL G 226 27.49 13.97 11.97
CA VAL G 226 28.47 15.02 11.70
C VAL G 226 27.68 16.33 11.54
N PRO G 227 28.16 17.47 12.01
CA PRO G 227 27.36 18.71 11.85
C PRO G 227 27.45 19.28 10.44
N LYS G 228 26.30 19.60 9.87
CA LYS G 228 26.20 20.29 8.59
C LYS G 228 26.37 21.79 8.84
N ILE G 229 27.63 22.21 8.96
CA ILE G 229 27.93 23.61 9.17
C ILE G 229 27.66 24.37 7.88
N ALA G 230 26.84 25.40 7.95
CA ALA G 230 26.47 26.14 6.75
C ALA G 230 25.85 27.48 7.14
N THR G 231 25.95 28.45 6.23
CA THR G 231 25.20 29.69 6.38
C THR G 231 23.73 29.42 6.15
N ARG G 232 22.89 30.00 7.01
CA ARG G 232 21.46 29.72 7.00
C ARG G 232 20.69 30.97 7.40
N SER G 233 19.41 31.00 7.03
CA SER G 233 18.57 32.15 7.30
C SER G 233 18.29 32.27 8.79
N GLN G 234 17.74 33.43 9.17
CA GLN G 234 17.47 33.76 10.56
C GLN G 234 16.06 33.30 10.93
N VAL G 235 15.97 32.33 11.84
CA VAL G 235 14.71 31.85 12.39
C VAL G 235 14.80 31.99 13.90
N ASN G 236 13.84 32.69 14.48
CA ASN G 236 13.80 32.94 15.94
C ASN G 236 15.08 33.61 16.41
N GLY G 237 15.61 34.52 15.61
CA GLY G 237 16.79 35.30 15.99
C GLY G 237 18.12 34.68 15.67
N GLN G 238 18.29 33.39 15.98
CA GLN G 238 19.57 32.71 15.86
C GLN G 238 19.70 32.07 14.48
N ARG G 239 20.84 32.26 13.84
CA ARG G 239 21.14 31.66 12.54
C ARG G 239 21.85 30.31 12.71
N GLY G 240 21.25 29.45 13.53
CA GLY G 240 21.75 28.10 13.74
C GLY G 240 20.57 27.19 13.96
N ARG G 241 20.85 25.89 14.05
CA ARG G 241 19.81 24.89 14.23
C ARG G 241 20.30 23.85 15.23
N MET G 242 19.36 23.02 15.69
CA MET G 242 19.67 21.90 16.57
C MET G 242 18.84 20.70 16.14
N ASP G 243 19.48 19.72 15.51
CA ASP G 243 18.82 18.48 15.13
C ASP G 243 18.81 17.57 16.34
N PHE G 244 17.63 17.35 16.92
CA PHE G 244 17.48 16.52 18.10
C PHE G 244 17.16 15.09 17.68
N PHE G 245 17.69 14.14 18.43
CA PHE G 245 17.54 12.71 18.16
C PHE G 245 17.14 12.00 19.45
N TRP G 246 16.67 10.77 19.30
CA TRP G 246 16.14 10.02 20.43
C TRP G 246 16.22 8.54 20.12
N THR G 247 15.97 7.73 21.14
CA THR G 247 15.82 6.28 20.97
C THR G 247 14.97 5.75 22.12
N ILE G 248 14.78 4.44 22.14
CA ILE G 248 14.16 3.73 23.25
C ILE G 248 15.15 2.67 23.70
N LEU G 249 15.62 2.78 24.94
CA LEU G 249 16.64 1.90 25.49
C LEU G 249 15.95 0.82 26.32
N LYS G 250 16.00 -0.42 25.82
CA LYS G 250 15.29 -1.51 26.45
C LYS G 250 15.94 -1.86 27.79
N PRO G 251 15.23 -2.54 28.69
CA PRO G 251 15.86 -2.95 29.95
C PRO G 251 17.04 -3.87 29.71
N ASP G 252 18.10 -3.66 30.50
CA ASP G 252 19.42 -4.27 30.41
C ASP G 252 20.20 -3.86 29.16
N ASP G 253 19.68 -2.94 28.34
CA ASP G 253 20.42 -2.37 27.23
C ASP G 253 21.23 -1.18 27.73
N ALA G 254 22.21 -0.78 26.95
CA ALA G 254 23.14 0.29 27.33
C ALA G 254 23.32 1.27 26.19
N ILE G 255 22.94 2.53 26.44
CA ILE G 255 23.25 3.61 25.52
C ILE G 255 24.73 3.94 25.65
N HIS G 256 25.36 4.25 24.52
CA HIS G 256 26.79 4.55 24.48
C HIS G 256 26.97 5.82 23.65
N PHE G 257 27.08 6.96 24.33
CA PHE G 257 27.34 8.22 23.67
C PHE G 257 28.84 8.46 23.57
N GLU G 258 29.22 9.18 22.53
CA GLU G 258 30.60 9.63 22.36
C GLU G 258 30.57 10.84 21.45
N SER G 259 31.32 11.87 21.82
CA SER G 259 31.39 13.07 20.98
C SER G 259 32.52 13.98 21.39
N ASN G 260 33.30 14.46 20.42
CA ASN G 260 34.26 15.53 20.61
C ASN G 260 33.72 16.88 20.14
N GLY G 261 32.40 17.04 20.10
CA GLY G 261 31.82 18.30 19.68
C GLY G 261 30.33 18.29 19.40
N ASN G 262 29.71 19.47 19.52
CA ASN G 262 28.32 19.73 19.15
C ASN G 262 27.33 18.83 19.89
N PHE G 263 27.69 18.30 21.04
CA PHE G 263 26.90 17.28 21.72
C PHE G 263 25.88 17.96 22.62
N ILE G 264 24.61 17.93 22.24
CA ILE G 264 23.53 18.37 23.11
C ILE G 264 23.26 17.24 24.09
N ALA G 265 23.92 17.29 25.23
CA ALA G 265 23.97 16.15 26.12
C ALA G 265 22.62 15.92 26.81
N PRO G 266 22.32 14.68 27.21
CA PRO G 266 21.12 14.43 28.02
C PRO G 266 21.34 14.72 29.50
N GLU G 267 20.28 15.23 30.13
CA GLU G 267 20.25 15.52 31.55
C GLU G 267 19.02 14.94 32.22
N TYR G 268 18.02 14.50 31.46
CA TYR G 268 16.77 13.95 31.96
C TYR G 268 16.30 12.93 30.93
N ALA G 269 15.95 11.74 31.39
CA ALA G 269 15.35 10.72 30.55
C ALA G 269 13.95 10.43 31.09
N TYR G 270 13.15 9.80 30.25
CA TYR G 270 11.72 9.64 30.50
C TYR G 270 11.40 8.14 30.49
N LYS G 271 11.25 7.56 31.66
CA LYS G 271 10.97 6.14 31.77
C LYS G 271 9.47 5.88 31.70
N ILE G 272 9.10 4.86 30.96
CA ILE G 272 7.70 4.48 30.78
C ILE G 272 7.29 3.58 31.95
N VAL G 273 6.32 4.04 32.73
CA VAL G 273 5.76 3.29 33.84
C VAL G 273 4.48 2.56 33.42
N LYS G 274 3.66 3.22 32.59
CA LYS G 274 2.39 2.67 32.13
C LYS G 274 2.29 2.87 30.63
N LYS G 275 1.61 1.94 29.97
CA LYS G 275 1.36 1.99 28.53
C LYS G 275 -0.13 1.74 28.28
N GLY G 276 -0.56 2.08 27.06
CA GLY G 276 -1.94 1.85 26.67
C GLY G 276 -2.35 2.65 25.45
N ASP G 277 -3.50 3.30 25.53
CA ASP G 277 -4.09 4.05 24.43
C ASP G 277 -3.98 5.54 24.72
N SER G 278 -3.47 6.30 23.73
CA SER G 278 -3.42 7.74 23.82
C SER G 278 -3.35 8.31 22.41
N THR G 279 -3.74 9.57 22.28
CA THR G 279 -3.65 10.31 21.02
C THR G 279 -3.22 11.73 21.33
N ILE G 280 -2.39 12.30 20.47
CA ILE G 280 -1.88 13.66 20.65
C ILE G 280 -2.85 14.58 19.93
N MET G 281 -3.88 15.03 20.64
CA MET G 281 -4.79 16.03 20.11
C MET G 281 -4.08 17.37 19.98
N LYS G 282 -4.70 18.28 19.21
CA LYS G 282 -4.06 19.52 18.79
C LYS G 282 -4.86 20.78 19.08
N SER G 283 -6.14 20.68 19.45
CA SER G 283 -7.02 21.83 19.60
C SER G 283 -7.56 21.90 21.03
N GLY G 284 -7.78 23.13 21.49
CA GLY G 284 -8.33 23.38 22.82
C GLY G 284 -9.83 23.58 22.79
N TYR G 287 -9.16 24.39 29.18
CA TYR G 287 -9.40 23.14 29.89
C TYR G 287 -10.70 23.23 30.68
N GLY G 288 -11.46 22.14 30.69
CA GLY G 288 -12.73 22.06 31.41
C GLY G 288 -12.59 21.19 32.65
N HIS G 289 -13.22 21.65 33.73
CA HIS G 289 -13.27 20.91 35.00
C HIS G 289 -14.52 20.05 34.97
N CYS G 290 -14.35 18.80 34.51
CA CYS G 290 -15.46 17.90 34.23
C CYS G 290 -14.88 16.55 33.86
N ASN G 291 -15.76 15.54 33.80
CA ASN G 291 -15.38 14.16 33.55
C ASN G 291 -16.15 13.63 32.34
N THR G 292 -15.46 12.84 31.51
CA THR G 292 -16.03 12.36 30.25
C THR G 292 -15.46 10.99 29.94
N LYS G 293 -16.33 10.09 29.46
CA LYS G 293 -15.87 8.78 29.01
C LYS G 293 -15.19 8.85 27.65
N CYS G 294 -15.54 9.85 26.82
CA CYS G 294 -14.94 10.05 25.52
C CYS G 294 -14.61 11.52 25.33
N GLN G 295 -13.67 11.79 24.43
CA GLN G 295 -13.21 13.15 24.18
C GLN G 295 -12.85 13.32 22.70
N THR G 296 -13.07 14.54 22.20
CA THR G 296 -12.67 14.98 20.88
C THR G 296 -11.91 16.28 21.03
N PRO G 297 -11.24 16.75 19.96
CA PRO G 297 -10.45 18.00 20.10
C PRO G 297 -11.28 19.22 20.46
N VAL G 298 -12.38 19.47 19.75
CA VAL G 298 -13.13 20.70 19.97
C VAL G 298 -13.81 20.69 21.33
N GLY G 299 -14.30 19.53 21.76
CA GLY G 299 -14.98 19.45 23.05
C GLY G 299 -15.22 18.01 23.45
N ALA G 300 -15.72 17.85 24.67
CA ALA G 300 -15.98 16.53 25.23
C ALA G 300 -17.35 16.03 24.79
N ILE G 301 -17.47 14.71 24.70
CA ILE G 301 -18.70 14.04 24.29
C ILE G 301 -18.95 12.84 25.20
N ASN G 302 -20.03 12.89 25.97
CA ASN G 302 -20.48 11.75 26.76
C ASN G 302 -21.93 11.49 26.39
N SER G 303 -22.20 10.30 25.85
CA SER G 303 -23.54 9.89 25.47
C SER G 303 -23.47 8.45 24.97
N SER G 304 -24.63 7.78 24.95
CA SER G 304 -24.74 6.42 24.46
C SER G 304 -24.90 6.33 22.94
N MET G 305 -24.72 7.43 22.21
CA MET G 305 -24.95 7.40 20.76
C MET G 305 -23.87 6.56 20.09
N PRO G 306 -24.21 5.60 19.20
CA PRO G 306 -23.16 4.88 18.47
C PRO G 306 -22.28 5.75 17.60
N PHE G 307 -22.82 6.81 17.00
CA PHE G 307 -22.12 7.65 16.04
C PHE G 307 -21.91 9.06 16.60
N HIS G 308 -21.13 9.84 15.85
CA HIS G 308 -20.84 11.22 16.18
C HIS G 308 -20.30 11.90 14.92
N ASN G 309 -20.54 13.21 14.81
CA ASN G 309 -20.16 13.99 13.64
C ASN G 309 -19.18 15.11 13.98
N ILE G 310 -18.50 15.02 15.12
CA ILE G 310 -17.68 16.12 15.60
C ILE G 310 -16.32 16.14 14.89
N HIS G 311 -15.54 15.08 15.03
CA HIS G 311 -14.16 15.08 14.55
C HIS G 311 -13.72 13.63 14.31
N PRO G 312 -12.75 13.39 13.42
CA PRO G 312 -12.21 12.02 13.30
C PRO G 312 -11.57 11.49 14.56
N LEU G 313 -10.60 12.22 15.12
CA LEU G 313 -9.78 11.70 16.22
C LEU G 313 -10.59 11.76 17.51
N THR G 314 -10.81 10.60 18.13
CA THR G 314 -11.51 10.49 19.40
C THR G 314 -10.76 9.51 20.29
N ILE G 315 -10.68 9.84 21.58
CA ILE G 315 -9.95 9.06 22.57
C ILE G 315 -10.92 8.66 23.67
N GLY G 316 -10.92 7.37 24.02
CA GLY G 316 -11.84 6.78 24.97
C GLY G 316 -12.77 5.78 24.30
N GLU G 317 -13.66 5.22 25.12
CA GLU G 317 -14.71 4.33 24.62
C GLU G 317 -15.74 5.22 23.93
N CYS G 318 -15.46 5.56 22.68
CA CYS G 318 -16.10 6.65 21.98
C CYS G 318 -17.16 6.15 21.02
N PRO G 319 -17.97 7.07 20.45
CA PRO G 319 -18.75 6.70 19.26
C PRO G 319 -17.85 6.61 18.04
N LYS G 320 -18.43 6.41 16.86
CA LYS G 320 -17.69 6.22 15.62
C LYS G 320 -18.01 7.35 14.65
N TYR G 321 -16.98 7.99 14.11
CA TYR G 321 -17.19 9.13 13.24
C TYR G 321 -17.84 8.70 11.93
N VAL G 322 -18.72 9.55 11.41
CA VAL G 322 -19.48 9.26 10.19
C VAL G 322 -19.31 10.37 9.16
N LYS G 323 -19.05 11.61 9.59
CA LYS G 323 -19.03 12.77 8.70
C LYS G 323 -20.38 12.93 8.00
N SER G 324 -21.40 13.18 8.79
CA SER G 324 -22.75 13.43 8.28
C SER G 324 -23.54 14.12 9.38
N ASN G 325 -24.83 14.35 9.11
CA ASN G 325 -25.68 15.15 10.00
C ASN G 325 -27.08 14.58 10.21
N LYS G 326 -27.43 13.44 9.60
CA LYS G 326 -28.77 12.88 9.75
C LYS G 326 -28.66 11.36 9.64
N LEU G 327 -28.52 10.71 10.79
CA LEU G 327 -28.49 9.25 10.90
C LEU G 327 -29.66 8.72 11.73
N VAL G 328 -30.70 9.54 11.93
CA VAL G 328 -31.74 9.23 12.89
C VAL G 328 -32.48 7.99 12.39
N LEU G 329 -32.21 6.84 13.01
CA LEU G 329 -32.83 5.61 12.57
C LEU G 329 -34.29 5.62 12.97
N ALA G 330 -35.11 4.95 12.17
CA ALA G 330 -36.55 4.97 12.35
C ALA G 330 -37.00 3.72 13.06
N THR G 331 -37.48 3.88 14.30
CA THR G 331 -38.06 2.82 15.08
C THR G 331 -39.58 2.97 15.13
N GLY G 332 -40.15 3.86 14.33
CA GLY G 332 -41.55 4.21 14.42
C GLY G 332 -42.36 3.73 13.24
N LEU G 333 -43.64 3.46 13.52
CA LEU G 333 -44.55 2.99 12.49
C LEU G 333 -44.73 4.04 11.38
N ARG G 334 -44.91 5.30 11.77
CA ARG G 334 -45.07 6.46 10.86
C ARG G 334 -45.25 7.69 11.76
N LEU H 2 -44.48 -0.61 0.99
CA LEU H 2 -44.46 -1.63 -0.06
C LEU H 2 -45.80 -2.36 -0.07
N PHE H 3 -46.16 -2.97 1.07
CA PHE H 3 -47.47 -3.59 1.19
C PHE H 3 -48.60 -2.59 1.17
N GLY H 4 -48.34 -1.33 1.49
CA GLY H 4 -49.34 -0.28 1.35
C GLY H 4 -50.53 -0.42 2.28
N ALA H 5 -50.28 -0.67 3.57
CA ALA H 5 -51.26 -0.50 4.62
C ALA H 5 -51.03 0.79 5.39
N ILE H 6 -49.79 1.03 5.81
CA ILE H 6 -49.42 2.30 6.40
C ILE H 6 -49.55 3.39 5.35
N ALA H 7 -50.46 4.34 5.58
CA ALA H 7 -50.78 5.41 4.64
C ALA H 7 -51.38 4.87 3.33
N GLY H 8 -51.89 3.64 3.35
CA GLY H 8 -52.52 3.03 2.19
C GLY H 8 -54.01 2.88 2.41
N PHE H 9 -54.47 1.64 2.64
CA PHE H 9 -55.86 1.41 2.98
C PHE H 9 -56.19 1.71 4.43
N ILE H 10 -55.18 1.95 5.28
CA ILE H 10 -55.39 2.60 6.57
C ILE H 10 -55.20 4.09 6.35
N GLU H 11 -56.29 4.86 6.51
CA GLU H 11 -56.26 6.28 6.19
C GLU H 11 -55.29 7.06 7.09
N GLY H 12 -55.28 6.75 8.38
CA GLY H 12 -54.39 7.44 9.29
C GLY H 12 -54.31 6.76 10.63
N GLY H 13 -53.21 7.02 11.34
CA GLY H 13 -53.01 6.46 12.65
C GLY H 13 -53.79 7.18 13.73
N TRP H 14 -54.22 6.41 14.74
CA TRP H 14 -54.99 6.96 15.82
C TRP H 14 -54.07 7.66 16.81
N GLN H 15 -54.54 8.76 17.38
CA GLN H 15 -53.85 9.43 18.48
C GLN H 15 -54.39 9.02 19.85
N GLY H 16 -55.59 8.45 19.91
CA GLY H 16 -56.11 8.00 21.18
C GLY H 16 -55.31 6.87 21.79
N MET H 17 -54.93 5.88 20.97
CA MET H 17 -54.11 4.78 21.47
C MET H 17 -52.72 5.30 21.78
N VAL H 18 -52.21 4.94 22.96
CA VAL H 18 -50.89 5.35 23.43
C VAL H 18 -50.02 4.13 23.70
N ASP H 19 -50.65 3.00 24.08
CA ASP H 19 -49.92 1.77 24.35
C ASP H 19 -49.87 0.90 23.10
N GLY H 20 -48.66 0.48 22.74
CA GLY H 20 -48.49 -0.44 21.63
C GLY H 20 -48.55 0.22 20.27
N TRP H 21 -47.62 -0.14 19.39
CA TRP H 21 -47.63 0.37 18.03
C TRP H 21 -48.86 -0.09 17.27
N TYR H 22 -49.27 -1.34 17.47
CA TYR H 22 -50.38 -1.95 16.76
C TYR H 22 -51.50 -2.24 17.75
N GLY H 23 -52.74 -2.00 17.34
CA GLY H 23 -53.84 -2.26 18.24
C GLY H 23 -55.17 -2.22 17.50
N TYR H 24 -56.22 -2.45 18.28
CA TYR H 24 -57.60 -2.53 17.78
C TYR H 24 -58.43 -1.45 18.44
N HIS H 25 -59.17 -0.70 17.62
CA HIS H 25 -60.19 0.24 18.11
C HIS H 25 -61.50 -0.53 18.24
N HIS H 26 -61.60 -1.29 19.33
CA HIS H 26 -62.80 -2.09 19.55
C HIS H 26 -64.00 -1.19 19.80
N SER H 27 -65.06 -1.41 19.03
CA SER H 27 -66.29 -0.63 19.07
C SER H 27 -67.46 -1.60 19.25
N ASN H 28 -67.93 -1.74 20.49
CA ASN H 28 -68.93 -2.72 20.86
C ASN H 28 -70.01 -2.02 21.69
N GLU H 29 -71.16 -2.69 21.84
CA GLU H 29 -72.22 -2.17 22.70
C GLU H 29 -71.72 -2.03 24.14
N GLN H 30 -70.93 -3.00 24.60
CA GLN H 30 -70.34 -2.98 25.94
C GLN H 30 -69.08 -2.09 25.97
N GLY H 31 -69.26 -0.84 25.58
CA GLY H 31 -68.19 0.13 25.57
C GLY H 31 -67.37 0.08 24.30
N SER H 32 -66.60 1.15 24.09
CA SER H 32 -65.67 1.25 22.98
C SER H 32 -64.39 1.91 23.48
N GLY H 33 -63.29 1.61 22.82
CA GLY H 33 -62.03 2.21 23.18
C GLY H 33 -60.91 1.74 22.29
N TYR H 34 -59.69 1.85 22.81
CA TYR H 34 -58.47 1.48 22.12
C TYR H 34 -57.74 0.40 22.90
N ALA H 35 -57.23 -0.61 22.19
CA ALA H 35 -56.50 -1.72 22.79
C ALA H 35 -55.17 -1.88 22.10
N ALA H 36 -54.44 -2.95 22.41
CA ALA H 36 -53.14 -3.21 21.80
C ALA H 36 -52.90 -4.71 21.75
N ASP H 37 -52.72 -5.24 20.55
CA ASP H 37 -52.35 -6.64 20.40
C ASP H 37 -50.89 -6.78 20.77
N LYS H 38 -50.61 -6.97 22.07
CA LYS H 38 -49.24 -6.88 22.54
C LYS H 38 -48.37 -8.07 22.16
N GLU H 39 -48.95 -9.16 21.63
CA GLU H 39 -48.12 -10.25 21.14
C GLU H 39 -47.39 -9.85 19.86
N SER H 40 -48.14 -9.41 18.85
CA SER H 40 -47.52 -8.95 17.60
C SER H 40 -46.67 -7.71 17.85
N THR H 41 -47.14 -6.79 18.69
CA THR H 41 -46.37 -5.60 18.99
C THR H 41 -45.08 -5.96 19.72
N GLN H 42 -45.13 -6.93 20.62
CA GLN H 42 -43.92 -7.35 21.31
C GLN H 42 -42.94 -8.02 20.36
N LYS H 43 -43.46 -8.81 19.40
CA LYS H 43 -42.58 -9.37 18.38
C LYS H 43 -41.92 -8.27 17.56
N ALA H 44 -42.68 -7.24 17.20
CA ALA H 44 -42.11 -6.14 16.44
C ALA H 44 -41.09 -5.36 17.26
N ILE H 45 -41.36 -5.15 18.54
CA ILE H 45 -40.43 -4.42 19.39
C ILE H 45 -39.15 -5.22 19.59
N ASP H 46 -39.28 -6.54 19.75
CA ASP H 46 -38.08 -7.38 19.82
C ASP H 46 -37.31 -7.35 18.52
N GLY H 47 -38.02 -7.32 17.38
CA GLY H 47 -37.35 -7.23 16.10
C GLY H 47 -36.60 -5.93 15.94
N VAL H 48 -37.22 -4.82 16.33
CA VAL H 48 -36.55 -3.52 16.22
C VAL H 48 -35.40 -3.42 17.20
N THR H 49 -35.56 -3.98 18.40
CA THR H 49 -34.48 -3.97 19.38
C THR H 49 -33.30 -4.79 18.88
N ASN H 50 -33.57 -5.96 18.29
CA ASN H 50 -32.49 -6.75 17.70
C ASN H 50 -31.90 -6.04 16.49
N LYS H 51 -32.70 -5.28 15.73
CA LYS H 51 -32.18 -4.51 14.62
C LYS H 51 -31.18 -3.46 15.11
N VAL H 52 -31.56 -2.69 16.12
CA VAL H 52 -30.67 -1.66 16.66
C VAL H 52 -29.44 -2.31 17.29
N ASN H 53 -29.64 -3.41 18.03
CA ASN H 53 -28.53 -4.09 18.68
C ASN H 53 -27.54 -4.64 17.66
N SER H 54 -28.05 -5.23 16.58
CA SER H 54 -27.17 -5.76 15.55
C SER H 54 -26.47 -4.62 14.80
N ILE H 55 -27.18 -3.51 14.57
CA ILE H 55 -26.57 -2.38 13.88
C ILE H 55 -25.39 -1.84 14.69
N ILE H 56 -25.58 -1.65 15.99
CA ILE H 56 -24.47 -1.18 16.81
C ILE H 56 -23.39 -2.26 16.94
N ASP H 57 -23.79 -3.54 16.97
CA ASP H 57 -22.82 -4.62 17.11
C ASP H 57 -21.90 -4.70 15.91
N LYS H 58 -22.44 -4.55 14.70
CA LYS H 58 -21.61 -4.52 13.51
C LYS H 58 -20.86 -3.20 13.39
N MET H 59 -21.40 -2.12 13.96
CA MET H 59 -20.81 -0.79 13.89
C MET H 59 -19.93 -0.46 15.10
N ASN H 60 -19.30 -1.48 15.71
CA ASN H 60 -18.22 -1.28 16.67
C ASN H 60 -16.87 -1.69 16.07
N THR H 61 -16.73 -1.55 14.74
CA THR H 61 -15.52 -1.93 14.03
C THR H 61 -15.13 -0.88 12.99
N GLN H 62 -15.54 0.37 13.18
CA GLN H 62 -15.18 1.43 12.24
C GLN H 62 -13.67 1.65 12.24
N PHE H 63 -13.21 2.28 11.17
CA PHE H 63 -11.80 2.65 11.02
C PHE H 63 -11.53 3.87 11.89
N GLU H 64 -11.18 3.61 13.16
CA GLU H 64 -10.83 4.71 14.05
C GLU H 64 -9.57 5.41 13.54
N ALA H 65 -9.63 6.74 13.48
CA ALA H 65 -8.56 7.54 12.88
C ALA H 65 -7.52 7.84 13.94
N VAL H 66 -6.54 6.94 14.06
CA VAL H 66 -5.43 7.18 14.96
C VAL H 66 -4.61 8.36 14.43
N GLY H 67 -4.26 9.28 15.33
CA GLY H 67 -3.53 10.46 14.91
C GLY H 67 -2.14 10.11 14.39
N ARG H 68 -1.84 10.56 13.18
CA ARG H 68 -0.51 10.43 12.59
C ARG H 68 -0.11 11.76 11.95
N GLU H 69 1.18 12.03 11.98
CA GLU H 69 1.76 13.25 11.43
C GLU H 69 2.91 12.87 10.51
N PHE H 70 3.22 13.75 9.57
CA PHE H 70 4.32 13.54 8.62
C PHE H 70 5.00 14.87 8.35
N ASN H 71 6.30 14.80 8.03
CA ASN H 71 7.12 16.00 7.90
C ASN H 71 6.90 16.63 6.53
N ASN H 72 7.72 17.63 6.20
CA ASN H 72 7.53 18.39 4.97
C ASN H 72 7.93 17.61 3.72
N LEU H 73 8.93 16.73 3.84
CA LEU H 73 9.45 15.96 2.71
C LEU H 73 8.83 14.56 2.64
N GLU H 74 7.60 14.42 3.13
CA GLU H 74 6.83 13.18 3.01
C GLU H 74 5.40 13.51 2.59
N ARG H 75 5.25 14.42 1.61
CA ARG H 75 3.92 14.79 1.14
C ARG H 75 3.20 13.60 0.53
N ARG H 76 3.94 12.70 -0.13
CA ARG H 76 3.34 11.48 -0.65
C ARG H 76 2.69 10.69 0.47
N ILE H 77 3.38 10.56 1.60
CA ILE H 77 2.89 9.68 2.65
C ILE H 77 1.77 10.36 3.43
N GLU H 78 1.80 11.69 3.59
CA GLU H 78 0.68 12.33 4.28
C GLU H 78 -0.57 12.30 3.41
N ASN H 79 -0.41 12.46 2.09
CA ASN H 79 -1.56 12.29 1.22
C ASN H 79 -2.04 10.85 1.23
N LEU H 80 -1.10 9.90 1.32
CA LEU H 80 -1.49 8.49 1.43
C LEU H 80 -2.32 8.25 2.69
N ASN H 81 -1.84 8.75 3.83
CA ASN H 81 -2.58 8.57 5.08
C ASN H 81 -3.91 9.31 5.05
N LYS H 82 -3.93 10.52 4.51
CA LYS H 82 -5.17 11.30 4.50
C LYS H 82 -6.18 10.70 3.55
N LYS H 83 -5.74 10.21 2.39
CA LYS H 83 -6.65 9.54 1.47
C LYS H 83 -7.12 8.21 2.04
N MET H 84 -6.26 7.50 2.77
CA MET H 84 -6.69 6.28 3.45
C MET H 84 -7.75 6.60 4.49
N GLU H 85 -7.50 7.60 5.34
CA GLU H 85 -8.44 7.96 6.38
C GLU H 85 -9.75 8.48 5.80
N ASP H 86 -9.67 9.33 4.77
CA ASP H 86 -10.88 9.87 4.17
C ASP H 86 -11.63 8.82 3.38
N GLY H 87 -10.92 7.89 2.72
CA GLY H 87 -11.59 6.82 2.02
C GLY H 87 -12.28 5.86 2.96
N PHE H 88 -11.61 5.50 4.07
CA PHE H 88 -12.26 4.67 5.07
C PHE H 88 -13.44 5.41 5.71
N LEU H 89 -13.27 6.70 5.96
CA LEU H 89 -14.36 7.50 6.53
C LEU H 89 -15.53 7.59 5.56
N ASP H 90 -15.26 7.71 4.26
CA ASP H 90 -16.34 7.78 3.28
C ASP H 90 -16.98 6.42 3.06
N VAL H 91 -16.20 5.34 3.11
CA VAL H 91 -16.77 4.00 3.04
C VAL H 91 -17.67 3.75 4.23
N TRP H 92 -17.22 4.11 5.43
CA TRP H 92 -18.06 3.93 6.61
C TRP H 92 -19.22 4.91 6.66
N THR H 93 -19.05 6.11 6.08
CA THR H 93 -20.15 7.05 5.97
C THR H 93 -21.22 6.52 5.02
N TYR H 94 -20.79 5.99 3.87
CA TYR H 94 -21.73 5.36 2.95
C TYR H 94 -22.38 4.15 3.59
N ASN H 95 -21.61 3.35 4.33
CA ASN H 95 -22.18 2.18 4.99
C ASN H 95 -23.22 2.58 6.01
N ALA H 96 -22.91 3.57 6.86
CA ALA H 96 -23.85 3.99 7.90
C ALA H 96 -25.06 4.68 7.29
N GLU H 97 -24.85 5.56 6.32
CA GLU H 97 -25.97 6.24 5.68
C GLU H 97 -26.85 5.25 4.92
N LEU H 98 -26.25 4.33 4.18
CA LEU H 98 -27.03 3.33 3.48
C LEU H 98 -27.71 2.38 4.46
N LEU H 99 -27.11 2.14 5.62
CA LEU H 99 -27.77 1.28 6.60
C LEU H 99 -28.96 1.99 7.23
N VAL H 100 -28.81 3.26 7.62
CA VAL H 100 -29.93 4.01 8.18
C VAL H 100 -30.88 4.55 7.12
N LEU H 101 -30.64 4.24 5.83
CA LEU H 101 -31.63 4.40 4.78
C LEU H 101 -32.34 3.08 4.45
N MET H 102 -31.55 2.03 4.21
CA MET H 102 -32.09 0.70 3.96
C MET H 102 -32.92 0.21 5.13
N GLU H 103 -32.36 0.27 6.34
CA GLU H 103 -33.07 -0.24 7.50
C GLU H 103 -34.24 0.65 7.89
N ASN H 104 -34.18 1.95 7.60
CA ASN H 104 -35.37 2.75 7.80
C ASN H 104 -36.47 2.36 6.83
N GLU H 105 -36.11 2.11 5.56
CA GLU H 105 -37.10 1.63 4.60
C GLU H 105 -37.63 0.26 5.01
N ARG H 106 -36.75 -0.63 5.46
CA ARG H 106 -37.17 -1.95 5.89
C ARG H 106 -37.93 -1.91 7.20
N THR H 107 -37.69 -0.92 8.06
CA THR H 107 -38.43 -0.81 9.31
C THR H 107 -39.83 -0.26 9.07
N LEU H 108 -39.95 0.73 8.18
CA LEU H 108 -41.27 1.16 7.76
C LEU H 108 -42.01 0.03 7.05
N ASP H 109 -41.29 -0.72 6.21
CA ASP H 109 -41.88 -1.86 5.52
C ASP H 109 -42.21 -3.00 6.48
N PHE H 110 -41.44 -3.14 7.57
CA PHE H 110 -41.67 -4.19 8.55
C PHE H 110 -42.85 -3.87 9.44
N HIS H 111 -43.01 -2.59 9.79
CA HIS H 111 -44.21 -2.19 10.50
C HIS H 111 -45.42 -2.28 9.58
N ASP H 112 -45.24 -1.95 8.30
CA ASP H 112 -46.28 -2.21 7.31
C ASP H 112 -46.62 -3.70 7.24
N SER H 113 -45.59 -4.54 7.31
CA SER H 113 -45.80 -5.99 7.31
C SER H 113 -46.54 -6.44 8.56
N ASN H 114 -46.19 -5.88 9.71
CA ASN H 114 -46.88 -6.23 10.94
C ASN H 114 -48.34 -5.79 10.89
N VAL H 115 -48.61 -4.59 10.39
CA VAL H 115 -49.99 -4.12 10.26
C VAL H 115 -50.76 -5.01 9.29
N LYS H 116 -50.14 -5.37 8.16
CA LYS H 116 -50.84 -6.20 7.19
C LYS H 116 -51.01 -7.63 7.69
N ASN H 117 -50.07 -8.14 8.49
CA ASN H 117 -50.23 -9.49 9.04
C ASN H 117 -51.30 -9.50 10.13
N LEU H 118 -51.37 -8.42 10.92
CA LEU H 118 -52.47 -8.28 11.87
C LEU H 118 -53.81 -8.23 11.13
N TYR H 119 -53.85 -7.48 10.04
CA TYR H 119 -55.03 -7.44 9.18
C TYR H 119 -55.33 -8.81 8.59
N ASP H 120 -54.28 -9.55 8.22
CA ASP H 120 -54.47 -10.86 7.60
C ASP H 120 -55.01 -11.88 8.59
N LYS H 121 -54.53 -11.86 9.83
CA LYS H 121 -55.06 -12.79 10.83
C LYS H 121 -56.46 -12.40 11.27
N VAL H 122 -56.78 -11.10 11.31
CA VAL H 122 -58.15 -10.69 11.57
C VAL H 122 -59.04 -10.87 10.34
N ARG H 123 -58.46 -11.14 9.17
CA ARG H 123 -59.22 -11.53 7.98
C ARG H 123 -59.42 -13.03 7.88
N LEU H 124 -58.43 -13.81 8.32
CA LEU H 124 -58.43 -15.26 8.17
C LEU H 124 -59.05 -15.98 9.36
N GLN H 125 -59.10 -15.35 10.53
CA GLN H 125 -59.80 -15.94 11.66
C GLN H 125 -61.31 -15.82 11.48
N LEU H 126 -61.76 -14.70 10.92
CA LEU H 126 -63.18 -14.41 10.75
C LEU H 126 -63.76 -15.00 9.46
N ARG H 127 -63.03 -14.90 8.35
CA ARG H 127 -63.42 -15.46 7.04
C ARG H 127 -64.75 -14.81 6.66
N ASP H 128 -65.81 -15.57 6.34
CA ASP H 128 -67.07 -14.98 5.90
C ASP H 128 -67.88 -14.37 7.03
N ASN H 129 -67.56 -14.69 8.29
CA ASN H 129 -68.29 -14.14 9.42
C ASN H 129 -68.15 -12.62 9.54
N ALA H 130 -67.12 -12.03 8.95
CA ALA H 130 -66.91 -10.59 8.93
C ALA H 130 -67.26 -10.00 7.58
N LYS H 131 -67.32 -8.67 7.55
CA LYS H 131 -67.51 -7.88 6.34
C LYS H 131 -66.31 -6.94 6.28
N GLU H 132 -65.44 -7.15 5.30
CA GLU H 132 -64.17 -6.45 5.24
C GLU H 132 -64.37 -5.11 4.54
N LEU H 133 -64.15 -4.02 5.28
CA LEU H 133 -64.26 -2.68 4.74
C LEU H 133 -62.90 -2.20 4.24
N GLY H 134 -62.94 -1.14 3.43
CA GLY H 134 -61.74 -0.62 2.80
C GLY H 134 -60.90 0.32 3.63
N ASN H 135 -61.30 0.61 4.88
CA ASN H 135 -60.55 1.49 5.78
C ASN H 135 -59.98 0.72 6.97
N GLY H 136 -59.60 -0.53 6.76
CA GLY H 136 -58.96 -1.31 7.81
C GLY H 136 -59.85 -1.69 8.97
N CYS H 137 -61.09 -2.08 8.71
CA CYS H 137 -62.01 -2.51 9.75
C CYS H 137 -62.90 -3.63 9.24
N PHE H 138 -63.39 -4.43 10.20
CA PHE H 138 -64.17 -5.64 9.93
C PHE H 138 -65.49 -5.53 10.67
N GLU H 139 -66.58 -5.39 9.93
CA GLU H 139 -67.93 -5.30 10.49
C GLU H 139 -68.48 -6.71 10.64
N PHE H 140 -68.37 -7.26 11.84
CA PHE H 140 -68.79 -8.64 12.10
C PHE H 140 -70.26 -8.82 11.72
N TYR H 141 -70.55 -9.83 10.89
CA TYR H 141 -71.95 -10.13 10.61
C TYR H 141 -72.65 -10.61 11.88
N HIS H 142 -71.95 -11.40 12.68
CA HIS H 142 -72.41 -11.87 13.98
C HIS H 142 -72.09 -10.83 15.05
N LYS H 143 -73.07 -10.49 15.87
CA LYS H 143 -72.79 -9.58 16.98
C LYS H 143 -71.75 -10.22 17.89
N CYS H 144 -70.84 -9.39 18.41
CA CYS H 144 -69.69 -9.86 19.18
C CYS H 144 -69.63 -9.02 20.46
N ASP H 145 -69.03 -9.60 21.50
CA ASP H 145 -68.88 -9.00 22.83
C ASP H 145 -67.42 -8.72 23.17
N ASN H 146 -67.22 -8.06 24.32
CA ASN H 146 -65.88 -7.70 24.74
C ASN H 146 -64.99 -8.94 24.87
N GLU H 147 -65.55 -10.06 25.34
CA GLU H 147 -64.76 -11.29 25.42
C GLU H 147 -64.38 -11.78 24.03
N CYS H 148 -65.30 -11.63 23.08
CA CYS H 148 -65.02 -11.94 21.67
C CYS H 148 -63.97 -11.00 21.09
N MET H 149 -64.06 -9.71 21.39
CA MET H 149 -63.07 -8.76 20.90
C MET H 149 -61.73 -8.88 21.62
N GLU H 150 -61.68 -9.61 22.74
CA GLU H 150 -60.45 -9.88 23.45
C GLU H 150 -59.82 -11.15 22.86
N SER H 151 -60.64 -12.18 22.66
CA SER H 151 -60.20 -13.40 21.98
C SER H 151 -59.54 -13.07 20.65
N VAL H 152 -60.17 -12.20 19.86
CA VAL H 152 -59.62 -11.85 18.54
C VAL H 152 -58.19 -11.29 18.66
N ARG H 153 -57.96 -10.35 19.59
CA ARG H 153 -56.60 -9.89 19.83
C ARG H 153 -55.72 -10.93 20.53
N ASN H 154 -56.30 -12.01 21.05
CA ASN H 154 -55.58 -13.05 21.76
C ASN H 154 -55.21 -14.22 20.85
N GLY H 155 -55.77 -14.28 19.64
CA GLY H 155 -55.36 -15.27 18.66
C GLY H 155 -56.01 -16.63 18.81
N THR H 156 -56.99 -16.77 19.71
CA THR H 156 -57.65 -18.04 19.97
C THR H 156 -59.03 -18.16 19.32
N TYR H 157 -59.48 -17.12 18.60
CA TYR H 157 -60.81 -17.11 18.00
C TYR H 157 -60.98 -18.34 17.09
N TYR H 158 -62.12 -19.00 17.23
CA TYR H 158 -62.39 -20.29 16.59
C TYR H 158 -63.68 -20.20 15.79
N TYR H 159 -63.57 -20.47 14.48
CA TYR H 159 -64.70 -20.30 13.58
C TYR H 159 -65.94 -21.13 13.91
N PRO H 160 -65.85 -22.45 14.37
CA PRO H 160 -67.08 -23.25 14.62
C PRO H 160 -68.23 -22.54 15.31
N GLN H 161 -68.05 -22.05 16.53
CA GLN H 161 -69.06 -21.20 17.12
C GLN H 161 -68.93 -19.82 16.46
N TYR H 162 -70.03 -19.06 16.48
CA TYR H 162 -70.18 -17.73 15.88
C TYR H 162 -70.35 -17.85 14.36
N SER H 163 -70.48 -19.06 13.82
CA SER H 163 -70.49 -19.26 12.37
C SER H 163 -71.67 -18.55 11.71
N GLU H 164 -72.83 -18.50 12.39
CA GLU H 164 -74.06 -17.96 11.80
C GLU H 164 -73.84 -16.52 11.30
N GLU H 165 -74.09 -16.31 10.01
CA GLU H 165 -74.08 -14.99 9.39
C GLU H 165 -75.46 -14.36 9.29
N ALA H 166 -76.54 -15.13 9.48
CA ALA H 166 -77.95 -14.72 9.43
C ALA H 166 -78.31 -13.53 8.52
C1 NAG I . 14.96 39.04 2.72
C2 NAG I . 15.90 39.09 3.94
C3 NAG I . 15.12 39.56 5.16
C4 NAG I . 14.48 40.91 4.87
C5 NAG I . 13.60 40.78 3.63
C6 NAG I . 12.96 42.08 3.20
C7 NAG I . 17.82 37.51 4.02
C8 NAG I . 18.22 36.11 4.37
N2 NAG I . 16.51 37.81 4.20
O3 NAG I . 16.01 39.60 6.25
O4 NAG I . 13.72 41.27 6.00
O5 NAG I . 14.38 40.31 2.54
O6 NAG I . 13.94 43.04 2.90
O7 NAG I . 18.65 38.32 3.62
C1 NAG J . -26.51 -12.22 -20.33
C2 NAG J . -25.54 -13.40 -20.18
C3 NAG J . -24.16 -12.94 -20.62
C4 NAG J . -24.29 -12.49 -22.08
C5 NAG J . -25.29 -11.34 -22.14
C6 NAG J . -25.44 -10.80 -23.54
C7 NAG J . -26.36 -14.85 -18.36
C8 NAG J . -26.11 -15.26 -16.93
N2 NAG J . -25.50 -13.93 -18.84
O3 NAG J . -23.24 -13.99 -20.49
O4 NAG J . -23.01 -12.10 -22.54
O5 NAG J . -26.54 -11.81 -21.68
O6 NAG J . -26.20 -9.62 -23.50
O7 NAG J . -27.29 -15.31 -19.00
C1 NAG K . -43.22 -4.09 -30.95
C2 NAG K . -44.13 -2.92 -31.34
C3 NAG K . -45.41 -3.43 -32.00
C4 NAG K . -45.11 -4.40 -33.12
C5 NAG K . -44.17 -5.52 -32.64
C6 NAG K . -43.72 -6.41 -33.77
C7 NAG K . -43.73 -1.23 -29.58
C8 NAG K . -44.37 -0.52 -28.42
N2 NAG K . -44.51 -2.14 -30.20
O3 NAG K . -46.10 -2.32 -32.50
O4 NAG K . -46.33 -4.93 -33.59
O5 NAG K . -43.02 -4.98 -32.02
O6 NAG K . -42.94 -5.65 -34.67
O7 NAG K . -42.58 -0.99 -29.93
C1 NAG L . -18.61 13.36 -26.43
C2 NAG L . -19.46 14.30 -27.30
C3 NAG L . -19.95 13.61 -28.56
C4 NAG L . -18.79 12.95 -29.30
C5 NAG L . -17.97 12.06 -28.36
C6 NAG L . -16.71 11.56 -29.02
C7 NAG L . -20.64 15.92 -25.87
C8 NAG L . -21.92 16.18 -25.11
N2 NAG L . -20.59 14.74 -26.51
O3 NAG L . -20.49 14.62 -29.37
O4 NAG L . -19.33 12.21 -30.37
O5 NAG L . -17.58 12.75 -27.18
O6 NAG L . -17.04 10.63 -30.03
O7 NAG L . -19.72 16.73 -25.88
C1 NAG M . -61.26 13.43 -8.47
C2 NAG M . -62.62 14.13 -8.64
C3 NAG M . -62.58 15.50 -7.99
C4 NAG M . -62.11 15.40 -6.55
C5 NAG M . -60.77 14.66 -6.52
C6 NAG M . -60.18 14.50 -5.14
C7 NAG M . -62.26 14.79 -11.00
C8 NAG M . -62.88 14.77 -12.37
N2 NAG M . -62.99 14.23 -10.03
O3 NAG M . -63.87 16.06 -8.08
O4 NAG M . -62.00 16.70 -6.03
O5 NAG M . -60.92 13.39 -7.11
O6 NAG M . -59.91 15.77 -4.59
O7 NAG M . -61.17 15.31 -10.81
C1 NAG N . 28.05 -6.48 -20.21
C2 NAG N . 28.52 -5.08 -20.61
C3 NAG N . 27.94 -4.69 -21.98
C4 NAG N . 28.31 -5.77 -23.00
C5 NAG N . 27.75 -7.10 -22.51
C6 NAG N . 28.07 -8.26 -23.43
C7 NAG N . 27.22 -3.25 -19.39
C8 NAG N . 27.29 -2.40 -18.14
N2 NAG N . 28.26 -4.11 -19.55
O3 NAG N . 28.44 -3.43 -22.33
O4 NAG N . 27.77 -5.38 -24.23
O5 NAG N . 28.30 -7.40 -21.24
O6 NAG N . 29.46 -8.39 -23.57
O7 NAG N . 26.28 -3.12 -20.15
C1 NAG O . -27.52 -18.43 20.27
C2 NAG O . -27.64 -17.92 21.71
C3 NAG O . -26.24 -17.82 22.32
C4 NAG O . -25.52 -19.15 22.19
C5 NAG O . -25.54 -19.60 20.72
C6 NAG O . -24.87 -20.94 20.50
C7 NAG O . -27.99 -15.55 21.07
C8 NAG O . -28.89 -14.35 21.30
N2 NAG O . -28.34 -16.66 21.77
O3 NAG O . -26.38 -17.43 23.66
O4 NAG O . -24.21 -18.96 22.67
O5 NAG O . -26.87 -19.67 20.28
O6 NAG O . -23.51 -20.86 20.84
O7 NAG O . -27.04 -15.49 20.32
C1 NAG P . -8.43 -32.18 -0.55
C2 NAG P . -8.65 -33.62 -0.05
C3 NAG P . -8.88 -34.56 -1.23
C4 NAG P . -9.98 -34.02 -2.14
C5 NAG P . -9.66 -32.57 -2.51
C6 NAG P . -10.68 -31.93 -3.42
C7 NAG P . -7.54 -34.24 2.08
C8 NAG P . -6.25 -34.73 2.68
N2 NAG P . -7.53 -34.07 0.74
O3 NAG P . -9.19 -35.83 -0.73
O4 NAG P . -10.04 -34.86 -3.27
O5 NAG P . -9.54 -31.82 -1.33
O6 NAG P . -11.97 -32.03 -2.83
O7 NAG P . -8.51 -34.02 2.79
C1 NAG Q . -37.32 -36.68 13.50
C2 NAG Q . -37.28 -37.72 12.37
C3 NAG Q . -38.48 -38.66 12.47
C4 NAG Q . -38.61 -39.22 13.88
C5 NAG Q . -38.68 -38.05 14.87
C6 NAG Q . -38.84 -38.46 16.31
C7 NAG Q . -36.22 -36.97 10.27
C8 NAG Q . -36.48 -36.25 8.96
N2 NAG Q . -37.28 -37.09 11.08
O3 NAG Q . -38.31 -39.68 11.52
O4 NAG Q . -39.79 -39.99 13.93
O5 NAG Q . -37.48 -37.31 14.74
O6 NAG Q . -37.81 -39.33 16.69
O7 NAG Q . -35.10 -37.38 10.54
C1 NAG R . -48.86 -29.42 -17.84
C2 NAG R . -49.93 -29.92 -18.82
C3 NAG R . -49.41 -29.88 -20.25
C4 NAG R . -48.83 -28.51 -20.57
C5 NAG R . -47.79 -28.14 -19.52
C6 NAG R . -47.13 -26.80 -19.74
C7 NAG R . -51.51 -31.57 -17.85
C8 NAG R . -51.74 -33.05 -17.60
N2 NAG R . -50.36 -31.26 -18.48
O3 NAG R . -50.47 -30.22 -21.11
O4 NAG R . -48.26 -28.58 -21.86
O5 NAG R . -48.42 -28.14 -18.25
O6 NAG R . -46.47 -26.80 -20.98
O7 NAG R . -52.33 -30.74 -17.49
C1 NAG S . 23.93 -3.70 32.07
C2 NAG S . 25.12 -4.48 31.52
C3 NAG S . 24.66 -5.91 31.29
C4 NAG S . 24.28 -6.50 32.65
C5 NAG S . 23.17 -5.67 33.28
C6 NAG S . 23.05 -6.04 34.75
C7 NAG S . 25.18 -3.96 29.05
C8 NAG S . 26.00 -3.22 28.03
N2 NAG S . 25.67 -3.88 30.31
O3 NAG S . 25.69 -6.66 30.70
O4 NAG S . 23.85 -7.83 32.47
O5 NAG S . 23.43 -4.29 33.26
O6 NAG S . 24.14 -5.47 35.43
O7 NAG S . 24.17 -4.55 28.70
C1 NAG T . -36.05 18.53 5.25
C2 NAG T . -35.91 19.55 4.10
C3 NAG T . -34.77 20.52 4.42
C4 NAG T . -34.97 21.14 5.79
C5 NAG T . -35.15 20.03 6.84
C6 NAG T . -35.38 20.54 8.24
C7 NAG T . -36.60 18.69 1.89
C8 NAG T . -36.12 17.98 0.65
N2 NAG T . -35.68 18.91 2.85
O3 NAG T . -34.72 21.48 3.41
O4 NAG T . -33.85 21.95 6.07
O5 NAG T . -36.24 19.22 6.46
O6 NAG T . -36.48 21.41 8.26
O7 NAG T . -37.77 19.02 2.00
C1 NAG U . -51.93 16.38 19.85
C2 NAG U . -52.37 16.20 21.31
C3 NAG U . -53.89 16.19 21.39
C4 NAG U . -54.43 17.44 20.72
C5 NAG U . -53.90 17.55 19.29
C6 NAG U . -54.38 18.81 18.59
C7 NAG U . -51.91 13.76 21.25
C8 NAG U . -51.24 12.65 22.03
N2 NAG U . -51.83 14.97 21.82
O3 NAG U . -54.26 16.14 22.74
O4 NAG U . -55.84 17.36 20.75
O5 NAG U . -52.48 17.54 19.28
O6 NAG U . -55.78 18.76 18.48
O7 NAG U . -52.51 13.51 20.21
C1 NAG V . -20.85 15.00 30.54
C2 NAG V . -19.97 15.27 31.78
C3 NAG V . -20.42 16.56 32.46
C4 NAG V . -20.42 17.69 31.44
C5 NAG V . -21.29 17.31 30.23
C6 NAG V . -21.28 18.39 29.17
C7 NAG V . -21.09 13.58 33.37
C8 NAG V . -22.48 14.10 33.16
N2 NAG V . -20.05 14.19 32.73
O3 NAG V . -19.51 16.85 33.49
O4 NAG V . -20.94 18.83 32.08
O5 NAG V . -20.84 16.10 29.65
O6 NAG V . -21.82 19.57 29.70
O7 NAG V . -20.90 12.66 34.14
C1 NAG W . -55.84 -15.94 25.85
C2 NAG W . -56.93 -16.86 26.42
C3 NAG W . -56.31 -17.74 27.51
C4 NAG W . -55.16 -18.50 26.89
C5 NAG W . -54.14 -17.52 26.29
C6 NAG W . -52.97 -18.23 25.66
C7 NAG W . -59.21 -15.89 26.43
C8 NAG W . -60.18 -15.07 27.25
N2 NAG W . -58.02 -16.11 27.00
O3 NAG W . -57.31 -18.61 27.98
O4 NAG W . -54.55 -19.28 27.89
O5 NAG W . -54.78 -16.71 25.33
O6 NAG W . -53.45 -19.18 24.73
O7 NAG W . -59.53 -16.34 25.33
#